data_4KDO
#
_entry.id   4KDO
#
_cell.length_a   67.257
_cell.length_b   245.913
_cell.length_c   69.569
_cell.angle_alpha   90.00
_cell.angle_beta   112.96
_cell.angle_gamma   90.00
#
_symmetry.space_group_name_H-M   'P 1 21 1'
#
loop_
_entity.id
_entity.type
_entity.pdbx_description
1 polymer Hemagglutinin
2 polymer Hemagglutinin
3 branched 2-acetamido-2-deoxy-beta-D-glucopyranose-(1-4)-2-acetamido-2-deoxy-beta-D-glucopyranose
4 branched 'N-acetyl-alpha-neuraminic acid-(2-6)-beta-D-galactopyranose-(1-4)-2-acetamido-2-deoxy-beta-D-glucopyranose'
5 non-polymer 'N-acetyl-alpha-neuraminic acid'
6 non-polymer 2-acetamido-2-deoxy-beta-D-glucopyranose
7 water water
#
loop_
_entity_poly.entity_id
_entity_poly.type
_entity_poly.pdbx_seq_one_letter_code
_entity_poly.pdbx_strand_id
1 'polypeptide(L)'
;QDQICIGYHANNSTEQVDTIMEKNVTVTHAQDILEKKHNGKLCDLDGVKPLILRDCSVAGWLLGNPMCDEFINVPEWSYI
VEKANPVNDLCYPGDFNDYEELKHLLSRINHFEKIQIIPKSSWSSHEASLGVSSACPYQGKSSFFRNVVWLIKKDSTYPT
IKRSYNNTNQEDLLVLWGIHHPNDAAEQTKLYQNPTTYISVGTSTLNQRLVPRIATRSKVKGLSGRMEFFWTILKPNDAI
NFESNGNFIAPEYAYKIVKKGDSTIMKSELEYGNCNTKCQTPMGAINSSMPFHNIHPLTIGECPKYVKSNRLVLAIGLRN
SP
;
A,C,E
2 'polypeptide(L)'
;GLFGAIAGFIEGGWQGMVDGWYGYHHSNEQGSGYAADKESTQKAIDGVTNKVNSIIDKMNTQFEAVGREFNNLERRIENL
NKKMEDGFLDVWTYNAELLVLMENERTLDFHDSNVKNLYDKVRLQLRDNAKELGNGCFEFYHKCDNECMESVRNGTYDYP
QYSEEARLKREEISG
;
B,D,F
#
loop_
_chem_comp.id
_chem_comp.type
_chem_comp.name
_chem_comp.formula
GAL D-saccharide, beta linking beta-D-galactopyranose 'C6 H12 O6'
NAG D-saccharide, beta linking 2-acetamido-2-deoxy-beta-D-glucopyranose 'C8 H15 N O6'
SIA D-saccharide, alpha linking 'N-acetyl-alpha-neuraminic acid' 'C11 H19 N O9'
#
# COMPACT_ATOMS: atom_id res chain seq x y z
N GLN A 1 55.38 35.46 10.41
CA GLN A 1 54.17 35.41 11.21
C GLN A 1 52.88 35.69 10.43
N ASP A 2 52.98 36.21 9.20
CA ASP A 2 51.82 36.26 8.29
C ASP A 2 50.95 34.98 8.35
N GLN A 3 49.65 35.08 8.06
CA GLN A 3 48.76 33.91 8.19
C GLN A 3 47.92 33.64 6.96
N ILE A 4 47.58 32.37 6.74
CA ILE A 4 46.56 31.94 5.78
C ILE A 4 45.63 30.98 6.56
N CYS A 5 44.32 31.26 6.55
CA CYS A 5 43.35 30.46 7.30
C CYS A 5 42.29 29.86 6.39
N ILE A 6 41.79 28.66 6.72
CA ILE A 6 40.66 28.06 6.01
C ILE A 6 39.38 28.03 6.85
N GLY A 7 38.24 28.39 6.26
CA GLY A 7 36.97 28.47 6.98
C GLY A 7 35.77 28.41 6.06
N TYR A 8 34.58 28.69 6.62
CA TYR A 8 33.35 28.51 5.87
C TYR A 8 32.31 29.58 6.18
N HIS A 9 31.32 29.66 5.30
CA HIS A 9 30.26 30.67 5.35
C HIS A 9 29.42 30.62 6.62
N ALA A 10 28.98 31.80 7.05
CA ALA A 10 28.07 31.93 8.17
C ALA A 10 27.15 33.13 7.97
N ASN A 11 25.99 33.08 8.62
CA ASN A 11 25.08 34.21 8.63
C ASN A 11 24.20 34.23 9.88
N ASN A 12 23.18 35.09 9.85
CA ASN A 12 22.32 35.35 11.00
C ASN A 12 21.00 34.56 10.92
N SER A 13 20.94 33.68 9.93
CA SER A 13 19.76 32.85 9.69
C SER A 13 19.46 31.91 10.86
N THR A 14 18.17 31.63 11.07
CA THR A 14 17.76 30.77 12.18
C THR A 14 17.07 29.51 11.68
N GLU A 15 17.10 29.31 10.36
CA GLU A 15 16.58 28.09 9.75
C GLU A 15 17.18 26.83 10.40
N GLN A 16 16.31 25.98 10.93
CA GLN A 16 16.75 24.77 11.60
C GLN A 16 16.41 23.50 10.82
N VAL A 17 17.15 22.44 11.14
CA VAL A 17 17.10 21.21 10.37
C VAL A 17 17.30 20.09 11.36
N ASP A 18 16.67 18.95 11.13
CA ASP A 18 16.92 17.81 11.97
C ASP A 18 17.76 16.83 11.16
N THR A 19 18.38 15.91 11.90
CA THR A 19 19.39 15.02 11.37
C THR A 19 19.15 13.69 12.08
N ILE A 20 19.59 12.60 11.45
CA ILE A 20 19.47 11.28 12.06
C ILE A 20 20.07 11.23 13.48
N MET A 21 21.16 11.95 13.69
CA MET A 21 21.90 11.90 14.96
C MET A 21 21.76 13.14 15.82
N GLU A 22 21.13 14.19 15.30
CA GLU A 22 21.10 15.46 16.01
C GLU A 22 19.84 16.26 15.70
N LYS A 23 19.29 16.92 16.70
CA LYS A 23 18.13 17.76 16.48
C LYS A 23 18.43 19.25 16.55
N ASN A 24 17.61 20.02 15.83
CA ASN A 24 17.59 21.47 15.92
C ASN A 24 18.97 22.09 15.65
N VAL A 25 19.54 21.69 14.52
CA VAL A 25 20.83 22.18 14.05
C VAL A 25 20.62 23.42 13.20
N THR A 26 20.99 24.59 13.74
CA THR A 26 20.87 25.83 12.99
C THR A 26 21.73 25.74 11.75
N VAL A 27 21.29 26.31 10.65
CA VAL A 27 21.92 26.05 9.36
C VAL A 27 21.81 27.28 8.45
N THR A 28 22.66 27.34 7.42
CA THR A 28 22.86 28.56 6.64
C THR A 28 21.71 28.83 5.69
N HIS A 29 21.25 27.78 5.03
CA HIS A 29 20.08 27.84 4.16
C HIS A 29 19.36 26.48 4.15
N ALA A 30 18.03 26.51 4.01
CA ALA A 30 17.26 25.26 4.04
C ALA A 30 16.11 25.35 3.04
N GLN A 31 15.60 24.20 2.61
CA GLN A 31 14.43 24.17 1.74
C GLN A 31 13.37 23.17 2.23
N ASP A 32 12.14 23.64 2.47
CA ASP A 32 11.05 22.74 2.83
C ASP A 32 10.56 21.96 1.61
N ILE A 33 10.35 20.67 1.80
CA ILE A 33 9.92 19.78 0.72
C ILE A 33 8.41 19.48 0.83
N LEU A 34 7.77 20.02 1.87
CA LEU A 34 6.38 19.73 2.21
C LEU A 34 5.46 20.90 1.89
N GLU A 35 4.46 20.68 1.03
CA GLU A 35 3.47 21.72 0.71
C GLU A 35 2.40 21.87 1.80
N LYS A 36 2.19 23.11 2.28
CA LYS A 36 1.21 23.34 3.35
C LYS A 36 0.16 24.35 2.96
N LYS A 37 0.30 24.94 1.79
CA LYS A 37 -0.58 26.05 1.40
C LYS A 37 -1.60 25.69 0.31
N HIS A 38 -2.83 26.20 0.48
CA HIS A 38 -3.88 26.05 -0.52
C HIS A 38 -4.63 27.38 -0.66
N ASN A 39 -5.31 27.56 -1.80
CA ASN A 39 -5.94 28.85 -2.12
C ASN A 39 -7.37 29.03 -1.61
N GLY A 40 -7.90 28.05 -0.88
CA GLY A 40 -9.23 28.17 -0.31
C GLY A 40 -10.36 28.26 -1.33
N LYS A 41 -10.10 27.88 -2.57
CA LYS A 41 -11.10 27.95 -3.64
C LYS A 41 -11.32 26.67 -4.46
N LEU A 42 -12.49 26.57 -5.08
CA LEU A 42 -12.76 25.48 -6.02
C LEU A 42 -12.40 25.92 -7.42
N CYS A 43 -11.55 25.14 -8.07
CA CYS A 43 -11.04 25.53 -9.37
C CYS A 43 -11.30 24.49 -10.44
N ASP A 44 -11.09 24.91 -11.69
CA ASP A 44 -10.99 23.99 -12.81
C ASP A 44 -9.90 22.97 -12.52
N LEU A 45 -9.98 21.83 -13.17
CA LEU A 45 -8.96 20.82 -12.98
C LEU A 45 -8.44 20.54 -14.38
N ASP A 46 -7.18 20.91 -14.60
CA ASP A 46 -6.54 20.79 -15.91
C ASP A 46 -7.39 21.41 -17.03
N GLY A 47 -7.92 22.60 -16.75
CA GLY A 47 -8.62 23.37 -17.77
C GLY A 47 -10.12 23.13 -17.79
N VAL A 48 -10.60 22.11 -17.10
CA VAL A 48 -12.03 21.79 -17.12
C VAL A 48 -12.70 22.14 -15.78
N LYS A 49 -13.74 22.96 -15.84
CA LYS A 49 -14.46 23.34 -14.63
C LYS A 49 -15.32 22.20 -14.08
N PRO A 50 -15.49 22.18 -12.75
CA PRO A 50 -16.30 21.16 -12.10
C PRO A 50 -17.78 21.45 -12.22
N LEU A 51 -18.59 20.39 -12.18
CA LEU A 51 -20.03 20.55 -12.05
C LEU A 51 -20.26 20.82 -10.57
N ILE A 52 -20.64 22.06 -10.25
CA ILE A 52 -20.93 22.43 -8.88
C ILE A 52 -22.43 22.40 -8.64
N LEU A 53 -22.89 21.38 -7.92
CA LEU A 53 -24.28 21.28 -7.54
C LEU A 53 -24.36 22.04 -6.24
N ARG A 54 -25.34 22.91 -6.11
CA ARG A 54 -25.34 23.79 -4.97
C ARG A 54 -26.01 23.13 -3.79
N ASP A 55 -27.31 23.30 -3.67
CA ASP A 55 -27.99 22.55 -2.64
C ASP A 55 -28.80 21.41 -3.24
N CYS A 56 -28.26 20.91 -4.35
CA CYS A 56 -28.84 19.84 -5.09
C CYS A 56 -27.97 18.62 -5.00
N SER A 57 -28.58 17.45 -4.89
CA SER A 57 -27.85 16.19 -5.01
C SER A 57 -27.78 15.83 -6.50
N VAL A 58 -26.97 14.84 -6.83
CA VAL A 58 -26.93 14.34 -8.18
C VAL A 58 -28.32 13.84 -8.63
N ALA A 59 -29.03 13.15 -7.73
CA ALA A 59 -30.30 12.53 -8.11
C ALA A 59 -31.29 13.66 -8.37
N GLY A 60 -31.30 14.63 -7.46
CA GLY A 60 -32.14 15.81 -7.56
C GLY A 60 -31.91 16.60 -8.81
N TRP A 61 -30.66 16.72 -9.20
CA TRP A 61 -30.29 17.43 -10.42
C TRP A 61 -30.67 16.65 -11.69
N LEU A 62 -30.42 15.34 -11.72
CA LEU A 62 -30.74 14.50 -12.89
C LEU A 62 -32.25 14.36 -13.18
N LEU A 63 -33.00 13.95 -12.15
CA LEU A 63 -34.45 13.99 -12.26
C LEU A 63 -34.49 15.48 -12.07
N GLY A 64 -35.45 16.22 -12.56
CA GLY A 64 -35.24 17.64 -12.30
C GLY A 64 -36.13 18.03 -11.12
N ASN A 65 -35.66 17.77 -9.90
CA ASN A 65 -36.28 18.28 -8.68
C ASN A 65 -36.58 19.79 -8.89
N PRO A 66 -37.86 20.18 -8.83
CA PRO A 66 -38.35 21.53 -9.12
C PRO A 66 -37.64 22.60 -8.31
N MET A 67 -37.22 22.29 -7.08
CA MET A 67 -36.56 23.25 -6.22
C MET A 67 -35.08 23.43 -6.51
N CYS A 68 -34.54 22.63 -7.43
CA CYS A 68 -33.15 22.78 -7.81
C CYS A 68 -33.10 23.84 -8.87
N ASP A 69 -32.06 24.66 -8.82
CA ASP A 69 -31.86 25.71 -9.82
C ASP A 69 -31.95 25.13 -11.21
N GLU A 70 -32.57 25.87 -12.11
CA GLU A 70 -32.68 25.41 -13.48
C GLU A 70 -31.45 25.78 -14.28
N PHE A 71 -30.25 25.24 -14.32
CA PHE A 71 -29.45 26.25 -15.08
C PHE A 71 -29.14 26.07 -16.59
N ILE A 72 -28.42 26.98 -17.22
CA ILE A 72 -27.87 26.65 -18.55
C ILE A 72 -26.92 25.45 -18.38
N ASN A 73 -27.35 24.31 -18.90
CA ASN A 73 -26.49 23.26 -19.49
C ASN A 73 -24.97 23.40 -19.43
N VAL A 74 -24.36 22.65 -18.52
CA VAL A 74 -22.92 22.43 -18.51
C VAL A 74 -22.65 21.20 -19.36
N PRO A 75 -21.96 21.37 -20.48
CA PRO A 75 -21.78 20.28 -21.44
C PRO A 75 -20.59 19.36 -21.10
N GLU A 76 -19.78 19.73 -20.11
CA GLU A 76 -18.55 19.02 -19.82
C GLU A 76 -18.08 19.35 -18.42
N TRP A 77 -17.50 18.39 -17.70
CA TRP A 77 -16.91 18.70 -16.38
C TRP A 77 -15.85 17.68 -15.96
N SER A 78 -15.07 18.03 -14.95
CA SER A 78 -13.95 17.16 -14.60
C SER A 78 -14.20 16.46 -13.29
N TYR A 79 -15.02 17.08 -12.45
CA TYR A 79 -15.43 16.43 -11.22
C TYR A 79 -16.71 17.06 -10.72
N ILE A 80 -17.37 16.45 -9.74
CA ILE A 80 -18.63 16.95 -9.26
C ILE A 80 -18.48 17.38 -7.81
N VAL A 81 -18.97 18.57 -7.50
CA VAL A 81 -19.00 19.02 -6.13
C VAL A 81 -20.41 19.03 -5.54
N GLU A 82 -20.58 18.32 -4.45
CA GLU A 82 -21.83 18.27 -3.74
C GLU A 82 -21.52 18.81 -2.35
N LYS A 83 -22.52 19.39 -1.69
CA LYS A 83 -22.42 19.71 -0.27
C LYS A 83 -22.63 18.46 0.55
N ALA A 84 -22.10 18.45 1.77
CA ALA A 84 -22.12 17.29 2.65
C ALA A 84 -23.53 16.69 2.73
N ASN A 85 -24.50 17.54 3.03
CA ASN A 85 -25.90 17.11 3.14
C ASN A 85 -26.84 18.03 2.36
N PRO A 86 -26.97 17.79 1.03
CA PRO A 86 -27.69 18.69 0.13
C PRO A 86 -29.20 18.68 0.45
N VAL A 87 -29.80 19.86 0.44
CA VAL A 87 -31.19 20.04 0.88
C VAL A 87 -32.21 19.52 -0.14
N ASN A 88 -31.89 19.66 -1.41
CA ASN A 88 -32.77 19.18 -2.47
C ASN A 88 -32.26 17.91 -3.13
N ASP A 89 -32.77 16.78 -2.67
CA ASP A 89 -32.44 15.46 -3.18
C ASP A 89 -33.70 14.90 -3.91
N LEU A 90 -34.30 13.83 -3.38
CA LEU A 90 -35.56 13.36 -3.92
C LEU A 90 -36.72 14.04 -3.20
N CYS A 91 -37.40 14.96 -3.88
CA CYS A 91 -38.52 15.67 -3.24
C CYS A 91 -39.63 14.70 -2.84
N TYR A 92 -39.96 13.76 -3.69
CA TYR A 92 -40.87 12.69 -3.29
C TYR A 92 -39.96 11.63 -2.68
N PRO A 93 -40.28 11.16 -1.48
CA PRO A 93 -39.37 10.22 -0.83
C PRO A 93 -39.26 8.89 -1.56
N GLY A 94 -38.08 8.29 -1.45
CA GLY A 94 -37.80 7.02 -2.06
C GLY A 94 -36.34 6.79 -2.28
N ASP A 95 -36.01 6.10 -3.37
CA ASP A 95 -34.65 5.55 -3.57
C ASP A 95 -34.25 5.65 -5.03
N PHE A 96 -32.95 5.64 -5.23
CA PHE A 96 -32.33 5.54 -6.54
C PHE A 96 -31.59 4.22 -6.54
N ASN A 97 -31.98 3.31 -7.42
CA ASN A 97 -31.26 2.05 -7.61
C ASN A 97 -29.83 2.27 -8.17
N ASP A 98 -28.83 1.53 -7.64
CA ASP A 98 -27.43 1.65 -8.08
C ASP A 98 -26.95 3.10 -8.11
N TYR A 99 -27.31 3.85 -7.09
CA TYR A 99 -27.09 5.29 -7.10
C TYR A 99 -25.61 5.68 -7.14
N GLU A 100 -24.81 5.05 -6.29
CA GLU A 100 -23.40 5.38 -6.19
C GLU A 100 -22.64 5.04 -7.45
N GLU A 101 -22.95 3.91 -8.08
CA GLU A 101 -22.34 3.61 -9.37
C GLU A 101 -22.74 4.69 -10.41
N LEU A 102 -23.94 5.27 -10.29
CA LEU A 102 -24.38 6.28 -11.27
C LEU A 102 -23.59 7.54 -11.02
N LYS A 103 -23.42 7.91 -9.76
CA LYS A 103 -22.67 9.09 -9.41
C LYS A 103 -21.22 8.96 -9.86
N HIS A 104 -20.66 7.77 -9.68
CA HIS A 104 -19.29 7.53 -10.09
C HIS A 104 -19.18 7.67 -11.60
N LEU A 105 -20.14 7.10 -12.31
CA LEU A 105 -20.16 7.19 -13.77
C LEU A 105 -20.21 8.65 -14.20
N LEU A 106 -21.03 9.45 -13.52
CA LEU A 106 -21.21 10.85 -13.87
C LEU A 106 -20.13 11.78 -13.40
N SER A 107 -19.20 11.27 -12.62
CA SER A 107 -18.25 12.14 -11.92
C SER A 107 -17.38 12.97 -12.87
N ARG A 108 -17.00 12.38 -13.99
CA ARG A 108 -16.30 13.11 -15.04
C ARG A 108 -16.91 12.80 -16.38
N ILE A 109 -17.35 13.83 -17.07
CA ILE A 109 -18.05 13.65 -18.30
C ILE A 109 -17.48 14.53 -19.39
N ASN A 110 -17.27 13.94 -20.57
CA ASN A 110 -16.71 14.68 -21.70
C ASN A 110 -17.77 15.43 -22.46
N HIS A 111 -18.98 14.85 -22.52
CA HIS A 111 -20.08 15.52 -23.18
C HIS A 111 -21.44 15.11 -22.60
N PHE A 112 -22.25 16.12 -22.30
CA PHE A 112 -23.51 15.92 -21.63
C PHE A 112 -24.55 16.83 -22.29
N GLU A 113 -25.70 16.30 -22.64
CA GLU A 113 -26.69 17.14 -23.29
C GLU A 113 -28.07 16.56 -23.07
N LYS A 114 -28.98 17.33 -22.48
CA LYS A 114 -30.31 16.81 -22.18
C LYS A 114 -31.16 16.90 -23.44
N ILE A 115 -31.88 15.84 -23.75
CA ILE A 115 -32.76 15.87 -24.89
C ILE A 115 -34.09 15.25 -24.54
N GLN A 116 -35.14 15.69 -25.24
CA GLN A 116 -36.46 15.13 -25.04
C GLN A 116 -36.59 13.81 -25.80
N ILE A 117 -36.98 12.77 -25.08
CA ILE A 117 -37.03 11.40 -25.56
C ILE A 117 -38.50 10.99 -25.78
N ILE A 118 -39.36 11.33 -24.84
CA ILE A 118 -40.79 11.06 -24.98
C ILE A 118 -41.54 12.28 -24.51
N PRO A 119 -42.16 12.99 -25.46
CA PRO A 119 -42.93 14.21 -25.14
C PRO A 119 -44.08 13.88 -24.20
N LYS A 120 -44.29 14.75 -23.22
CA LYS A 120 -45.41 14.66 -22.30
C LYS A 120 -46.74 14.56 -23.03
N SER A 121 -46.87 15.39 -24.05
CA SER A 121 -48.09 15.51 -24.82
C SER A 121 -48.44 14.19 -25.46
N SER A 122 -47.53 13.22 -25.41
CA SER A 122 -47.75 11.94 -26.08
C SER A 122 -48.50 10.85 -25.33
N TRP A 123 -48.97 11.16 -24.12
CA TRP A 123 -49.70 10.16 -23.35
C TRP A 123 -51.21 10.48 -23.44
N SER A 124 -51.84 9.96 -24.48
CA SER A 124 -53.22 10.34 -24.77
C SER A 124 -54.23 9.48 -24.01
N SER A 125 -53.82 8.28 -23.62
CA SER A 125 -54.70 7.37 -22.91
C SER A 125 -54.53 7.47 -21.40
N HIS A 126 -53.67 8.38 -20.96
CA HIS A 126 -53.36 8.49 -19.54
C HIS A 126 -53.31 9.96 -19.19
N GLU A 127 -53.51 10.29 -17.92
CA GLU A 127 -53.29 11.66 -17.45
C GLU A 127 -51.80 11.89 -17.18
N ALA A 128 -51.23 12.91 -17.80
CA ALA A 128 -49.82 13.25 -17.57
C ALA A 128 -49.66 14.54 -16.78
N SER A 129 -50.77 15.14 -16.35
CA SER A 129 -50.73 16.48 -15.74
C SER A 129 -51.15 16.52 -14.27
N LEU A 130 -51.68 15.42 -13.77
CA LEU A 130 -52.10 15.32 -12.39
C LEU A 130 -51.02 14.66 -11.51
N GLY A 131 -49.93 14.25 -12.11
CA GLY A 131 -48.88 13.54 -11.39
C GLY A 131 -48.00 14.49 -10.60
N VAL A 132 -48.55 14.98 -9.50
CA VAL A 132 -48.04 16.19 -8.89
C VAL A 132 -48.12 15.98 -7.37
N SER A 133 -47.22 16.58 -6.61
CA SER A 133 -47.22 16.36 -5.16
C SER A 133 -46.80 17.59 -4.38
N SER A 134 -47.38 17.78 -3.21
CA SER A 134 -47.03 18.90 -2.34
C SER A 134 -45.61 18.78 -1.81
N ALA A 135 -45.10 17.56 -1.81
CA ALA A 135 -43.70 17.32 -1.41
C ALA A 135 -42.71 17.76 -2.49
N CYS A 136 -43.23 18.15 -3.66
CA CYS A 136 -42.41 18.64 -4.77
C CYS A 136 -42.95 19.99 -5.24
N PRO A 137 -42.87 21.03 -4.40
CA PRO A 137 -43.46 22.33 -4.76
C PRO A 137 -42.65 23.05 -5.82
N TYR A 138 -43.30 23.72 -6.77
CA TYR A 138 -42.49 24.52 -7.68
C TYR A 138 -42.68 25.99 -7.39
N GLN A 139 -43.88 26.51 -7.54
CA GLN A 139 -43.96 27.92 -7.22
C GLN A 139 -45.08 28.17 -6.27
N GLY A 140 -44.98 27.60 -5.08
CA GLY A 140 -46.14 27.53 -4.23
C GLY A 140 -47.15 26.50 -4.69
N LYS A 141 -46.92 25.85 -5.83
CA LYS A 141 -47.85 24.79 -6.23
C LYS A 141 -47.24 23.38 -6.22
N SER A 142 -48.08 22.39 -5.95
CA SER A 142 -47.73 20.99 -6.09
C SER A 142 -47.23 20.70 -7.50
N SER A 143 -46.01 20.20 -7.59
CA SER A 143 -45.36 19.89 -8.87
C SER A 143 -44.70 18.49 -8.84
N PHE A 144 -43.71 18.28 -9.69
CA PHE A 144 -43.05 16.99 -9.71
C PHE A 144 -41.69 17.16 -10.35
N PHE A 145 -40.86 16.12 -10.27
CA PHE A 145 -39.59 16.11 -10.98
C PHE A 145 -39.87 16.53 -12.42
N ARG A 146 -38.95 17.26 -13.06
CA ARG A 146 -39.22 17.80 -14.38
C ARG A 146 -38.89 16.89 -15.58
N ASN A 147 -38.05 15.89 -15.34
CA ASN A 147 -37.48 15.14 -16.41
C ASN A 147 -38.15 13.82 -16.63
N VAL A 148 -39.15 13.59 -15.80
CA VAL A 148 -39.75 12.27 -15.69
C VAL A 148 -41.21 12.58 -15.39
N VAL A 149 -42.14 11.71 -15.80
CA VAL A 149 -43.58 12.00 -15.73
C VAL A 149 -44.31 10.95 -14.91
N TRP A 150 -45.09 11.39 -13.94
CA TRP A 150 -45.88 10.50 -13.13
C TRP A 150 -47.27 10.31 -13.81
N LEU A 151 -47.47 9.22 -14.55
CA LEU A 151 -48.75 9.00 -15.25
C LEU A 151 -49.81 8.49 -14.31
N ILE A 152 -51.03 8.96 -14.50
CA ILE A 152 -52.15 8.57 -13.65
C ILE A 152 -53.27 8.11 -14.58
N LYS A 153 -54.23 7.33 -14.09
CA LYS A 153 -55.33 6.84 -14.90
C LYS A 153 -56.17 8.00 -15.47
N LYS A 154 -56.67 7.82 -16.68
CA LYS A 154 -57.49 8.84 -17.30
C LYS A 154 -58.93 8.33 -17.32
N ASP A 155 -59.85 9.16 -16.83
CA ASP A 155 -61.18 8.71 -16.45
C ASP A 155 -60.86 7.63 -15.44
N SER A 156 -61.35 6.43 -15.65
CA SER A 156 -61.19 5.38 -14.65
C SER A 156 -60.52 4.19 -15.30
N THR A 157 -59.57 4.47 -16.18
CA THR A 157 -58.88 3.40 -16.88
C THR A 157 -57.42 3.70 -17.11
N TYR A 158 -56.62 2.65 -17.08
CA TYR A 158 -55.18 2.77 -17.30
C TYR A 158 -54.89 1.66 -18.24
N PRO A 159 -55.02 1.95 -19.53
CA PRO A 159 -54.67 0.93 -20.51
C PRO A 159 -53.17 0.69 -20.51
N THR A 160 -52.78 -0.50 -20.97
CA THR A 160 -51.40 -0.91 -21.02
C THR A 160 -50.57 0.01 -21.92
N ILE A 161 -49.46 0.50 -21.38
CA ILE A 161 -48.51 1.31 -22.12
C ILE A 161 -47.48 0.38 -22.78
N LYS A 162 -47.24 0.54 -24.08
CA LYS A 162 -46.13 -0.11 -24.78
C LYS A 162 -45.45 0.95 -25.59
N ARG A 163 -44.26 1.36 -25.18
CA ARG A 163 -43.63 2.49 -25.80
C ARG A 163 -42.17 2.17 -26.01
N SER A 164 -41.63 2.61 -27.12
CA SER A 164 -40.26 2.30 -27.38
C SER A 164 -39.52 3.51 -27.94
N TYR A 165 -38.24 3.60 -27.63
CA TYR A 165 -37.44 4.68 -28.11
C TYR A 165 -36.12 4.14 -28.65
N ASN A 166 -35.85 4.42 -29.91
CA ASN A 166 -34.64 3.99 -30.56
C ASN A 166 -33.61 5.12 -30.49
N ASN A 167 -32.43 4.83 -29.93
CA ASN A 167 -31.40 5.86 -29.84
C ASN A 167 -30.76 6.11 -31.21
N THR A 168 -31.30 7.09 -31.91
CA THR A 168 -30.80 7.50 -33.22
C THR A 168 -29.72 8.54 -33.07
N ASN A 169 -29.41 8.93 -31.84
CA ASN A 169 -28.29 9.84 -31.62
C ASN A 169 -26.99 9.10 -31.82
N GLN A 170 -25.86 9.80 -31.73
CA GLN A 170 -24.57 9.18 -32.00
C GLN A 170 -23.83 8.86 -30.71
N GLU A 171 -24.49 9.05 -29.58
CA GLU A 171 -23.84 8.88 -28.31
C GLU A 171 -24.69 7.99 -27.41
N ASP A 172 -24.08 7.40 -26.39
CA ASP A 172 -24.83 6.71 -25.36
C ASP A 172 -25.88 7.63 -24.75
N LEU A 173 -26.97 7.03 -24.32
CA LEU A 173 -28.06 7.79 -23.76
C LEU A 173 -28.26 7.28 -22.32
N LEU A 174 -28.17 8.17 -21.33
CA LEU A 174 -28.57 7.85 -19.95
C LEU A 174 -30.10 7.98 -19.85
N VAL A 175 -30.78 6.87 -19.63
CA VAL A 175 -32.22 6.89 -19.52
C VAL A 175 -32.65 6.59 -18.09
N LEU A 176 -33.63 7.37 -17.60
CA LEU A 176 -34.09 7.31 -16.22
C LEU A 176 -35.59 7.03 -16.19
N TRP A 177 -36.00 6.15 -15.29
CA TRP A 177 -37.44 5.96 -15.06
C TRP A 177 -37.71 5.55 -13.63
N GLY A 178 -38.96 5.32 -13.32
CA GLY A 178 -39.31 5.06 -11.93
C GLY A 178 -40.56 4.21 -11.72
N ILE A 179 -40.69 3.71 -10.52
CA ILE A 179 -41.90 3.05 -10.10
C ILE A 179 -42.41 3.66 -8.80
N HIS A 180 -43.72 3.75 -8.68
CA HIS A 180 -44.35 4.28 -7.49
C HIS A 180 -44.90 3.15 -6.65
N HIS A 181 -44.46 3.06 -5.38
CA HIS A 181 -44.99 2.11 -4.40
C HIS A 181 -46.00 2.83 -3.53
N PRO A 182 -47.29 2.51 -3.67
CA PRO A 182 -48.33 3.14 -2.84
C PRO A 182 -48.49 2.58 -1.43
N ASN A 183 -49.37 3.18 -0.62
CA ASN A 183 -49.55 2.77 0.78
C ASN A 183 -50.56 1.65 0.99
N ASP A 184 -51.52 1.53 0.07
CA ASP A 184 -52.55 0.49 0.20
C ASP A 184 -53.25 0.25 -1.11
N ALA A 185 -54.12 -0.76 -1.12
CA ALA A 185 -54.85 -1.15 -2.32
C ALA A 185 -55.78 -0.04 -2.83
N ALA A 186 -56.29 0.77 -1.90
CA ALA A 186 -57.25 1.80 -2.23
C ALA A 186 -56.54 2.82 -3.09
N GLU A 187 -55.35 3.21 -2.66
CA GLU A 187 -54.55 4.23 -3.36
C GLU A 187 -54.13 3.66 -4.73
N GLN A 188 -53.83 2.36 -4.73
CA GLN A 188 -53.47 1.69 -5.95
C GLN A 188 -54.59 1.83 -6.97
N THR A 189 -55.82 1.60 -6.53
CA THR A 189 -57.03 1.75 -7.34
C THR A 189 -57.29 3.20 -7.72
N LYS A 190 -57.15 4.12 -6.78
CA LYS A 190 -57.42 5.53 -7.02
C LYS A 190 -56.51 6.09 -8.11
N LEU A 191 -55.22 5.73 -8.09
CA LEU A 191 -54.24 6.35 -9.01
C LEU A 191 -54.20 5.67 -10.38
N TYR A 192 -54.08 4.35 -10.35
CA TYR A 192 -53.92 3.52 -11.55
C TYR A 192 -55.19 2.77 -11.40
N GLN A 193 -55.62 1.94 -12.32
CA GLN A 193 -56.95 1.37 -11.96
C GLN A 193 -56.79 -0.08 -11.59
N ASN A 194 -55.92 -0.70 -12.36
CA ASN A 194 -55.51 -2.07 -12.19
C ASN A 194 -54.89 -2.33 -10.81
N PRO A 195 -55.31 -3.44 -10.18
CA PRO A 195 -54.87 -3.76 -8.82
C PRO A 195 -53.51 -4.45 -8.79
N THR A 196 -53.20 -5.20 -9.84
CA THR A 196 -52.00 -6.02 -9.91
C THR A 196 -51.27 -5.54 -11.15
N THR A 197 -50.04 -5.12 -10.99
CA THR A 197 -49.47 -4.22 -11.95
C THR A 197 -47.97 -4.45 -12.13
N TYR A 198 -47.39 -3.95 -13.22
CA TYR A 198 -45.96 -4.19 -13.49
C TYR A 198 -45.36 -3.13 -14.41
N ILE A 199 -44.02 -3.10 -14.49
CA ILE A 199 -43.33 -2.32 -15.49
C ILE A 199 -42.20 -3.17 -16.01
N SER A 200 -42.19 -3.43 -17.31
CA SER A 200 -41.12 -4.19 -17.90
C SER A 200 -40.32 -3.26 -18.79
N VAL A 201 -39.02 -3.48 -18.76
CA VAL A 201 -38.11 -2.63 -19.48
C VAL A 201 -37.07 -3.48 -20.14
N GLY A 202 -36.96 -3.35 -21.45
CA GLY A 202 -36.06 -4.18 -22.21
C GLY A 202 -35.16 -3.41 -23.16
N THR A 203 -33.94 -3.92 -23.29
CA THR A 203 -32.88 -3.29 -24.05
C THR A 203 -32.16 -4.45 -24.79
N SER A 204 -31.00 -4.23 -25.42
CA SER A 204 -30.26 -5.33 -25.99
C SER A 204 -29.64 -6.16 -24.85
N THR A 205 -29.69 -5.58 -23.66
CA THR A 205 -28.90 -5.98 -22.51
C THR A 205 -29.73 -6.03 -21.22
N LEU A 206 -30.71 -5.14 -21.10
CA LEU A 206 -31.54 -5.05 -19.91
C LEU A 206 -32.78 -5.93 -20.05
N ASN A 207 -33.12 -6.63 -18.98
CA ASN A 207 -34.32 -7.46 -18.95
C ASN A 207 -35.01 -7.27 -17.59
N GLN A 208 -35.77 -6.20 -17.47
CA GLN A 208 -36.27 -5.81 -16.16
C GLN A 208 -37.79 -5.95 -16.02
N ARG A 209 -38.21 -6.44 -14.87
CA ARG A 209 -39.63 -6.45 -14.55
C ARG A 209 -39.90 -6.05 -13.10
N LEU A 210 -40.41 -4.84 -12.91
CA LEU A 210 -40.65 -4.21 -11.61
C LEU A 210 -42.10 -4.38 -11.19
N VAL A 211 -42.30 -4.63 -9.92
CA VAL A 211 -43.61 -4.81 -9.34
C VAL A 211 -43.66 -3.92 -8.12
N PRO A 212 -44.75 -3.17 -7.95
CA PRO A 212 -44.81 -2.29 -6.77
C PRO A 212 -44.95 -3.11 -5.49
N ARG A 213 -44.33 -2.63 -4.42
CA ARG A 213 -44.50 -3.24 -3.11
C ARG A 213 -45.40 -2.39 -2.24
N ILE A 214 -46.56 -2.94 -1.89
CA ILE A 214 -47.42 -2.25 -0.94
C ILE A 214 -46.98 -2.67 0.46
N ALA A 215 -46.73 -1.67 1.29
CA ALA A 215 -46.38 -1.88 2.70
C ALA A 215 -46.76 -0.62 3.46
N THR A 216 -46.98 -0.76 4.76
CA THR A 216 -47.33 0.38 5.60
C THR A 216 -46.04 1.02 6.05
N ARG A 217 -45.87 2.31 5.74
CA ARG A 217 -44.61 2.99 5.97
C ARG A 217 -44.78 4.25 6.79
N SER A 218 -43.69 4.72 7.40
CA SER A 218 -43.73 5.98 8.10
C SER A 218 -43.82 7.12 7.09
N LYS A 219 -44.41 8.22 7.50
CA LYS A 219 -44.44 9.38 6.63
C LYS A 219 -43.10 10.09 6.58
N VAL A 220 -42.74 10.47 5.37
CA VAL A 220 -41.59 11.31 5.13
C VAL A 220 -42.19 12.44 4.31
N LYS A 221 -41.99 13.68 4.78
CA LYS A 221 -42.63 14.85 4.18
C LYS A 221 -44.15 14.66 4.18
N GLY A 222 -44.67 13.99 5.20
CA GLY A 222 -46.08 13.72 5.23
C GLY A 222 -46.58 12.62 4.29
N LEU A 223 -45.67 11.98 3.56
CA LEU A 223 -46.08 10.95 2.61
C LEU A 223 -45.65 9.55 3.05
N SER A 224 -46.54 8.59 2.83
CA SER A 224 -46.15 7.19 3.01
C SER A 224 -45.80 6.42 1.70
N GLY A 225 -46.18 6.96 0.54
CA GLY A 225 -45.77 6.37 -0.73
C GLY A 225 -44.26 6.48 -0.94
N ARG A 226 -43.72 5.71 -1.89
CA ARG A 226 -42.29 5.82 -2.22
C ARG A 226 -42.12 5.76 -3.71
N MET A 227 -41.05 6.36 -4.19
CA MET A 227 -40.74 6.36 -5.59
C MET A 227 -39.35 5.74 -5.66
N GLU A 228 -39.17 4.75 -6.54
CA GLU A 228 -37.90 4.13 -6.73
C GLU A 228 -37.48 4.34 -8.18
N PHE A 229 -36.29 4.89 -8.40
CA PHE A 229 -35.77 5.18 -9.74
C PHE A 229 -34.69 4.20 -10.20
N PHE A 230 -34.69 3.97 -11.51
CA PHE A 230 -33.74 3.10 -12.20
C PHE A 230 -33.18 3.83 -13.39
N TRP A 231 -32.16 3.27 -13.96
CA TRP A 231 -31.50 3.87 -15.10
C TRP A 231 -30.75 2.84 -15.98
N THR A 232 -30.58 3.13 -17.27
CA THR A 232 -29.57 2.40 -18.07
C THR A 232 -28.78 3.34 -18.93
N ILE A 233 -27.80 2.76 -19.62
CA ILE A 233 -27.11 3.41 -20.73
C ILE A 233 -27.58 2.74 -22.00
N LEU A 234 -28.30 3.48 -22.84
CA LEU A 234 -28.76 2.96 -24.12
C LEU A 234 -27.67 3.26 -25.18
N LYS A 235 -27.09 2.20 -25.75
CA LYS A 235 -26.12 2.37 -26.85
C LYS A 235 -26.77 2.89 -28.14
N PRO A 236 -26.00 3.61 -28.95
CA PRO A 236 -26.45 4.08 -30.27
C PRO A 236 -27.04 2.91 -31.06
N ASN A 237 -28.17 3.15 -31.72
CA ASN A 237 -28.87 2.13 -32.51
C ASN A 237 -29.48 0.99 -31.73
N ASP A 238 -29.45 1.11 -30.39
CA ASP A 238 -30.29 0.21 -29.61
C ASP A 238 -31.58 0.94 -29.25
N ALA A 239 -32.61 0.16 -28.95
CA ALA A 239 -33.88 0.72 -28.50
C ALA A 239 -34.12 0.27 -27.06
N ILE A 240 -34.94 1.05 -26.37
CA ILE A 240 -35.46 0.68 -25.06
C ILE A 240 -36.97 0.54 -25.20
N ASN A 241 -37.53 -0.56 -24.68
CA ASN A 241 -38.98 -0.85 -24.71
C ASN A 241 -39.60 -0.93 -23.33
N PHE A 242 -40.53 -0.01 -23.03
CA PHE A 242 -41.29 0.01 -21.78
C PHE A 242 -42.66 -0.58 -22.00
N GLU A 243 -43.08 -1.45 -21.08
CA GLU A 243 -44.47 -1.89 -21.08
C GLU A 243 -44.98 -1.75 -19.65
N SER A 244 -46.18 -1.22 -19.45
CA SER A 244 -46.63 -1.03 -18.09
C SER A 244 -48.13 -0.90 -17.89
N ASN A 245 -48.54 -1.49 -16.78
CA ASN A 245 -49.90 -1.59 -16.30
C ASN A 245 -50.31 -0.47 -15.32
N GLY A 246 -49.37 0.40 -14.94
CA GLY A 246 -49.56 1.34 -13.84
C GLY A 246 -48.29 1.53 -12.98
N ASN A 247 -48.30 2.53 -12.11
CA ASN A 247 -47.19 2.81 -11.21
C ASN A 247 -45.90 3.18 -11.97
N PHE A 248 -46.04 3.51 -13.24
CA PHE A 248 -44.90 3.86 -14.09
C PHE A 248 -44.57 5.35 -13.99
N ILE A 249 -43.32 5.64 -13.66
CA ILE A 249 -42.85 7.01 -13.76
C ILE A 249 -42.00 7.08 -15.00
N ALA A 250 -42.62 7.58 -16.08
CA ALA A 250 -42.08 7.47 -17.43
C ALA A 250 -40.96 8.48 -17.69
N PRO A 251 -39.98 8.11 -18.53
CA PRO A 251 -39.01 9.10 -19.01
C PRO A 251 -39.72 10.22 -19.82
N GLU A 252 -39.19 11.42 -19.74
CA GLU A 252 -39.54 12.46 -20.69
C GLU A 252 -38.23 12.92 -21.33
N TYR A 253 -37.26 13.28 -20.49
CA TYR A 253 -35.95 13.71 -20.94
C TYR A 253 -34.92 12.65 -20.57
N ALA A 254 -33.92 12.54 -21.43
CA ALA A 254 -32.77 11.67 -21.20
C ALA A 254 -31.50 12.46 -21.51
N TYR A 255 -30.34 11.85 -21.36
CA TYR A 255 -29.12 12.57 -21.57
C TYR A 255 -28.16 11.90 -22.52
N LYS A 256 -27.71 12.62 -23.52
CA LYS A 256 -26.57 12.18 -24.31
C LYS A 256 -25.33 12.29 -23.44
N ILE A 257 -24.56 11.22 -23.44
CA ILE A 257 -23.40 11.04 -22.57
C ILE A 257 -22.18 10.59 -23.39
N VAL A 258 -21.08 11.28 -23.21
CA VAL A 258 -19.77 10.82 -23.66
C VAL A 258 -18.80 10.79 -22.47
N LYS A 259 -18.33 9.58 -22.17
CA LYS A 259 -17.41 9.36 -21.06
C LYS A 259 -16.05 8.89 -21.54
N LYS A 260 -15.00 9.55 -21.08
CA LYS A 260 -13.65 9.28 -21.53
C LYS A 260 -12.73 8.95 -20.38
N GLY A 261 -13.08 9.43 -19.19
CA GLY A 261 -12.29 9.21 -18.02
C GLY A 261 -13.16 9.23 -16.78
N ASP A 262 -12.55 9.10 -15.61
CA ASP A 262 -13.26 8.97 -14.35
C ASP A 262 -12.67 9.88 -13.30
N SER A 263 -13.51 10.41 -12.42
CA SER A 263 -13.03 11.02 -11.19
C SER A 263 -13.88 10.58 -10.02
N THR A 264 -14.34 11.52 -9.21
CA THR A 264 -15.16 11.18 -8.07
C THR A 264 -16.02 12.37 -7.69
N ILE A 265 -16.83 12.20 -6.66
CA ILE A 265 -17.66 13.29 -6.17
C ILE A 265 -16.96 13.92 -4.98
N MET A 266 -16.73 15.22 -5.06
CA MET A 266 -16.08 15.89 -3.94
C MET A 266 -17.12 16.52 -3.05
N LYS A 267 -17.01 16.26 -1.76
CA LYS A 267 -17.89 16.88 -0.76
C LYS A 267 -17.22 18.12 -0.24
N SER A 268 -17.80 19.27 -0.55
CA SER A 268 -17.19 20.54 -0.13
C SER A 268 -18.24 21.63 -0.04
N GLU A 269 -18.00 22.56 0.86
CA GLU A 269 -18.95 23.64 1.10
C GLU A 269 -18.53 24.91 0.36
N LEU A 270 -17.42 24.84 -0.37
CA LEU A 270 -16.86 26.02 -1.01
C LEU A 270 -17.60 26.38 -2.27
N GLU A 271 -17.17 27.50 -2.87
CA GLU A 271 -17.76 28.00 -4.10
C GLU A 271 -16.68 28.11 -5.17
N TYR A 272 -17.12 28.15 -6.42
CA TYR A 272 -16.21 28.33 -7.53
C TYR A 272 -15.33 29.56 -7.32
N GLY A 273 -14.08 29.50 -7.78
CA GLY A 273 -13.17 30.61 -7.65
C GLY A 273 -12.40 30.98 -8.91
N ASN A 274 -12.95 30.66 -10.08
CA ASN A 274 -12.35 31.06 -11.37
C ASN A 274 -10.85 30.88 -11.46
N CYS A 275 -10.38 29.67 -11.17
CA CYS A 275 -8.96 29.40 -11.27
C CYS A 275 -8.74 28.07 -11.98
N ASN A 276 -7.51 27.58 -11.91
CA ASN A 276 -7.15 26.32 -12.53
C ASN A 276 -6.11 25.61 -11.68
N THR A 277 -6.06 24.28 -11.75
CA THR A 277 -5.13 23.51 -10.95
C THR A 277 -4.93 22.16 -11.55
N LYS A 278 -3.97 21.45 -10.95
CA LYS A 278 -3.71 20.07 -11.27
C LYS A 278 -4.09 19.26 -10.05
N CYS A 279 -4.46 19.93 -8.97
CA CYS A 279 -4.73 19.21 -7.73
C CYS A 279 -5.70 19.93 -6.84
N GLN A 280 -6.89 19.36 -6.69
CA GLN A 280 -7.96 20.02 -5.97
C GLN A 280 -8.26 19.31 -4.66
N THR A 281 -8.44 20.09 -3.61
CA THR A 281 -8.72 19.56 -2.27
C THR A 281 -10.05 20.19 -1.88
N PRO A 282 -10.82 19.57 -0.95
CA PRO A 282 -12.08 20.19 -0.53
C PRO A 282 -11.90 21.48 0.26
N MET A 283 -10.68 21.76 0.71
CA MET A 283 -10.35 22.99 1.45
C MET A 283 -9.78 24.05 0.51
N GLY A 284 -9.37 23.65 -0.68
CA GLY A 284 -8.86 24.57 -1.69
C GLY A 284 -7.89 23.86 -2.62
N ALA A 285 -7.52 24.51 -3.72
CA ALA A 285 -6.55 23.94 -4.67
C ALA A 285 -5.09 24.02 -4.19
N ILE A 286 -4.24 23.16 -4.75
CA ILE A 286 -2.82 23.14 -4.48
C ILE A 286 -2.00 23.44 -5.72
N ASN A 287 -1.23 24.54 -5.66
CA ASN A 287 -0.23 24.90 -6.67
C ASN A 287 1.08 24.20 -6.29
N SER A 288 1.35 23.07 -6.95
CA SER A 288 2.31 22.10 -6.45
C SER A 288 3.50 21.77 -7.36
N SER A 289 4.59 21.39 -6.71
CA SER A 289 5.79 20.90 -7.37
C SER A 289 6.47 20.06 -6.30
N MET A 290 6.24 20.45 -5.05
CA MET A 290 6.65 19.64 -3.92
C MET A 290 6.08 18.22 -4.03
N PRO A 291 6.86 17.22 -3.56
CA PRO A 291 6.45 15.82 -3.62
C PRO A 291 5.52 15.39 -2.46
N PHE A 292 5.36 16.25 -1.46
CA PHE A 292 4.55 15.90 -0.30
C PHE A 292 3.66 17.06 0.13
N HIS A 293 2.52 16.73 0.76
CA HIS A 293 1.64 17.76 1.31
C HIS A 293 0.94 17.22 2.55
N ASN A 294 0.29 18.12 3.28
CA ASN A 294 -0.41 17.73 4.50
C ASN A 294 -1.78 18.40 4.60
N ILE A 295 -2.28 18.87 3.47
CA ILE A 295 -3.57 19.58 3.42
C ILE A 295 -4.77 18.72 3.83
N HIS A 296 -5.02 17.65 3.07
CA HIS A 296 -6.28 16.89 3.18
C HIS A 296 -6.14 15.63 2.35
N PRO A 297 -6.66 14.51 2.86
CA PRO A 297 -6.57 13.22 2.16
C PRO A 297 -7.42 13.12 0.88
N LEU A 298 -8.48 13.92 0.78
CA LEU A 298 -9.46 13.69 -0.26
C LEU A 298 -9.24 14.55 -1.52
N THR A 299 -8.24 14.21 -2.31
CA THR A 299 -7.84 15.05 -3.42
C THR A 299 -8.25 14.47 -4.77
N ILE A 300 -8.34 15.35 -5.76
CA ILE A 300 -8.57 14.94 -7.13
C ILE A 300 -7.52 15.63 -8.00
N GLY A 301 -6.91 14.87 -8.91
CA GLY A 301 -5.91 15.40 -9.82
C GLY A 301 -4.52 14.78 -9.65
N GLU A 302 -3.51 15.44 -10.20
CA GLU A 302 -2.13 15.01 -10.07
C GLU A 302 -1.56 15.68 -8.84
N CYS A 303 -1.62 14.99 -7.71
CA CYS A 303 -1.29 15.58 -6.42
C CYS A 303 -0.02 14.98 -5.81
N PRO A 304 0.63 15.76 -4.93
CA PRO A 304 1.75 15.21 -4.17
C PRO A 304 1.24 14.23 -3.14
N LYS A 305 2.15 13.47 -2.53
CA LYS A 305 1.80 12.43 -1.59
C LYS A 305 1.36 13.04 -0.27
N TYR A 306 0.20 12.59 0.19
CA TYR A 306 -0.31 13.00 1.50
C TYR A 306 0.48 12.35 2.63
N VAL A 307 0.77 13.14 3.66
CA VAL A 307 1.73 12.77 4.69
C VAL A 307 1.31 13.39 6.02
N LYS A 308 1.60 12.71 7.13
CA LYS A 308 1.24 13.27 8.45
C LYS A 308 2.46 13.94 9.05
N SER A 309 2.71 15.18 8.63
CA SER A 309 3.94 15.87 9.02
C SER A 309 3.76 17.37 8.87
N ASN A 310 4.37 18.12 9.75
CA ASN A 310 4.25 19.56 9.70
C ASN A 310 5.46 20.20 9.03
N ARG A 311 6.46 19.40 8.71
CA ARG A 311 7.78 19.94 8.38
C ARG A 311 8.69 18.92 7.71
N LEU A 312 9.18 19.24 6.51
CA LEU A 312 10.15 18.37 5.87
C LEU A 312 11.28 19.23 5.30
N VAL A 313 12.20 19.61 6.19
CA VAL A 313 13.21 20.62 5.84
C VAL A 313 14.56 20.00 5.48
N LEU A 314 14.97 20.19 4.23
CA LEU A 314 16.26 19.74 3.75
C LEU A 314 17.34 20.79 4.02
N ALA A 315 18.42 20.36 4.65
CA ALA A 315 19.62 21.19 4.80
C ALA A 315 20.25 21.40 3.43
N ILE A 316 20.52 22.65 3.08
CA ILE A 316 21.27 22.91 1.86
C ILE A 316 22.61 23.59 2.21
N GLY A 317 22.56 24.59 3.09
CA GLY A 317 23.76 25.29 3.53
C GLY A 317 24.46 24.53 4.64
N LEU A 318 25.21 25.24 5.48
CA LEU A 318 25.98 24.57 6.53
C LEU A 318 25.65 25.02 7.94
N ARG A 319 26.20 24.30 8.93
CA ARG A 319 25.99 24.66 10.33
C ARG A 319 26.30 26.13 10.57
N ASN A 320 25.38 26.83 11.24
CA ASN A 320 25.45 28.27 11.40
C ASN A 320 25.36 28.63 12.87
N SER A 321 26.14 27.96 13.69
CA SER A 321 26.24 28.26 15.12
C SER A 321 26.88 29.64 15.34
N PRO A 322 26.59 30.28 16.48
CA PRO A 322 27.21 31.58 16.70
C PRO A 322 28.47 31.47 17.56
N GLN B 1 66.61 7.83 -9.91
CA GLN B 1 66.00 7.83 -8.60
C GLN B 1 64.53 7.46 -8.72
N ASP B 2 64.08 6.74 -7.71
CA ASP B 2 63.05 5.73 -7.84
C ASP B 2 61.68 6.12 -7.29
N GLN B 3 60.61 5.51 -7.81
CA GLN B 3 59.25 5.89 -7.42
C GLN B 3 58.37 4.71 -7.02
N ILE B 4 57.44 4.94 -6.11
CA ILE B 4 56.35 3.99 -5.78
C ILE B 4 55.06 4.82 -5.87
N CYS B 5 54.11 4.38 -6.70
CA CYS B 5 52.87 5.13 -6.89
C CYS B 5 51.63 4.32 -6.49
N ILE B 6 50.60 4.99 -5.95
CA ILE B 6 49.33 4.32 -5.68
C ILE B 6 48.26 4.77 -6.68
N GLY B 7 47.47 3.82 -7.18
CA GLY B 7 46.44 4.12 -8.15
C GLY B 7 45.36 3.05 -8.21
N TYR B 8 44.49 3.15 -9.20
CA TYR B 8 43.32 2.27 -9.25
C TYR B 8 42.96 1.87 -10.66
N HIS B 9 42.16 0.81 -10.73
CA HIS B 9 41.79 0.17 -11.99
C HIS B 9 41.05 1.09 -12.97
N ALA B 10 41.26 0.84 -14.25
CA ALA B 10 40.52 1.55 -15.28
C ALA B 10 40.39 0.65 -16.51
N ASN B 11 39.39 0.96 -17.33
CA ASN B 11 39.20 0.26 -18.59
C ASN B 11 38.45 1.12 -19.62
N ASN B 12 38.05 0.49 -20.71
CA ASN B 12 37.44 1.18 -21.84
C ASN B 12 35.90 1.13 -21.82
N SER B 13 35.38 0.62 -20.70
CA SER B 13 33.94 0.44 -20.54
C SER B 13 33.21 1.78 -20.53
N THR B 14 31.96 1.75 -20.96
CA THR B 14 31.16 2.96 -21.05
C THR B 14 29.91 2.88 -20.17
N GLU B 15 29.82 1.81 -19.38
CA GLU B 15 28.73 1.65 -18.42
C GLU B 15 28.60 2.88 -17.53
N GLN B 16 27.40 3.47 -17.54
CA GLN B 16 27.14 4.68 -16.77
C GLN B 16 26.19 4.44 -15.59
N VAL B 17 26.28 5.32 -14.61
CA VAL B 17 25.60 5.16 -13.36
C VAL B 17 25.19 6.56 -12.90
N ASP B 18 24.05 6.67 -12.23
CA ASP B 18 23.70 7.95 -11.65
C ASP B 18 23.88 7.86 -10.16
N THR B 19 23.96 9.03 -9.55
CA THR B 19 24.36 9.19 -8.16
C THR B 19 23.46 10.27 -7.59
N ILE B 20 23.26 10.27 -6.28
CA ILE B 20 22.48 11.32 -5.64
C ILE B 20 22.96 12.75 -6.01
N MET B 21 24.27 12.91 -6.18
CA MET B 21 24.89 14.21 -6.42
C MET B 21 25.39 14.45 -7.84
N GLU B 22 25.38 13.40 -8.66
CA GLU B 22 26.05 13.48 -9.95
C GLU B 22 25.40 12.55 -10.95
N LYS B 23 25.28 13.00 -12.20
CA LYS B 23 24.71 12.17 -13.25
C LYS B 23 25.72 11.72 -14.28
N ASN B 24 25.43 10.56 -14.88
CA ASN B 24 26.19 10.04 -16.00
C ASN B 24 27.69 9.92 -15.70
N VAL B 25 27.98 9.26 -14.58
CA VAL B 25 29.34 8.95 -14.16
C VAL B 25 29.80 7.63 -14.78
N THR B 26 30.70 7.71 -15.75
CA THR B 26 31.23 6.49 -16.37
C THR B 26 31.94 5.66 -15.30
N VAL B 27 31.81 4.33 -15.39
CA VAL B 27 32.21 3.49 -14.27
C VAL B 27 32.78 2.18 -14.78
N THR B 28 33.59 1.51 -13.96
CA THR B 28 34.36 0.33 -14.41
C THR B 28 33.48 -0.88 -14.69
N HIS B 29 32.53 -1.14 -13.80
CA HIS B 29 31.59 -2.23 -13.97
C HIS B 29 30.28 -1.85 -13.28
N ALA B 30 29.16 -2.33 -13.83
CA ALA B 30 27.84 -2.01 -13.29
C ALA B 30 26.90 -3.19 -13.40
N GLN B 31 25.87 -3.22 -12.54
CA GLN B 31 24.87 -4.27 -12.60
C GLN B 31 23.45 -3.68 -12.55
N ASP B 32 22.64 -3.97 -13.58
CA ASP B 32 21.23 -3.55 -13.56
C ASP B 32 20.40 -4.44 -12.62
N ILE B 33 19.53 -3.80 -11.86
CA ILE B 33 18.73 -4.49 -10.87
C ILE B 33 17.28 -4.63 -11.36
N LEU B 34 17.01 -4.10 -12.55
CA LEU B 34 15.68 -4.06 -13.13
C LEU B 34 15.51 -5.03 -14.29
N GLU B 35 14.54 -5.96 -14.17
CA GLU B 35 14.24 -6.92 -15.25
C GLU B 35 13.40 -6.28 -16.37
N LYS B 36 13.84 -6.41 -17.63
CA LYS B 36 13.12 -5.83 -18.77
C LYS B 36 12.75 -6.87 -19.81
N LYS B 37 13.16 -8.12 -19.60
CA LYS B 37 13.00 -9.13 -20.66
C LYS B 37 11.96 -10.19 -20.32
N HIS B 38 11.19 -10.57 -21.35
CA HIS B 38 10.21 -11.64 -21.22
C HIS B 38 10.27 -12.51 -22.48
N ASN B 39 9.76 -13.74 -22.39
CA ASN B 39 9.93 -14.72 -23.46
C ASN B 39 8.79 -14.72 -24.50
N GLY B 40 7.83 -13.81 -24.34
CA GLY B 40 6.75 -13.70 -25.32
C GLY B 40 5.82 -14.89 -25.40
N LYS B 41 5.85 -15.73 -24.38
CA LYS B 41 5.05 -16.94 -24.40
C LYS B 41 4.21 -17.21 -23.15
N LEU B 42 3.17 -18.03 -23.30
CA LEU B 42 2.36 -18.44 -22.16
C LEU B 42 2.89 -19.75 -21.64
N CYS B 43 3.22 -19.77 -20.35
CA CYS B 43 3.87 -20.92 -19.77
C CYS B 43 3.13 -21.49 -18.58
N ASP B 44 3.51 -22.71 -18.21
CA ASP B 44 3.08 -23.30 -16.96
C ASP B 44 3.48 -22.37 -15.85
N LEU B 45 2.82 -22.51 -14.71
CA LEU B 45 3.15 -21.68 -13.59
C LEU B 45 3.47 -22.64 -12.45
N ASP B 46 4.74 -22.68 -12.07
CA ASP B 46 5.22 -23.61 -11.06
C ASP B 46 4.83 -25.04 -11.38
N GLY B 47 5.04 -25.43 -12.64
CA GLY B 47 4.79 -26.79 -13.05
C GLY B 47 3.37 -27.12 -13.49
N VAL B 48 2.44 -26.20 -13.27
CA VAL B 48 1.05 -26.45 -13.68
C VAL B 48 0.64 -25.61 -14.88
N LYS B 49 0.20 -26.27 -15.96
CA LYS B 49 -0.21 -25.54 -17.15
C LYS B 49 -1.53 -24.77 -16.94
N PRO B 50 -1.69 -23.65 -17.65
CA PRO B 50 -2.92 -22.87 -17.58
C PRO B 50 -4.04 -23.47 -18.41
N LEU B 51 -5.27 -23.15 -18.04
CA LEU B 51 -6.40 -23.47 -18.86
C LEU B 51 -6.47 -22.38 -19.91
N ILE B 52 -6.18 -22.72 -21.14
CA ILE B 52 -6.23 -21.75 -22.24
C ILE B 52 -7.51 -21.92 -23.04
N LEU B 53 -8.41 -20.97 -22.86
CA LEU B 53 -9.66 -20.97 -23.60
C LEU B 53 -9.32 -20.16 -24.83
N ARG B 54 -9.67 -20.63 -26.01
CA ARG B 54 -9.20 -19.93 -27.19
C ARG B 54 -10.14 -18.83 -27.54
N ASP B 55 -11.19 -19.13 -28.29
CA ASP B 55 -12.16 -18.09 -28.56
C ASP B 55 -13.42 -18.29 -27.77
N CYS B 56 -13.21 -18.91 -26.62
CA CYS B 56 -14.28 -19.31 -25.75
C CYS B 56 -14.18 -18.53 -24.46
N SER B 57 -15.32 -18.14 -23.92
CA SER B 57 -15.37 -17.52 -22.61
C SER B 57 -15.50 -18.64 -21.59
N VAL B 58 -15.31 -18.32 -20.31
CA VAL B 58 -15.56 -19.28 -19.24
C VAL B 58 -17.00 -19.83 -19.28
N ALA B 59 -17.97 -18.93 -19.48
CA ALA B 59 -19.37 -19.36 -19.50
C ALA B 59 -19.58 -20.28 -20.70
N GLY B 60 -19.03 -19.92 -21.84
CA GLY B 60 -19.22 -20.71 -23.04
C GLY B 60 -18.59 -22.09 -22.90
N TRP B 61 -17.48 -22.15 -22.21
CA TRP B 61 -16.78 -23.41 -22.00
C TRP B 61 -17.52 -24.30 -20.99
N LEU B 62 -18.01 -23.73 -19.90
CA LEU B 62 -18.71 -24.47 -18.84
C LEU B 62 -20.05 -25.04 -19.27
N LEU B 63 -20.92 -24.17 -19.79
CA LEU B 63 -22.12 -24.61 -20.48
C LEU B 63 -21.38 -25.10 -21.68
N GLY B 64 -21.86 -26.06 -22.44
CA GLY B 64 -20.98 -26.42 -23.56
C GLY B 64 -21.48 -25.75 -24.82
N ASN B 65 -21.17 -24.46 -25.01
CA ASN B 65 -21.46 -23.74 -26.24
C ASN B 65 -20.92 -24.59 -27.40
N PRO B 66 -21.82 -25.03 -28.30
CA PRO B 66 -21.52 -25.94 -29.42
C PRO B 66 -20.35 -25.50 -30.28
N MET B 67 -20.15 -24.19 -30.41
CA MET B 67 -19.09 -23.63 -31.26
C MET B 67 -17.76 -23.55 -30.58
N CYS B 68 -17.71 -23.94 -29.31
CA CYS B 68 -16.44 -23.99 -28.61
C CYS B 68 -15.85 -25.35 -28.89
N ASP B 69 -14.53 -25.37 -29.00
CA ASP B 69 -13.83 -26.62 -29.18
C ASP B 69 -14.26 -27.66 -28.17
N GLU B 70 -14.33 -28.89 -28.65
CA GLU B 70 -14.80 -29.99 -27.87
C GLU B 70 -13.97 -30.34 -26.71
N PHE B 71 -14.73 -30.24 -25.63
CA PHE B 71 -14.28 -30.37 -24.29
C PHE B 71 -13.16 -31.38 -24.19
N ILE B 72 -11.94 -30.88 -24.15
CA ILE B 72 -10.82 -31.71 -23.77
C ILE B 72 -10.75 -31.61 -22.27
N ASN B 73 -10.59 -32.75 -21.63
CA ASN B 73 -10.51 -32.79 -20.19
C ASN B 73 -9.15 -32.37 -19.64
N VAL B 74 -9.05 -31.11 -19.26
CA VAL B 74 -7.93 -30.65 -18.46
C VAL B 74 -8.33 -30.81 -16.99
N PRO B 75 -7.63 -31.70 -16.27
CA PRO B 75 -8.03 -32.04 -14.90
C PRO B 75 -7.50 -31.07 -13.85
N GLU B 76 -6.63 -30.17 -14.27
CA GLU B 76 -5.95 -29.31 -13.31
C GLU B 76 -5.38 -28.08 -14.01
N TRP B 77 -5.40 -26.93 -13.36
CA TRP B 77 -4.75 -25.75 -13.95
C TRP B 77 -4.40 -24.70 -12.90
N SER B 78 -3.48 -23.82 -13.26
CA SER B 78 -2.98 -22.83 -12.31
C SER B 78 -3.58 -21.45 -12.54
N TYR B 79 -4.01 -21.17 -13.77
CA TYR B 79 -4.70 -19.92 -14.07
C TYR B 79 -5.41 -20.06 -15.37
N ILE B 80 -6.30 -19.12 -15.67
CA ILE B 80 -7.12 -19.22 -16.87
C ILE B 80 -6.79 -18.10 -17.85
N VAL B 81 -6.65 -18.44 -19.13
CA VAL B 81 -6.38 -17.43 -20.12
C VAL B 81 -7.56 -17.28 -21.04
N GLU B 82 -8.03 -16.05 -21.13
CA GLU B 82 -9.14 -15.71 -22.01
C GLU B 82 -8.59 -14.66 -22.96
N LYS B 83 -9.18 -14.59 -24.16
CA LYS B 83 -8.90 -13.49 -25.06
C LYS B 83 -9.70 -12.29 -24.60
N ALA B 84 -9.24 -11.09 -24.94
CA ALA B 84 -9.88 -9.84 -24.52
C ALA B 84 -11.38 -9.89 -24.77
N ASN B 85 -11.76 -10.21 -26.00
CA ASN B 85 -13.17 -10.30 -26.35
C ASN B 85 -13.51 -11.60 -27.08
N PRO B 86 -13.68 -12.69 -26.32
CA PRO B 86 -13.88 -14.03 -26.89
C PRO B 86 -15.15 -14.07 -27.75
N VAL B 87 -15.09 -14.74 -28.91
CA VAL B 87 -16.19 -14.78 -29.87
C VAL B 87 -17.32 -15.69 -29.46
N ASN B 88 -16.97 -16.77 -28.76
CA ASN B 88 -17.98 -17.73 -28.33
C ASN B 88 -18.21 -17.63 -26.83
N ASP B 89 -19.27 -16.92 -26.46
CA ASP B 89 -19.67 -16.72 -25.07
C ASP B 89 -21.00 -17.46 -24.88
N LEU B 90 -22.08 -16.73 -24.67
CA LEU B 90 -23.40 -17.34 -24.60
C LEU B 90 -24.00 -17.31 -26.00
N CYS B 91 -24.08 -18.47 -26.66
CA CYS B 91 -24.68 -18.53 -27.99
C CYS B 91 -26.15 -18.08 -28.04
N TYR B 92 -26.95 -18.47 -27.06
CA TYR B 92 -28.27 -17.90 -26.91
C TYR B 92 -28.04 -16.73 -25.94
N PRO B 93 -28.51 -15.53 -26.29
CA PRO B 93 -28.20 -14.35 -25.46
C PRO B 93 -28.79 -14.46 -24.03
N GLY B 94 -28.07 -13.88 -23.09
CA GLY B 94 -28.56 -13.71 -21.74
C GLY B 94 -27.40 -13.43 -20.79
N ASP B 95 -27.51 -14.01 -19.61
CA ASP B 95 -26.68 -13.64 -18.48
C ASP B 95 -26.26 -14.86 -17.67
N PHE B 96 -25.17 -14.66 -16.97
CA PHE B 96 -24.72 -15.61 -15.97
C PHE B 96 -24.78 -14.91 -14.62
N ASN B 97 -25.60 -15.42 -13.72
CA ASN B 97 -25.65 -14.88 -12.36
C ASN B 97 -24.33 -15.11 -11.57
N ASP B 98 -23.93 -14.14 -10.74
CA ASP B 98 -22.61 -14.17 -10.06
C ASP B 98 -21.45 -14.67 -10.91
N TYR B 99 -21.39 -14.19 -12.15
CA TYR B 99 -20.41 -14.70 -13.09
C TYR B 99 -18.95 -14.47 -12.68
N GLU B 100 -18.64 -13.26 -12.21
CA GLU B 100 -17.24 -12.94 -11.92
C GLU B 100 -16.75 -13.76 -10.73
N GLU B 101 -17.61 -13.99 -9.76
CA GLU B 101 -17.23 -14.78 -8.59
C GLU B 101 -17.01 -16.23 -9.05
N LEU B 102 -17.73 -16.64 -10.07
CA LEU B 102 -17.58 -18.01 -10.60
C LEU B 102 -16.26 -18.16 -11.31
N LYS B 103 -15.93 -17.17 -12.13
CA LYS B 103 -14.64 -17.14 -12.81
C LYS B 103 -13.49 -17.12 -11.83
N HIS B 104 -13.64 -16.33 -10.77
CA HIS B 104 -12.58 -16.24 -9.76
C HIS B 104 -12.43 -17.60 -9.06
N LEU B 105 -13.56 -18.22 -8.76
CA LEU B 105 -13.55 -19.54 -8.14
C LEU B 105 -12.83 -20.57 -9.00
N LEU B 106 -13.08 -20.53 -10.31
CA LEU B 106 -12.47 -21.47 -11.25
C LEU B 106 -11.05 -21.10 -11.70
N SER B 107 -10.56 -19.93 -11.31
CA SER B 107 -9.28 -19.45 -11.83
C SER B 107 -8.10 -20.40 -11.55
N ARG B 108 -8.10 -21.05 -10.40
CA ARG B 108 -7.11 -22.09 -10.15
C ARG B 108 -7.78 -23.31 -9.54
N ILE B 109 -7.58 -24.47 -10.18
CA ILE B 109 -8.33 -25.66 -9.80
C ILE B 109 -7.43 -26.87 -9.68
N ASN B 110 -7.50 -27.53 -8.53
CA ASN B 110 -6.65 -28.68 -8.29
C ASN B 110 -7.17 -29.95 -8.96
N HIS B 111 -8.49 -30.05 -9.12
CA HIS B 111 -9.09 -31.19 -9.79
C HIS B 111 -10.46 -30.90 -10.39
N PHE B 112 -10.63 -31.26 -11.65
CA PHE B 112 -11.81 -30.90 -12.40
C PHE B 112 -12.20 -32.09 -13.25
N GLU B 113 -13.46 -32.49 -13.16
CA GLU B 113 -13.91 -33.64 -13.93
C GLU B 113 -15.38 -33.54 -14.25
N LYS B 114 -15.72 -33.56 -15.53
CA LYS B 114 -17.11 -33.46 -15.93
C LYS B 114 -17.84 -34.79 -15.80
N ILE B 115 -18.98 -34.80 -15.10
CA ILE B 115 -19.75 -36.03 -15.02
C ILE B 115 -21.23 -35.80 -15.36
N GLN B 116 -21.89 -36.86 -15.77
CA GLN B 116 -23.30 -36.79 -16.08
C GLN B 116 -24.09 -36.97 -14.81
N ILE B 117 -24.97 -36.00 -14.53
CA ILE B 117 -25.71 -35.88 -13.28
C ILE B 117 -27.16 -36.31 -13.54
N ILE B 118 -27.76 -35.83 -14.63
CA ILE B 118 -29.12 -36.17 -14.99
C ILE B 118 -29.15 -36.42 -16.47
N PRO B 119 -29.36 -37.69 -16.85
CA PRO B 119 -29.33 -38.05 -18.28
C PRO B 119 -30.47 -37.35 -18.98
N LYS B 120 -30.20 -36.92 -20.21
CA LYS B 120 -31.21 -36.35 -21.07
C LYS B 120 -32.38 -37.29 -21.25
N SER B 121 -32.07 -38.57 -21.48
CA SER B 121 -33.06 -39.60 -21.75
C SER B 121 -34.10 -39.69 -20.63
N SER B 122 -33.84 -39.07 -19.48
CA SER B 122 -34.67 -39.26 -18.30
C SER B 122 -35.83 -38.28 -18.14
N TRP B 123 -36.06 -37.46 -19.14
CA TRP B 123 -37.21 -36.56 -19.10
C TRP B 123 -38.32 -37.14 -19.97
N SER B 124 -39.18 -37.95 -19.36
CA SER B 124 -40.14 -38.74 -20.13
C SER B 124 -41.47 -38.01 -20.32
N SER B 125 -41.76 -37.08 -19.43
CA SER B 125 -42.95 -36.28 -19.54
C SER B 125 -42.72 -34.93 -20.25
N HIS B 126 -41.51 -34.72 -20.75
CA HIS B 126 -41.18 -33.44 -21.39
C HIS B 126 -40.34 -33.71 -22.65
N GLU B 127 -40.36 -32.79 -23.60
CA GLU B 127 -39.48 -32.91 -24.76
C GLU B 127 -38.06 -32.44 -24.39
N ALA B 128 -37.06 -33.27 -24.62
CA ALA B 128 -35.68 -32.92 -24.32
C ALA B 128 -34.89 -32.69 -25.60
N SER B 129 -35.53 -32.83 -26.76
CA SER B 129 -34.82 -32.84 -28.04
C SER B 129 -35.12 -31.66 -28.96
N LEU B 130 -36.13 -30.87 -28.60
CA LEU B 130 -36.55 -29.73 -29.40
C LEU B 130 -35.98 -28.41 -28.88
N GLY B 131 -35.22 -28.51 -27.79
CA GLY B 131 -34.70 -27.34 -27.11
C GLY B 131 -33.47 -26.83 -27.82
N VAL B 132 -33.70 -26.22 -28.97
CA VAL B 132 -32.65 -26.03 -29.93
C VAL B 132 -32.80 -24.63 -30.55
N SER B 133 -31.70 -24.00 -30.95
CA SER B 133 -31.76 -22.66 -31.54
C SER B 133 -30.79 -22.46 -32.68
N SER B 134 -31.17 -21.63 -33.66
CA SER B 134 -30.28 -21.25 -34.76
C SER B 134 -29.12 -20.40 -34.25
N ALA B 135 -29.31 -19.71 -33.12
CA ALA B 135 -28.24 -18.91 -32.54
C ALA B 135 -27.16 -19.84 -31.96
N CYS B 136 -27.49 -21.12 -31.84
CA CYS B 136 -26.57 -22.09 -31.25
C CYS B 136 -26.25 -23.19 -32.26
N PRO B 137 -25.61 -22.82 -33.39
CA PRO B 137 -25.45 -23.82 -34.46
C PRO B 137 -24.41 -24.86 -34.12
N TYR B 138 -24.64 -26.13 -34.41
CA TYR B 138 -23.55 -27.07 -34.22
C TYR B 138 -22.93 -27.75 -35.44
N GLN B 139 -23.44 -29.01 -35.62
CA GLN B 139 -22.99 -30.03 -36.59
C GLN B 139 -23.83 -29.83 -37.84
N GLY B 140 -24.08 -28.56 -38.13
CA GLY B 140 -24.77 -28.14 -39.33
C GLY B 140 -26.03 -27.31 -39.09
N LYS B 141 -26.48 -27.29 -37.86
CA LYS B 141 -27.90 -27.24 -37.56
C LYS B 141 -28.17 -26.59 -36.22
N SER B 142 -29.44 -26.25 -35.99
CA SER B 142 -29.89 -25.63 -34.76
C SER B 142 -29.60 -26.55 -33.59
N SER B 143 -28.76 -26.09 -32.65
CA SER B 143 -28.41 -26.91 -31.48
C SER B 143 -28.60 -26.11 -30.18
N PHE B 144 -27.89 -26.53 -29.14
CA PHE B 144 -27.97 -25.83 -27.88
C PHE B 144 -26.72 -26.10 -27.04
N PHE B 145 -26.53 -25.36 -25.94
CA PHE B 145 -25.44 -25.66 -24.99
C PHE B 145 -25.48 -27.16 -24.70
N ARG B 146 -24.33 -27.77 -24.51
CA ARG B 146 -24.30 -29.24 -24.47
C ARG B 146 -24.44 -29.84 -23.08
N ASN B 147 -24.22 -29.03 -22.07
CA ASN B 147 -24.13 -29.53 -20.72
C ASN B 147 -25.43 -29.36 -19.95
N VAL B 148 -26.40 -28.82 -20.66
CA VAL B 148 -27.58 -28.29 -19.99
C VAL B 148 -28.74 -28.54 -20.99
N VAL B 149 -29.96 -28.75 -20.54
CA VAL B 149 -31.02 -29.19 -21.44
C VAL B 149 -32.17 -28.22 -21.45
N TRP B 150 -32.53 -27.71 -22.60
CA TRP B 150 -33.72 -26.87 -22.70
C TRP B 150 -34.99 -27.72 -22.83
N LEU B 151 -35.73 -27.93 -21.74
CA LEU B 151 -36.96 -28.73 -21.78
C LEU B 151 -38.14 -27.98 -22.32
N ILE B 152 -38.95 -28.65 -23.13
CA ILE B 152 -40.10 -28.02 -23.79
C ILE B 152 -41.30 -28.93 -23.49
N LYS B 153 -42.50 -28.37 -23.60
CA LYS B 153 -43.71 -29.18 -23.37
C LYS B 153 -43.84 -30.38 -24.34
N LYS B 154 -44.40 -31.47 -23.83
CA LYS B 154 -44.56 -32.67 -24.64
C LYS B 154 -46.04 -32.90 -24.89
N ASP B 155 -46.38 -33.01 -26.18
CA ASP B 155 -47.75 -32.84 -26.66
C ASP B 155 -47.98 -31.41 -26.16
N SER B 156 -49.06 -31.20 -25.44
CA SER B 156 -49.46 -29.85 -25.07
C SER B 156 -49.49 -29.72 -23.56
N THR B 157 -48.57 -30.40 -22.91
CA THR B 157 -48.53 -30.37 -21.45
C THR B 157 -47.11 -30.29 -20.91
N TYR B 158 -47.01 -29.64 -19.77
CA TYR B 158 -45.75 -29.55 -19.09
C TYR B 158 -46.13 -29.83 -17.68
N PRO B 159 -46.09 -31.11 -17.31
CA PRO B 159 -46.31 -31.45 -15.90
C PRO B 159 -45.13 -30.94 -15.03
N THR B 160 -45.40 -30.78 -13.75
CA THR B 160 -44.43 -30.30 -12.81
C THR B 160 -43.26 -31.26 -12.63
N ILE B 161 -42.05 -30.73 -12.78
CA ILE B 161 -40.84 -31.49 -12.60
C ILE B 161 -40.49 -31.44 -11.12
N LYS B 162 -40.17 -32.59 -10.53
CA LYS B 162 -39.53 -32.65 -9.20
C LYS B 162 -38.41 -33.67 -9.30
N ARG B 163 -37.18 -33.20 -9.24
CA ARG B 163 -36.06 -34.07 -9.52
C ARG B 163 -34.99 -33.74 -8.51
N SER B 164 -34.29 -34.76 -8.03
CA SER B 164 -33.27 -34.49 -7.06
C SER B 164 -32.02 -35.29 -7.40
N TYR B 165 -30.85 -34.72 -7.10
CA TYR B 165 -29.61 -35.41 -7.29
C TYR B 165 -28.76 -35.34 -6.02
N ASN B 166 -28.34 -36.51 -5.53
CA ASN B 166 -27.53 -36.61 -4.32
C ASN B 166 -26.08 -36.74 -4.72
N ASN B 167 -25.25 -35.83 -4.25
CA ASN B 167 -23.84 -35.89 -4.58
C ASN B 167 -23.16 -37.02 -3.80
N THR B 168 -23.14 -38.20 -4.42
CA THR B 168 -22.46 -39.36 -3.85
C THR B 168 -20.98 -39.42 -4.22
N ASN B 169 -20.50 -38.42 -4.94
CA ASN B 169 -19.06 -38.34 -5.23
C ASN B 169 -18.34 -37.85 -3.98
N GLN B 170 -17.02 -37.76 -4.03
CA GLN B 170 -16.27 -37.43 -2.81
C GLN B 170 -15.81 -36.00 -2.87
N GLU B 171 -16.28 -35.26 -3.85
CA GLU B 171 -15.80 -33.91 -4.06
C GLU B 171 -16.96 -32.95 -4.25
N ASP B 172 -16.71 -31.66 -4.06
CA ASP B 172 -17.72 -30.67 -4.33
C ASP B 172 -18.17 -30.80 -5.79
N LEU B 173 -19.42 -30.49 -6.04
CA LEU B 173 -19.97 -30.54 -7.38
C LEU B 173 -20.42 -29.14 -7.83
N LEU B 174 -19.88 -28.63 -8.93
CA LEU B 174 -20.33 -27.38 -9.50
C LEU B 174 -21.55 -27.75 -10.33
N VAL B 175 -22.71 -27.25 -9.93
CA VAL B 175 -23.93 -27.51 -10.69
C VAL B 175 -24.41 -26.22 -11.34
N LEU B 176 -24.84 -26.37 -12.58
CA LEU B 176 -25.33 -25.27 -13.42
C LEU B 176 -26.77 -25.48 -13.91
N TRP B 177 -27.60 -24.44 -13.87
CA TRP B 177 -28.89 -24.56 -14.53
C TRP B 177 -29.32 -23.18 -15.01
N GLY B 178 -30.49 -23.09 -15.58
CA GLY B 178 -30.88 -21.82 -16.14
C GLY B 178 -32.37 -21.67 -16.22
N ILE B 179 -32.77 -20.44 -16.57
CA ILE B 179 -34.18 -20.13 -16.76
C ILE B 179 -34.30 -19.38 -18.07
N HIS B 180 -35.41 -19.62 -18.77
CA HIS B 180 -35.64 -18.94 -20.04
C HIS B 180 -36.68 -17.87 -19.85
N HIS B 181 -36.31 -16.62 -20.16
CA HIS B 181 -37.24 -15.49 -20.22
C HIS B 181 -37.73 -15.28 -21.64
N PRO B 182 -39.00 -15.58 -21.92
CA PRO B 182 -39.55 -15.40 -23.29
C PRO B 182 -39.95 -13.94 -23.64
N ASN B 183 -40.43 -13.71 -24.86
CA ASN B 183 -40.84 -12.36 -25.31
C ASN B 183 -42.31 -11.99 -25.09
N ASP B 184 -43.20 -12.96 -24.97
CA ASP B 184 -44.61 -12.65 -24.71
C ASP B 184 -45.30 -13.89 -24.22
N ALA B 185 -46.58 -13.71 -23.90
CA ALA B 185 -47.41 -14.77 -23.32
C ALA B 185 -47.59 -15.91 -24.32
N ALA B 186 -47.64 -15.55 -25.59
CA ALA B 186 -47.92 -16.50 -26.66
C ALA B 186 -46.79 -17.50 -26.71
N GLU B 187 -45.58 -16.98 -26.71
CA GLU B 187 -44.38 -17.82 -26.68
C GLU B 187 -44.30 -18.67 -25.42
N GLN B 188 -44.69 -18.06 -24.29
CA GLN B 188 -44.76 -18.78 -23.02
C GLN B 188 -45.65 -20.02 -23.15
N THR B 189 -46.83 -19.83 -23.73
CA THR B 189 -47.80 -20.91 -24.01
C THR B 189 -47.31 -21.91 -25.04
N LYS B 190 -46.66 -21.41 -26.09
CA LYS B 190 -46.14 -22.26 -27.15
C LYS B 190 -45.07 -23.23 -26.65
N LEU B 191 -44.15 -22.72 -25.82
CA LEU B 191 -43.02 -23.56 -25.37
C LEU B 191 -43.34 -24.48 -24.18
N TYR B 192 -43.95 -23.87 -23.16
CA TYR B 192 -44.26 -24.52 -21.89
C TYR B 192 -45.71 -24.34 -21.98
N GLN B 193 -46.53 -24.95 -21.15
CA GLN B 193 -47.94 -24.72 -21.48
C GLN B 193 -48.50 -23.75 -20.49
N ASN B 194 -48.02 -23.91 -19.27
CA ASN B 194 -48.48 -23.15 -18.14
C ASN B 194 -48.09 -21.69 -18.29
N PRO B 195 -49.03 -20.80 -18.00
CA PRO B 195 -48.80 -19.37 -18.19
C PRO B 195 -47.99 -18.72 -17.07
N THR B 196 -48.18 -19.21 -15.84
CA THR B 196 -47.53 -18.63 -14.67
C THR B 196 -46.64 -19.70 -14.08
N THR B 197 -45.37 -19.40 -13.90
CA THR B 197 -44.41 -20.50 -13.87
C THR B 197 -43.23 -20.20 -12.96
N TYR B 198 -42.48 -21.23 -12.53
CA TYR B 198 -41.39 -21.01 -11.56
C TYR B 198 -40.33 -22.11 -11.62
N ILE B 199 -39.21 -21.87 -10.96
CA ILE B 199 -38.20 -22.89 -10.78
C ILE B 199 -37.69 -22.74 -9.37
N SER B 200 -37.79 -23.80 -8.59
CA SER B 200 -37.29 -23.73 -7.23
C SER B 200 -36.13 -24.70 -7.11
N VAL B 201 -35.10 -24.22 -6.44
CA VAL B 201 -33.93 -25.02 -6.27
C VAL B 201 -33.54 -24.96 -4.82
N GLY B 202 -33.33 -26.15 -4.24
CA GLY B 202 -33.02 -26.28 -2.84
C GLY B 202 -31.86 -27.19 -2.54
N THR B 203 -31.11 -26.85 -1.51
CA THR B 203 -29.85 -27.50 -1.14
C THR B 203 -29.84 -27.48 0.39
N SER B 204 -28.75 -27.87 1.06
CA SER B 204 -28.64 -27.64 2.50
C SER B 204 -28.47 -26.15 2.83
N THR B 205 -28.17 -25.38 1.80
CA THR B 205 -27.73 -23.99 1.91
C THR B 205 -28.52 -23.03 0.99
N LEU B 206 -28.91 -23.52 -0.17
CA LEU B 206 -29.59 -22.74 -1.19
C LEU B 206 -31.10 -22.84 -1.03
N ASN B 207 -31.78 -21.71 -1.13
CA ASN B 207 -33.23 -21.70 -1.11
C ASN B 207 -33.75 -20.73 -2.18
N GLN B 208 -33.86 -21.19 -3.41
CA GLN B 208 -34.03 -20.27 -4.54
C GLN B 208 -35.37 -20.47 -5.19
N ARG B 209 -36.00 -19.36 -5.58
CA ARG B 209 -37.19 -19.43 -6.42
C ARG B 209 -37.10 -18.41 -7.54
N LEU B 210 -36.89 -18.88 -8.76
CA LEU B 210 -36.82 -18.08 -9.99
C LEU B 210 -38.14 -17.99 -10.75
N VAL B 211 -38.44 -16.80 -11.23
CA VAL B 211 -39.66 -16.55 -12.00
C VAL B 211 -39.22 -15.92 -13.31
N PRO B 212 -39.73 -16.42 -14.45
CA PRO B 212 -39.37 -15.77 -15.72
C PRO B 212 -39.92 -14.36 -15.80
N ARG B 213 -39.19 -13.47 -16.47
CA ARG B 213 -39.64 -12.10 -16.68
C ARG B 213 -40.00 -11.93 -18.15
N ILE B 214 -41.27 -11.68 -18.43
CA ILE B 214 -41.61 -11.31 -19.78
C ILE B 214 -41.39 -9.78 -19.91
N ALA B 215 -40.72 -9.41 -20.98
CA ALA B 215 -40.49 -8.01 -21.34
C ALA B 215 -40.11 -7.96 -22.81
N THR B 216 -40.40 -6.83 -23.44
CA THR B 216 -40.13 -6.68 -24.86
C THR B 216 -38.70 -6.21 -24.94
N ARG B 217 -37.89 -6.94 -25.71
CA ARG B 217 -36.47 -6.73 -25.73
C ARG B 217 -35.91 -6.62 -27.15
N SER B 218 -34.73 -6.02 -27.24
CA SER B 218 -34.05 -5.88 -28.52
C SER B 218 -33.54 -7.25 -28.95
N LYS B 219 -33.54 -7.48 -30.25
CA LYS B 219 -32.97 -8.71 -30.78
C LYS B 219 -31.45 -8.72 -30.68
N VAL B 220 -30.95 -9.83 -30.16
CA VAL B 220 -29.52 -10.11 -30.11
C VAL B 220 -29.39 -11.47 -30.81
N LYS B 221 -28.58 -11.51 -31.88
CA LYS B 221 -28.60 -12.66 -32.80
C LYS B 221 -29.98 -12.99 -33.35
N GLY B 222 -30.82 -12.00 -33.59
CA GLY B 222 -32.15 -12.29 -34.10
C GLY B 222 -33.10 -12.75 -33.03
N LEU B 223 -32.64 -12.86 -31.78
CA LEU B 223 -33.53 -13.32 -30.70
C LEU B 223 -33.83 -12.26 -29.66
N SER B 224 -35.09 -12.21 -29.21
CA SER B 224 -35.49 -11.35 -28.11
C SER B 224 -35.55 -12.08 -26.76
N GLY B 225 -35.57 -13.42 -26.79
CA GLY B 225 -35.68 -14.20 -25.58
C GLY B 225 -34.33 -14.13 -24.90
N ARG B 226 -34.29 -14.46 -23.60
CA ARG B 226 -33.02 -14.46 -22.86
C ARG B 226 -32.89 -15.71 -22.02
N MET B 227 -31.65 -16.07 -21.73
CA MET B 227 -31.38 -17.22 -20.92
C MET B 227 -30.51 -16.74 -19.78
N GLU B 228 -30.92 -17.01 -18.54
CA GLU B 228 -30.15 -16.58 -17.39
C GLU B 228 -29.70 -17.85 -16.66
N PHE B 229 -28.41 -17.96 -16.40
CA PHE B 229 -27.86 -19.15 -15.74
C PHE B 229 -27.39 -18.89 -14.30
N PHE B 230 -27.47 -19.93 -13.50
CA PHE B 230 -27.21 -19.92 -12.07
C PHE B 230 -26.34 -21.14 -11.78
N TRP B 231 -25.83 -21.20 -10.56
CA TRP B 231 -24.90 -22.26 -10.18
C TRP B 231 -24.80 -22.34 -8.68
N THR B 232 -24.42 -23.53 -8.18
CA THR B 232 -23.98 -23.71 -6.78
C THR B 232 -22.86 -24.69 -6.72
N ILE B 233 -22.29 -24.78 -5.54
CA ILE B 233 -21.43 -25.86 -5.17
C ILE B 233 -22.21 -26.81 -4.27
N LEU B 234 -22.42 -28.03 -4.72
CA LEU B 234 -23.09 -29.05 -3.91
C LEU B 234 -22.04 -29.84 -3.14
N LYS B 235 -22.10 -29.81 -1.81
CA LYS B 235 -21.16 -30.53 -0.96
C LYS B 235 -21.39 -32.05 -1.07
N PRO B 236 -20.34 -32.84 -0.83
CA PRO B 236 -20.50 -34.30 -0.73
C PRO B 236 -21.62 -34.67 0.25
N ASN B 237 -22.48 -35.59 -0.16
CA ASN B 237 -23.61 -36.07 0.64
C ASN B 237 -24.73 -35.08 0.81
N ASP B 238 -24.65 -33.95 0.12
CA ASP B 238 -25.81 -33.09 0.05
C ASP B 238 -26.58 -33.42 -1.24
N ALA B 239 -27.86 -33.10 -1.26
CA ALA B 239 -28.64 -33.24 -2.47
C ALA B 239 -29.06 -31.88 -2.94
N ILE B 240 -29.41 -31.80 -4.22
CA ILE B 240 -30.03 -30.61 -4.81
C ILE B 240 -31.40 -31.03 -5.35
N ASN B 241 -32.43 -30.23 -5.05
CA ASN B 241 -33.82 -30.50 -5.47
C ASN B 241 -34.36 -29.40 -6.37
N PHE B 242 -34.75 -29.81 -7.57
CA PHE B 242 -35.34 -28.93 -8.56
C PHE B 242 -36.82 -29.19 -8.62
N GLU B 243 -37.60 -28.13 -8.58
CA GLU B 243 -39.00 -28.25 -8.92
C GLU B 243 -39.37 -27.17 -9.92
N SER B 244 -40.11 -27.52 -10.97
CA SER B 244 -40.41 -26.50 -11.96
C SER B 244 -41.61 -26.78 -12.84
N ASN B 245 -42.21 -25.66 -13.21
CA ASN B 245 -43.45 -25.55 -13.96
C ASN B 245 -43.24 -25.18 -15.42
N GLY B 246 -41.99 -24.87 -15.78
CA GLY B 246 -41.63 -24.50 -17.15
C GLY B 246 -40.48 -23.50 -17.14
N ASN B 247 -39.89 -23.24 -18.31
CA ASN B 247 -38.80 -22.26 -18.46
C ASN B 247 -37.53 -22.75 -17.79
N PHE B 248 -37.48 -24.04 -17.48
CA PHE B 248 -36.35 -24.67 -16.77
C PHE B 248 -35.30 -25.14 -17.78
N ILE B 249 -34.09 -24.65 -17.61
CA ILE B 249 -33.01 -25.19 -18.38
C ILE B 249 -32.24 -26.11 -17.40
N ALA B 250 -32.51 -27.40 -17.51
CA ALA B 250 -32.06 -28.41 -16.56
C ALA B 250 -30.58 -28.78 -16.67
N PRO B 251 -29.97 -29.12 -15.55
CA PRO B 251 -28.61 -29.68 -15.63
C PRO B 251 -28.61 -31.02 -16.39
N GLU B 252 -27.49 -31.30 -17.05
CA GLU B 252 -27.23 -32.64 -17.56
C GLU B 252 -25.89 -33.07 -17.04
N TYR B 253 -24.90 -32.21 -17.27
CA TYR B 253 -23.56 -32.44 -16.77
C TYR B 253 -23.23 -31.45 -15.70
N ALA B 254 -22.45 -31.90 -14.73
CA ALA B 254 -21.96 -31.06 -13.66
C ALA B 254 -20.47 -31.33 -13.54
N TYR B 255 -19.80 -30.67 -12.60
CA TYR B 255 -18.35 -30.85 -12.47
C TYR B 255 -17.86 -31.15 -11.07
N LYS B 256 -17.09 -32.22 -10.92
CA LYS B 256 -16.37 -32.44 -9.67
C LYS B 256 -15.25 -31.42 -9.60
N ILE B 257 -15.14 -30.80 -8.44
CA ILE B 257 -14.27 -29.67 -8.23
C ILE B 257 -13.46 -29.90 -6.97
N VAL B 258 -12.16 -29.72 -7.06
CA VAL B 258 -11.30 -29.61 -5.87
C VAL B 258 -10.50 -28.32 -5.95
N LYS B 259 -10.72 -27.44 -4.97
CA LYS B 259 -10.05 -26.14 -4.95
C LYS B 259 -9.11 -26.02 -3.76
N LYS B 260 -7.89 -25.59 -4.01
CA LYS B 260 -6.86 -25.53 -2.98
C LYS B 260 -6.22 -24.16 -2.88
N GLY B 261 -6.20 -23.44 -3.98
CA GLY B 261 -5.67 -22.09 -4.01
C GLY B 261 -6.45 -21.21 -4.97
N ASP B 262 -6.01 -19.96 -5.13
CA ASP B 262 -6.71 -19.02 -6.01
C ASP B 262 -5.72 -18.35 -6.96
N SER B 263 -6.21 -17.98 -8.15
CA SER B 263 -5.45 -17.06 -8.98
C SER B 263 -6.40 -16.04 -9.61
N THR B 264 -6.36 -15.91 -10.92
CA THR B 264 -7.19 -14.92 -11.59
C THR B 264 -7.30 -15.32 -13.05
N ILE B 265 -8.10 -14.57 -13.81
CA ILE B 265 -8.21 -14.80 -15.23
C ILE B 265 -7.29 -13.84 -15.97
N MET B 266 -6.40 -14.38 -16.78
CA MET B 266 -5.50 -13.52 -17.53
C MET B 266 -6.10 -13.25 -18.89
N LYS B 267 -6.15 -11.97 -19.25
CA LYS B 267 -6.53 -11.57 -20.61
C LYS B 267 -5.28 -11.47 -21.48
N SER B 268 -5.18 -12.36 -22.46
CA SER B 268 -4.01 -12.37 -23.33
C SER B 268 -4.31 -13.00 -24.68
N GLU B 269 -3.59 -12.55 -25.69
CA GLU B 269 -3.85 -13.00 -27.06
C GLU B 269 -2.82 -14.04 -27.49
N LEU B 270 -1.95 -14.41 -26.55
CA LEU B 270 -0.87 -15.33 -26.87
C LEU B 270 -1.31 -16.78 -26.88
N GLU B 271 -0.36 -17.64 -27.26
CA GLU B 271 -0.58 -19.08 -27.30
C GLU B 271 0.36 -19.78 -26.35
N TYR B 272 0.01 -21.01 -25.99
CA TYR B 272 0.87 -21.82 -25.14
C TYR B 272 2.25 -21.96 -25.75
N GLY B 273 3.27 -22.02 -24.91
CA GLY B 273 4.62 -22.12 -25.40
C GLY B 273 5.49 -23.16 -24.71
N ASN B 274 4.86 -24.19 -24.15
CA ASN B 274 5.59 -25.34 -23.57
C ASN B 274 6.79 -24.96 -22.72
N CYS B 275 6.56 -24.12 -21.72
CA CYS B 275 7.63 -23.74 -20.82
C CYS B 275 7.09 -23.72 -19.40
N ASN B 276 7.87 -23.12 -18.51
CA ASN B 276 7.52 -23.08 -17.10
C ASN B 276 8.09 -21.80 -16.51
N THR B 277 7.41 -21.26 -15.48
CA THR B 277 7.84 -20.01 -14.87
C THR B 277 7.35 -19.92 -13.46
N LYS B 278 7.83 -18.89 -12.78
CA LYS B 278 7.30 -18.51 -11.49
C LYS B 278 6.53 -17.20 -11.65
N CYS B 279 6.60 -16.61 -12.82
CA CYS B 279 5.95 -15.33 -13.01
C CYS B 279 5.47 -15.12 -14.45
N GLN B 280 4.16 -15.10 -14.62
CA GLN B 280 3.60 -14.98 -15.95
C GLN B 280 2.97 -13.61 -16.16
N THR B 281 3.17 -13.05 -17.34
CA THR B 281 2.69 -11.72 -17.72
C THR B 281 1.89 -11.96 -19.00
N PRO B 282 0.91 -11.09 -19.31
CA PRO B 282 0.17 -11.29 -20.57
C PRO B 282 1.00 -11.05 -21.83
N MET B 283 2.20 -10.46 -21.69
CA MET B 283 3.11 -10.26 -22.81
C MET B 283 4.15 -11.39 -22.89
N GLY B 284 4.32 -12.13 -21.79
CA GLY B 284 5.22 -13.27 -21.78
C GLY B 284 5.70 -13.58 -20.37
N ALA B 285 6.35 -14.72 -20.17
CA ALA B 285 6.86 -15.07 -18.85
C ALA B 285 8.16 -14.32 -18.48
N ILE B 286 8.42 -14.24 -17.17
CA ILE B 286 9.64 -13.64 -16.67
C ILE B 286 10.50 -14.64 -15.90
N ASN B 287 11.72 -14.86 -16.40
CA ASN B 287 12.75 -15.64 -15.71
C ASN B 287 13.52 -14.71 -14.78
N SER B 288 13.15 -14.74 -13.49
CA SER B 288 13.47 -13.66 -12.59
C SER B 288 14.31 -14.00 -11.36
N SER B 289 15.05 -13.00 -10.89
CA SER B 289 15.79 -13.08 -9.65
C SER B 289 15.93 -11.63 -9.22
N MET B 290 15.94 -10.75 -10.22
CA MET B 290 15.88 -9.31 -9.99
C MET B 290 14.64 -8.94 -9.16
N PRO B 291 14.80 -7.96 -8.26
CA PRO B 291 13.73 -7.50 -7.36
C PRO B 291 12.74 -6.50 -8.00
N PHE B 292 12.97 -6.07 -9.23
CA PHE B 292 12.06 -5.12 -9.88
C PHE B 292 11.93 -5.43 -11.36
N HIS B 293 10.76 -5.09 -11.94
CA HIS B 293 10.57 -5.23 -13.38
C HIS B 293 9.71 -4.09 -13.90
N ASN B 294 9.60 -3.99 -15.22
CA ASN B 294 8.82 -2.93 -15.83
C ASN B 294 8.01 -3.47 -17.01
N ILE B 295 7.86 -4.79 -17.06
CA ILE B 295 7.13 -5.46 -18.15
C ILE B 295 5.66 -5.04 -18.26
N HIS B 296 4.89 -5.28 -17.19
CA HIS B 296 3.42 -5.22 -17.26
C HIS B 296 2.87 -5.40 -15.85
N PRO B 297 1.86 -4.61 -15.47
CA PRO B 297 1.25 -4.67 -14.13
C PRO B 297 0.50 -5.98 -13.80
N LEU B 298 -0.04 -6.62 -14.82
CA LEU B 298 -1.01 -7.70 -14.59
C LEU B 298 -0.40 -9.11 -14.51
N THR B 299 0.36 -9.36 -13.45
CA THR B 299 1.13 -10.58 -13.37
C THR B 299 0.49 -11.64 -12.46
N ILE B 300 0.81 -12.91 -12.72
CA ILE B 300 0.42 -14.01 -11.86
C ILE B 300 1.64 -14.83 -11.48
N GLY B 301 1.79 -15.12 -10.19
CA GLY B 301 2.94 -15.88 -9.71
C GLY B 301 3.81 -15.13 -8.72
N GLU B 302 5.02 -15.63 -8.46
CA GLU B 302 5.95 -14.98 -7.53
C GLU B 302 6.83 -14.03 -8.34
N CYS B 303 6.42 -12.77 -8.41
CA CYS B 303 6.99 -11.82 -9.36
C CYS B 303 7.74 -10.72 -8.65
N PRO B 304 8.71 -10.11 -9.35
CA PRO B 304 9.39 -8.94 -8.78
C PRO B 304 8.45 -7.74 -8.78
N LYS B 305 8.83 -6.69 -8.06
CA LYS B 305 7.99 -5.51 -7.93
C LYS B 305 7.89 -4.67 -9.23
N TYR B 306 6.66 -4.42 -9.67
CA TYR B 306 6.44 -3.59 -10.86
C TYR B 306 6.75 -2.10 -10.58
N VAL B 307 7.47 -1.48 -11.50
CA VAL B 307 8.07 -0.17 -11.25
C VAL B 307 7.98 0.66 -12.53
N LYS B 308 7.88 1.98 -12.41
CA LYS B 308 7.94 2.82 -13.61
C LYS B 308 9.36 3.36 -13.88
N SER B 309 10.20 2.56 -14.51
CA SER B 309 11.61 2.91 -14.65
C SER B 309 12.21 2.11 -15.81
N ASN B 310 13.15 2.72 -16.52
CA ASN B 310 13.78 2.04 -17.62
C ASN B 310 15.14 1.48 -17.25
N ARG B 311 15.58 1.77 -16.03
CA ARG B 311 16.99 1.59 -15.67
C ARG B 311 17.22 1.66 -14.17
N LEU B 312 17.80 0.61 -13.59
CA LEU B 312 18.19 0.68 -12.20
C LEU B 312 19.58 0.10 -12.05
N VAL B 313 20.58 0.93 -12.36
CA VAL B 313 21.97 0.47 -12.48
C VAL B 313 22.78 0.77 -11.23
N LEU B 314 23.23 -0.30 -10.58
CA LEU B 314 24.13 -0.20 -9.44
C LEU B 314 25.59 -0.11 -9.89
N ALA B 315 26.29 0.86 -9.34
CA ALA B 315 27.74 0.93 -9.50
C ALA B 315 28.37 -0.20 -8.71
N ILE B 316 29.26 -0.95 -9.35
CA ILE B 316 30.05 -1.94 -8.62
C ILE B 316 31.55 -1.57 -8.68
N GLY B 317 32.03 -1.23 -9.87
CA GLY B 317 33.42 -0.83 -10.07
C GLY B 317 33.62 0.62 -9.73
N LEU B 318 34.63 1.25 -10.32
CA LEU B 318 34.93 2.64 -9.97
C LEU B 318 34.88 3.61 -11.15
N ARG B 319 34.96 4.92 -10.85
CA ARG B 319 34.97 5.94 -11.89
C ARG B 319 36.02 5.64 -12.95
N ASN B 320 35.61 5.70 -14.20
CA ASN B 320 36.42 5.25 -15.33
C ASN B 320 36.57 6.36 -16.37
N SER B 321 36.93 7.55 -15.88
CA SER B 321 37.08 8.72 -16.73
C SER B 321 38.31 8.67 -17.65
N PRO B 322 38.32 9.56 -18.70
CA PRO B 322 39.32 9.60 -19.77
C PRO B 322 40.63 10.26 -19.34
N GLN C 1 60.51 4.17 27.24
CA GLN C 1 60.16 5.50 26.70
C GLN C 1 58.65 5.84 26.76
N ASP C 2 58.28 7.13 26.66
CA ASP C 2 56.90 7.47 26.99
C ASP C 2 55.93 7.41 25.80
N GLN C 3 54.70 6.96 26.07
CA GLN C 3 53.71 6.81 25.01
C GLN C 3 52.33 7.40 25.31
N ILE C 4 51.65 7.88 24.27
CA ILE C 4 50.24 8.25 24.35
C ILE C 4 49.60 7.46 23.21
N CYS C 5 48.52 6.72 23.50
CA CYS C 5 47.82 5.93 22.48
C CYS C 5 46.33 6.27 22.38
N ILE C 6 45.78 6.20 21.17
CA ILE C 6 44.34 6.39 20.98
C ILE C 6 43.68 5.06 20.63
N GLY C 7 42.53 4.78 21.25
CA GLY C 7 41.83 3.54 21.01
C GLY C 7 40.35 3.62 21.39
N TYR C 8 39.68 2.49 21.38
CA TYR C 8 38.24 2.47 21.57
C TYR C 8 37.76 1.30 22.40
N HIS C 9 36.53 1.43 22.91
CA HIS C 9 35.92 0.48 23.83
C HIS C 9 35.77 -0.92 23.23
N ALA C 10 35.88 -1.91 24.12
CA ALA C 10 35.66 -3.29 23.76
C ALA C 10 35.11 -4.04 24.96
N ASN C 11 34.42 -5.15 24.68
CA ASN C 11 33.93 -6.03 25.71
C ASN C 11 33.77 -7.46 25.22
N ASN C 12 33.08 -8.27 26.02
CA ASN C 12 32.93 -9.70 25.76
C ASN C 12 31.59 -10.05 25.11
N SER C 13 30.84 -9.01 24.75
CA SER C 13 29.52 -9.16 24.15
C SER C 13 29.58 -9.88 22.80
N THR C 14 28.49 -10.59 22.49
CA THR C 14 28.42 -11.35 21.24
C THR C 14 27.27 -10.89 20.36
N GLU C 15 26.64 -9.79 20.75
CA GLU C 15 25.60 -9.18 19.94
C GLU C 15 26.12 -8.92 18.53
N GLN C 16 25.38 -9.45 17.54
CA GLN C 16 25.77 -9.29 16.16
C GLN C 16 24.80 -8.41 15.36
N VAL C 17 25.31 -7.88 14.26
CA VAL C 17 24.60 -6.88 13.50
C VAL C 17 24.93 -7.14 12.05
N ASP C 18 24.00 -6.90 11.14
CA ASP C 18 24.34 -6.98 9.75
C ASP C 18 24.45 -5.57 9.21
N THR C 19 25.09 -5.48 8.04
CA THR C 19 25.45 -4.21 7.44
C THR C 19 25.23 -4.37 5.93
N ILE C 20 25.00 -3.27 5.23
CA ILE C 20 24.86 -3.31 3.78
C ILE C 20 26.01 -4.08 3.10
N MET C 21 27.22 -3.93 3.63
CA MET C 21 28.42 -4.49 3.00
C MET C 21 29.02 -5.70 3.72
N GLU C 22 28.50 -6.03 4.89
CA GLU C 22 29.14 -7.03 5.71
C GLU C 22 28.12 -7.73 6.62
N LYS C 23 28.28 -9.04 6.79
CA LYS C 23 27.41 -9.78 7.69
C LYS C 23 28.07 -10.23 8.98
N ASN C 24 27.24 -10.38 10.01
CA ASN C 24 27.65 -10.96 11.27
C ASN C 24 28.86 -10.26 11.90
N VAL C 25 28.72 -8.94 12.01
CA VAL C 25 29.71 -8.10 12.64
C VAL C 25 29.46 -8.00 14.14
N THR C 26 30.28 -8.66 14.94
CA THR C 26 30.16 -8.59 16.41
C THR C 26 30.32 -7.15 16.87
N VAL C 27 29.59 -6.75 17.90
CA VAL C 27 29.46 -5.33 18.17
C VAL C 27 29.28 -5.14 19.66
N THR C 28 29.59 -3.93 20.14
CA THR C 28 29.67 -3.65 21.58
C THR C 28 28.30 -3.66 22.25
N HIS C 29 27.33 -3.01 21.61
CA HIS C 29 25.95 -2.96 22.09
C HIS C 29 25.01 -2.83 20.89
N ALA C 30 23.82 -3.41 21.02
CA ALA C 30 22.86 -3.43 19.93
C ALA C 30 21.45 -3.29 20.48
N GLN C 31 20.52 -2.82 19.64
CA GLN C 31 19.11 -2.72 20.06
C GLN C 31 18.19 -3.27 18.98
N ASP C 32 17.35 -4.25 19.34
CA ASP C 32 16.37 -4.78 18.38
C ASP C 32 15.19 -3.82 18.22
N ILE C 33 14.78 -3.61 16.98
CA ILE C 33 13.68 -2.68 16.67
C ILE C 33 12.38 -3.44 16.40
N LEU C 34 12.46 -4.78 16.47
CA LEU C 34 11.36 -5.67 16.11
C LEU C 34 10.73 -6.32 17.34
N GLU C 35 9.43 -6.09 17.55
CA GLU C 35 8.69 -6.73 18.65
C GLU C 35 8.31 -8.19 18.32
N LYS C 36 8.65 -9.12 19.23
CA LYS C 36 8.40 -10.55 19.00
C LYS C 36 7.60 -11.17 20.13
N LYS C 37 7.31 -10.39 21.16
CA LYS C 37 6.67 -10.95 22.36
C LYS C 37 5.21 -10.51 22.55
N HIS C 38 4.38 -11.47 22.97
CA HIS C 38 2.98 -11.21 23.28
C HIS C 38 2.60 -11.97 24.55
N ASN C 39 1.54 -11.53 25.23
CA ASN C 39 1.18 -12.08 26.54
C ASN C 39 0.23 -13.27 26.52
N GLY C 40 -0.08 -13.78 25.32
CA GLY C 40 -0.94 -14.96 25.21
C GLY C 40 -2.35 -14.80 25.80
N LYS C 41 -2.77 -13.55 26.00
CA LYS C 41 -4.07 -13.26 26.58
C LYS C 41 -4.99 -12.29 25.80
N LEU C 42 -6.30 -12.38 26.06
CA LEU C 42 -7.26 -11.43 25.45
C LEU C 42 -7.54 -10.30 26.42
N CYS C 43 -7.29 -9.07 25.99
CA CYS C 43 -7.33 -7.95 26.91
C CYS C 43 -8.28 -6.88 26.44
N ASP C 44 -8.60 -5.97 27.35
CA ASP C 44 -9.27 -4.72 27.02
C ASP C 44 -8.46 -3.99 26.00
N LEU C 45 -9.12 -3.13 25.25
CA LEU C 45 -8.45 -2.38 24.23
C LEU C 45 -8.71 -0.93 24.58
N ASP C 46 -7.64 -0.23 24.98
CA ASP C 46 -7.71 1.15 25.43
C ASP C 46 -8.77 1.34 26.51
N GLY C 47 -8.78 0.41 27.47
CA GLY C 47 -9.67 0.52 28.60
C GLY C 47 -11.04 -0.10 28.42
N VAL C 48 -11.37 -0.54 27.20
CA VAL C 48 -12.68 -1.15 26.97
C VAL C 48 -12.55 -2.64 26.71
N LYS C 49 -13.29 -3.44 27.48
CA LYS C 49 -13.23 -4.88 27.35
C LYS C 49 -13.97 -5.33 26.10
N PRO C 50 -13.50 -6.44 25.50
CA PRO C 50 -14.18 -7.01 24.34
C PRO C 50 -15.44 -7.78 24.71
N LEU C 51 -16.36 -7.87 23.76
CA LEU C 51 -17.46 -8.82 23.83
C LEU C 51 -16.92 -10.20 23.45
N ILE C 52 -16.76 -11.07 24.44
CA ILE C 52 -16.28 -12.43 24.17
C ILE C 52 -17.49 -13.35 24.13
N LEU C 53 -17.81 -13.78 22.93
CA LEU C 53 -18.81 -14.82 22.70
C LEU C 53 -18.04 -16.14 22.84
N ARG C 54 -18.57 -17.08 23.60
CA ARG C 54 -17.79 -18.27 23.86
C ARG C 54 -18.02 -19.26 22.75
N ASP C 55 -19.06 -20.09 22.87
CA ASP C 55 -19.35 -21.01 21.78
C ASP C 55 -20.57 -20.55 21.01
N CYS C 56 -20.72 -19.23 20.99
CA CYS C 56 -21.88 -18.58 20.44
C CYS C 56 -21.44 -17.69 19.28
N SER C 57 -22.20 -17.72 18.20
CA SER C 57 -21.97 -16.78 17.12
C SER C 57 -22.67 -15.47 17.41
N VAL C 58 -22.42 -14.45 16.59
CA VAL C 58 -23.11 -13.19 16.77
C VAL C 58 -24.62 -13.38 16.57
N ALA C 59 -24.98 -14.19 15.59
CA ALA C 59 -26.39 -14.37 15.28
C ALA C 59 -27.05 -15.08 16.43
N GLY C 60 -26.36 -16.11 16.93
CA GLY C 60 -26.90 -16.94 18.00
C GLY C 60 -27.07 -16.13 19.27
N TRP C 61 -26.14 -15.21 19.51
CA TRP C 61 -26.18 -14.34 20.67
C TRP C 61 -27.31 -13.30 20.54
N LEU C 62 -27.47 -12.69 19.36
CA LEU C 62 -28.51 -11.65 19.14
C LEU C 62 -29.95 -12.14 19.19
N LEU C 63 -30.21 -13.19 18.42
CA LEU C 63 -31.45 -13.91 18.57
C LEU C 63 -31.00 -14.60 19.84
N GLY C 64 -31.84 -14.94 20.78
CA GLY C 64 -31.21 -15.59 21.94
C GLY C 64 -31.32 -17.12 21.76
N ASN C 65 -30.40 -17.69 21.00
CA ASN C 65 -30.26 -19.15 20.92
C ASN C 65 -30.21 -19.69 22.34
N PRO C 66 -31.16 -20.58 22.70
CA PRO C 66 -31.36 -21.07 24.07
C PRO C 66 -30.07 -21.64 24.67
N MET C 67 -29.28 -22.32 23.84
CA MET C 67 -28.06 -23.00 24.31
C MET C 67 -26.90 -22.04 24.50
N CYS C 68 -27.11 -20.76 24.20
CA CYS C 68 -26.06 -19.77 24.42
C CYS C 68 -26.23 -19.30 25.83
N ASP C 69 -25.11 -19.08 26.51
CA ASP C 69 -25.13 -18.62 27.87
C ASP C 69 -26.00 -17.38 28.01
N GLU C 70 -26.68 -17.32 29.14
CA GLU C 70 -27.71 -16.33 29.38
C GLU C 70 -27.23 -14.93 29.51
N PHE C 71 -27.88 -14.12 28.63
CA PHE C 71 -27.65 -12.70 28.27
C PHE C 71 -26.74 -11.96 29.19
N ILE C 72 -25.51 -11.80 28.74
CA ILE C 72 -24.57 -11.08 29.55
C ILE C 72 -24.82 -9.57 29.30
N ASN C 73 -25.56 -8.83 30.16
CA ASN C 73 -25.63 -7.41 29.79
C ASN C 73 -24.29 -6.72 29.84
N VAL C 74 -23.55 -6.88 28.76
CA VAL C 74 -22.38 -6.06 28.49
C VAL C 74 -22.89 -4.81 27.76
N PRO C 75 -22.78 -3.65 28.39
CA PRO C 75 -23.35 -2.42 27.83
C PRO C 75 -22.44 -1.74 26.80
N GLU C 76 -21.20 -2.22 26.69
CA GLU C 76 -20.18 -1.51 25.91
C GLU C 76 -19.03 -2.46 25.56
N TRP C 77 -18.45 -2.34 24.37
CA TRP C 77 -17.28 -3.17 24.01
C TRP C 77 -16.47 -2.57 22.87
N SER C 78 -15.23 -3.00 22.73
CA SER C 78 -14.34 -2.38 21.75
C SER C 78 -14.13 -3.30 20.55
N TYR C 79 -14.31 -4.59 20.74
CA TYR C 79 -14.25 -5.53 19.63
C TYR C 79 -14.97 -6.81 20.03
N ILE C 80 -15.22 -7.70 19.06
CA ILE C 80 -15.94 -8.93 19.36
C ILE C 80 -15.03 -10.11 19.12
N VAL C 81 -15.03 -11.06 20.05
CA VAL C 81 -14.27 -12.28 19.84
C VAL C 81 -15.21 -13.45 19.61
N GLU C 82 -14.97 -14.16 18.52
CA GLU C 82 -15.72 -15.35 18.20
C GLU C 82 -14.70 -16.46 18.07
N LYS C 83 -15.12 -17.70 18.32
CA LYS C 83 -14.27 -18.84 18.03
C LYS C 83 -14.35 -19.11 16.55
N ALA C 84 -13.33 -19.77 16.00
CA ALA C 84 -13.27 -20.06 14.57
C ALA C 84 -14.58 -20.65 14.05
N ASN C 85 -15.04 -21.72 14.69
CA ASN C 85 -16.30 -22.37 14.31
C ASN C 85 -17.23 -22.61 15.50
N PRO C 86 -17.98 -21.55 15.91
CA PRO C 86 -18.80 -21.57 17.13
C PRO C 86 -19.92 -22.61 17.04
N VAL C 87 -20.18 -23.34 18.13
CA VAL C 87 -21.10 -24.49 18.12
C VAL C 87 -22.56 -24.05 18.09
N ASN C 88 -22.82 -22.90 18.72
CA ASN C 88 -24.16 -22.39 18.84
C ASN C 88 -24.37 -21.17 17.96
N ASP C 89 -24.89 -21.40 16.76
CA ASP C 89 -25.20 -20.35 15.80
C ASP C 89 -26.74 -20.27 15.66
N LEU C 90 -27.26 -20.61 14.49
CA LEU C 90 -28.70 -20.71 14.34
C LEU C 90 -29.19 -22.10 14.72
N CYS C 91 -29.86 -22.25 15.88
CA CYS C 91 -30.33 -23.58 16.25
C CYS C 91 -31.32 -24.16 15.23
N TYR C 92 -32.30 -23.37 14.79
CA TYR C 92 -33.12 -23.77 13.67
C TYR C 92 -32.35 -23.35 12.40
N PRO C 93 -32.18 -24.27 11.45
CA PRO C 93 -31.35 -23.93 10.30
C PRO C 93 -31.93 -22.81 9.44
N GLY C 94 -31.01 -22.04 8.86
CA GLY C 94 -31.40 -20.97 7.98
C GLY C 94 -30.28 -19.96 7.78
N ASP C 95 -30.68 -18.71 7.61
CA ASP C 95 -29.78 -17.64 7.16
C ASP C 95 -30.09 -16.33 7.89
N PHE C 96 -29.08 -15.49 7.92
CA PHE C 96 -29.20 -14.12 8.37
C PHE C 96 -28.89 -13.20 7.18
N ASN C 97 -29.89 -12.45 6.72
CA ASN C 97 -29.72 -11.47 5.67
C ASN C 97 -28.73 -10.35 6.07
N ASP C 98 -27.87 -9.93 5.14
CA ASP C 98 -26.78 -8.96 5.41
C ASP C 98 -26.04 -9.21 6.71
N TYR C 99 -25.71 -10.47 6.97
CA TYR C 99 -25.12 -10.84 8.25
C TYR C 99 -23.77 -10.15 8.53
N GLU C 100 -22.89 -10.14 7.55
CA GLU C 100 -21.52 -9.63 7.75
C GLU C 100 -21.54 -8.14 7.99
N GLU C 101 -22.43 -7.43 7.32
CA GLU C 101 -22.56 -6.01 7.56
C GLU C 101 -23.09 -5.73 8.99
N LEU C 102 -23.93 -6.63 9.49
CA LEU C 102 -24.47 -6.52 10.84
C LEU C 102 -23.33 -6.76 11.85
N LYS C 103 -22.52 -7.78 11.60
CA LYS C 103 -21.41 -8.11 12.51
C LYS C 103 -20.42 -6.95 12.53
N HIS C 104 -20.19 -6.35 11.39
CA HIS C 104 -19.27 -5.22 11.33
C HIS C 104 -19.86 -4.05 12.08
N LEU C 105 -21.15 -3.85 11.91
CA LEU C 105 -21.80 -2.76 12.64
C LEU C 105 -21.67 -2.95 14.16
N LEU C 106 -21.74 -4.19 14.61
CA LEU C 106 -21.79 -4.47 16.04
C LEU C 106 -20.41 -4.65 16.64
N SER C 107 -19.40 -4.63 15.79
CA SER C 107 -18.05 -4.97 16.21
C SER C 107 -17.54 -4.05 17.33
N ARG C 108 -17.94 -2.77 17.29
CA ARG C 108 -17.60 -1.86 18.36
C ARG C 108 -18.78 -1.03 18.73
N ILE C 109 -19.18 -1.10 20.00
CA ILE C 109 -20.41 -0.48 20.39
C ILE C 109 -20.26 0.33 21.65
N ASN C 110 -20.79 1.56 21.64
CA ASN C 110 -20.60 2.47 22.75
C ASN C 110 -21.66 2.27 23.81
N HIS C 111 -22.86 1.86 23.38
CA HIS C 111 -23.92 1.55 24.31
C HIS C 111 -24.90 0.53 23.75
N PHE C 112 -25.20 -0.50 24.55
CA PHE C 112 -26.03 -1.61 24.10
C PHE C 112 -26.97 -1.98 25.24
N GLU C 113 -28.25 -2.12 24.95
CA GLU C 113 -29.19 -2.43 26.01
C GLU C 113 -30.40 -3.12 25.41
N LYS C 114 -30.65 -4.36 25.81
CA LYS C 114 -31.79 -5.11 25.30
C LYS C 114 -33.06 -4.60 25.97
N ILE C 115 -34.10 -4.34 25.18
CA ILE C 115 -35.39 -3.96 25.74
C ILE C 115 -36.52 -4.71 25.08
N GLN C 116 -37.63 -4.86 25.82
CA GLN C 116 -38.79 -5.53 25.29
C GLN C 116 -39.60 -4.56 24.46
N ILE C 117 -39.85 -4.94 23.21
CA ILE C 117 -40.48 -4.09 22.20
C ILE C 117 -41.92 -4.55 21.98
N ILE C 118 -42.13 -5.86 21.90
CA ILE C 118 -43.47 -6.41 21.72
C ILE C 118 -43.63 -7.60 22.63
N PRO C 119 -44.42 -7.44 23.71
CA PRO C 119 -44.58 -8.53 24.67
C PRO C 119 -45.23 -9.72 24.00
N LYS C 120 -44.74 -10.89 24.38
CA LYS C 120 -45.27 -12.16 23.92
C LYS C 120 -46.75 -12.24 24.22
N SER C 121 -47.13 -11.82 25.42
CA SER C 121 -48.51 -11.90 25.87
C SER C 121 -49.47 -11.12 24.99
N SER C 122 -48.95 -10.34 24.06
CA SER C 122 -49.79 -9.44 23.28
C SER C 122 -50.30 -10.04 21.96
N TRP C 123 -49.98 -11.32 21.71
CA TRP C 123 -50.54 -11.97 20.52
C TRP C 123 -51.77 -12.78 20.95
N SER C 124 -52.94 -12.16 20.88
CA SER C 124 -54.15 -12.81 21.37
C SER C 124 -54.88 -13.61 20.31
N SER C 125 -54.68 -13.29 19.04
CA SER C 125 -55.32 -14.00 17.93
C SER C 125 -54.44 -15.11 17.36
N HIS C 126 -53.27 -15.31 17.95
CA HIS C 126 -52.28 -16.25 17.41
C HIS C 126 -51.63 -17.00 18.58
N GLU C 127 -51.16 -18.21 18.33
CA GLU C 127 -50.43 -18.97 19.34
C GLU C 127 -48.99 -18.50 19.40
N ALA C 128 -48.53 -18.10 20.58
CA ALA C 128 -47.16 -17.62 20.77
C ALA C 128 -46.33 -18.59 21.59
N SER C 129 -46.90 -19.73 21.94
CA SER C 129 -46.21 -20.64 22.84
C SER C 129 -45.84 -21.98 22.22
N LEU C 130 -46.37 -22.26 21.02
CA LEU C 130 -46.18 -23.55 20.35
C LEU C 130 -45.02 -23.45 19.35
N GLY C 131 -44.48 -22.25 19.21
CA GLY C 131 -43.44 -22.03 18.21
C GLY C 131 -42.10 -22.51 18.72
N VAL C 132 -41.96 -23.81 18.74
CA VAL C 132 -40.90 -24.45 19.51
C VAL C 132 -40.31 -25.60 18.67
N SER C 133 -39.03 -25.91 18.84
CA SER C 133 -38.40 -26.93 18.01
C SER C 133 -37.39 -27.78 18.76
N SER C 134 -37.26 -29.06 18.39
CA SER C 134 -36.27 -29.96 19.03
C SER C 134 -34.86 -29.59 18.61
N ALA C 135 -34.75 -28.88 17.49
CA ALA C 135 -33.45 -28.38 17.06
C ALA C 135 -32.99 -27.18 17.91
N CYS C 136 -33.87 -26.67 18.77
CA CYS C 136 -33.56 -25.56 19.67
C CYS C 136 -33.90 -25.95 21.10
N PRO C 137 -33.16 -26.93 21.65
CA PRO C 137 -33.49 -27.47 22.99
C PRO C 137 -33.05 -26.57 24.12
N TYR C 138 -33.89 -26.36 25.14
CA TYR C 138 -33.43 -25.52 26.24
C TYR C 138 -32.96 -26.42 27.38
N GLN C 139 -33.68 -27.45 27.78
CA GLN C 139 -32.99 -28.36 28.73
C GLN C 139 -33.63 -29.71 28.54
N GLY C 140 -33.32 -30.34 27.41
CA GLY C 140 -34.13 -31.46 26.98
C GLY C 140 -35.53 -31.09 26.52
N LYS C 141 -35.98 -29.83 26.66
CA LYS C 141 -37.26 -29.56 26.00
C LYS C 141 -37.08 -28.74 24.71
N SER C 142 -38.00 -28.98 23.77
CA SER C 142 -38.09 -28.20 22.56
C SER C 142 -38.34 -26.73 22.93
N SER C 143 -37.42 -25.86 22.52
CA SER C 143 -37.55 -24.42 22.74
C SER C 143 -37.37 -23.61 21.45
N PHE C 144 -37.00 -22.35 21.58
CA PHE C 144 -36.82 -21.51 20.41
C PHE C 144 -35.91 -20.34 20.78
N PHE C 145 -35.41 -19.60 19.79
CA PHE C 145 -34.71 -18.34 20.04
C PHE C 145 -35.53 -17.51 21.04
N ARG C 146 -34.87 -16.80 21.94
CA ARG C 146 -35.58 -16.16 23.04
C ARG C 146 -36.03 -14.75 22.78
N ASN C 147 -35.47 -14.13 21.75
CA ASN C 147 -35.69 -12.70 21.51
C ASN C 147 -36.71 -12.42 20.43
N VAL C 148 -37.22 -13.52 19.89
CA VAL C 148 -37.99 -13.47 18.68
C VAL C 148 -39.05 -14.57 18.86
N VAL C 149 -40.25 -14.39 18.33
CA VAL C 149 -41.36 -15.29 18.62
C VAL C 149 -41.89 -15.97 17.37
N TRP C 150 -41.86 -17.30 17.36
CA TRP C 150 -42.50 -18.04 16.29
C TRP C 150 -44.03 -18.15 16.42
N LEU C 151 -44.79 -17.24 15.80
CA LEU C 151 -46.25 -17.29 15.88
C LEU C 151 -46.84 -18.43 15.07
N ILE C 152 -47.86 -19.08 15.63
CA ILE C 152 -48.52 -20.21 14.95
C ILE C 152 -50.03 -19.95 14.95
N LYS C 153 -50.78 -20.54 14.03
CA LYS C 153 -52.24 -20.32 13.99
C LYS C 153 -52.91 -20.70 15.31
N LYS C 154 -53.96 -19.97 15.65
CA LYS C 154 -54.73 -20.27 16.85
C LYS C 154 -56.08 -20.87 16.44
N ASP C 155 -56.43 -21.99 17.05
CA ASP C 155 -57.50 -22.85 16.52
C ASP C 155 -56.99 -23.07 15.10
N SER C 156 -57.82 -22.77 14.13
CA SER C 156 -57.48 -23.06 12.74
C SER C 156 -57.49 -21.78 11.94
N THR C 157 -57.04 -20.70 12.57
CA THR C 157 -57.04 -19.41 11.89
C THR C 157 -55.79 -18.62 12.20
N TYR C 158 -55.39 -17.82 11.23
CA TYR C 158 -54.30 -16.91 11.39
C TYR C 158 -54.79 -15.65 10.76
N PRO C 159 -55.40 -14.81 11.57
CA PRO C 159 -55.83 -13.50 11.06
C PRO C 159 -54.59 -12.63 10.77
N THR C 160 -54.79 -11.64 9.92
CA THR C 160 -53.72 -10.73 9.56
C THR C 160 -53.21 -9.95 10.78
N ILE C 161 -51.90 -9.95 10.96
CA ILE C 161 -51.24 -9.17 12.02
C ILE C 161 -50.92 -7.80 11.45
N LYS C 162 -51.26 -6.75 12.19
CA LYS C 162 -50.85 -5.38 11.90
C LYS C 162 -50.35 -4.83 13.19
N ARG C 163 -49.06 -4.60 13.29
CA ARG C 163 -48.51 -4.19 14.55
C ARG C 163 -47.45 -3.14 14.32
N SER C 164 -47.43 -2.12 15.15
CA SER C 164 -46.46 -1.08 14.93
C SER C 164 -45.75 -0.70 16.24
N TYR C 165 -44.49 -0.30 16.13
CA TYR C 165 -43.75 0.10 17.32
C TYR C 165 -43.03 1.39 17.02
N ASN C 166 -43.25 2.39 17.86
CA ASN C 166 -42.66 3.69 17.69
C ASN C 166 -41.47 3.78 18.63
N ASN C 167 -40.29 4.08 18.10
CA ASN C 167 -39.09 4.16 18.93
C ASN C 167 -39.12 5.46 19.73
N THR C 168 -39.64 5.37 20.96
CA THR C 168 -39.70 6.52 21.86
C THR C 168 -38.43 6.60 22.69
N ASN C 169 -37.49 5.68 22.50
CA ASN C 169 -36.23 5.77 23.20
C ASN C 169 -35.40 6.86 22.55
N GLN C 170 -34.21 7.11 23.08
CA GLN C 170 -33.43 8.24 22.61
C GLN C 170 -32.29 7.78 21.72
N GLU C 171 -32.30 6.50 21.39
CA GLU C 171 -31.17 5.90 20.71
C GLU C 171 -31.66 5.06 19.53
N ASP C 172 -30.75 4.71 18.61
CA ASP C 172 -31.20 3.87 17.51
C ASP C 172 -31.62 2.51 18.07
N LEU C 173 -32.59 1.88 17.44
CA LEU C 173 -32.99 0.54 17.82
C LEU C 173 -32.57 -0.48 16.74
N LEU C 174 -31.86 -1.54 17.11
CA LEU C 174 -31.65 -2.69 16.22
C LEU C 174 -32.86 -3.58 16.39
N VAL C 175 -33.66 -3.70 15.33
CA VAL C 175 -34.79 -4.60 15.31
C VAL C 175 -34.57 -5.81 14.39
N LEU C 176 -34.96 -6.98 14.90
CA LEU C 176 -34.71 -8.27 14.23
C LEU C 176 -36.03 -8.99 14.05
N TRP C 177 -36.27 -9.54 12.87
CA TRP C 177 -37.43 -10.41 12.67
C TRP C 177 -37.06 -11.49 11.70
N GLY C 178 -38.00 -12.36 11.42
CA GLY C 178 -37.69 -13.49 10.55
C GLY C 178 -38.87 -13.99 9.76
N ILE C 179 -38.59 -14.84 8.77
CA ILE C 179 -39.63 -15.54 8.05
C ILE C 179 -39.28 -17.03 8.04
N HIS C 180 -40.31 -17.87 8.14
CA HIS C 180 -40.16 -19.31 8.09
C HIS C 180 -40.54 -19.82 6.69
N HIS C 181 -39.64 -20.55 6.05
CA HIS C 181 -39.87 -21.22 4.77
C HIS C 181 -40.09 -22.71 5.03
N PRO C 182 -41.33 -23.16 4.89
CA PRO C 182 -41.66 -24.57 5.13
C PRO C 182 -41.23 -25.52 3.98
N ASN C 183 -41.41 -26.83 4.20
CA ASN C 183 -41.11 -27.86 3.19
C ASN C 183 -42.18 -28.13 2.15
N ASP C 184 -43.46 -27.96 2.49
CA ASP C 184 -44.54 -28.21 1.53
C ASP C 184 -45.78 -27.52 1.94
N ALA C 185 -46.80 -27.60 1.07
CA ALA C 185 -48.07 -26.90 1.28
C ALA C 185 -48.77 -27.37 2.56
N ALA C 186 -48.52 -28.63 2.93
CA ALA C 186 -49.26 -29.28 4.00
C ALA C 186 -48.81 -28.66 5.30
N GLU C 187 -47.52 -28.53 5.43
CA GLU C 187 -46.91 -27.86 6.57
C GLU C 187 -47.25 -26.37 6.66
N GLN C 188 -47.22 -25.68 5.53
CA GLN C 188 -47.78 -24.33 5.45
C GLN C 188 -49.20 -24.28 6.05
N THR C 189 -50.07 -25.19 5.64
CA THR C 189 -51.46 -25.23 6.13
C THR C 189 -51.52 -25.58 7.62
N LYS C 190 -50.68 -26.50 8.04
CA LYS C 190 -50.69 -26.97 9.41
C LYS C 190 -50.25 -25.89 10.40
N LEU C 191 -49.23 -25.12 10.04
CA LEU C 191 -48.69 -24.09 10.93
C LEU C 191 -49.46 -22.77 10.92
N TYR C 192 -49.75 -22.29 9.72
CA TYR C 192 -50.39 -20.98 9.50
C TYR C 192 -51.59 -21.50 8.81
N GLN C 193 -52.60 -20.74 8.51
CA GLN C 193 -53.65 -21.50 7.83
C GLN C 193 -53.64 -21.17 6.36
N ASN C 194 -53.34 -19.91 6.09
CA ASN C 194 -53.43 -19.33 4.78
C ASN C 194 -52.35 -19.97 3.93
N PRO C 195 -52.68 -20.27 2.66
CA PRO C 195 -51.75 -20.95 1.76
C PRO C 195 -50.78 -19.98 1.12
N THR C 196 -51.27 -18.78 0.76
CA THR C 196 -50.47 -17.77 0.09
C THR C 196 -50.27 -16.63 1.10
N THR C 197 -49.03 -16.22 1.32
CA THR C 197 -48.75 -15.52 2.56
C THR C 197 -47.59 -14.53 2.40
N TYR C 198 -47.50 -13.55 3.29
CA TYR C 198 -46.49 -12.49 3.16
C TYR C 198 -46.16 -11.84 4.51
N ILE C 199 -45.04 -11.12 4.56
CA ILE C 199 -44.71 -10.26 5.66
C ILE C 199 -44.25 -8.95 5.08
N SER C 200 -44.91 -7.85 5.39
CA SER C 200 -44.42 -6.55 4.96
C SER C 200 -43.93 -5.82 6.17
N VAL C 201 -42.84 -5.10 5.97
CA VAL C 201 -42.24 -4.31 7.00
C VAL C 201 -41.91 -2.94 6.46
N GLY C 202 -42.35 -1.90 7.16
CA GLY C 202 -42.16 -0.55 6.71
C GLY C 202 -41.67 0.39 7.79
N THR C 203 -40.84 1.35 7.39
CA THR C 203 -40.09 2.25 8.26
C THR C 203 -40.15 3.60 7.52
N SER C 204 -39.42 4.63 7.95
CA SER C 204 -39.27 5.85 7.13
C SER C 204 -38.43 5.56 5.89
N THR C 205 -37.75 4.40 5.91
CA THR C 205 -36.65 4.09 5.01
C THR C 205 -36.82 2.71 4.40
N LEU C 206 -37.41 1.80 5.17
CA LEU C 206 -37.48 0.40 4.79
C LEU C 206 -38.82 0.13 4.11
N ASN C 207 -38.79 -0.55 2.97
CA ASN C 207 -40.02 -0.92 2.27
C ASN C 207 -39.98 -2.40 1.85
N GLN C 208 -40.23 -3.30 2.77
CA GLN C 208 -39.90 -4.69 2.52
C GLN C 208 -41.14 -5.53 2.40
N ARG C 209 -41.09 -6.53 1.53
CA ARG C 209 -42.16 -7.50 1.45
C ARG C 209 -41.66 -8.90 1.15
N LEU C 210 -41.74 -9.76 2.16
CA LEU C 210 -41.15 -11.10 2.16
C LEU C 210 -42.22 -12.12 1.88
N VAL C 211 -41.88 -13.11 1.06
CA VAL C 211 -42.77 -14.20 0.70
C VAL C 211 -42.03 -15.49 0.96
N PRO C 212 -42.68 -16.47 1.59
CA PRO C 212 -41.99 -17.72 1.91
C PRO C 212 -41.73 -18.55 0.65
N ARG C 213 -40.58 -19.19 0.56
CA ARG C 213 -40.25 -20.04 -0.56
C ARG C 213 -40.42 -21.51 -0.14
N ILE C 214 -41.46 -22.18 -0.64
CA ILE C 214 -41.55 -23.63 -0.47
C ILE C 214 -40.64 -24.34 -1.50
N ALA C 215 -39.83 -25.28 -1.02
CA ALA C 215 -38.92 -26.05 -1.85
C ALA C 215 -38.58 -27.27 -1.00
N THR C 216 -38.30 -28.38 -1.66
CA THR C 216 -37.83 -29.56 -0.99
C THR C 216 -36.33 -29.37 -0.71
N ARG C 217 -35.90 -29.60 0.53
CA ARG C 217 -34.52 -29.34 0.92
C ARG C 217 -33.96 -30.52 1.69
N SER C 218 -32.64 -30.54 1.80
CA SER C 218 -32.00 -31.52 2.64
C SER C 218 -32.29 -31.19 4.09
N LYS C 219 -32.28 -32.23 4.93
CA LYS C 219 -32.44 -32.02 6.34
C LYS C 219 -31.15 -31.49 6.94
N VAL C 220 -31.31 -30.50 7.83
CA VAL C 220 -30.21 -30.05 8.65
C VAL C 220 -30.78 -30.13 10.06
N LYS C 221 -30.06 -30.77 10.99
CA LYS C 221 -30.63 -31.10 12.31
C LYS C 221 -31.97 -31.84 12.15
N GLY C 222 -32.09 -32.66 11.11
CA GLY C 222 -33.33 -33.38 10.90
C GLY C 222 -34.45 -32.53 10.33
N LEU C 223 -34.18 -31.25 10.09
CA LEU C 223 -35.21 -30.33 9.61
C LEU C 223 -35.01 -29.91 8.15
N SER C 224 -36.10 -29.85 7.40
CA SER C 224 -36.08 -29.32 6.05
C SER C 224 -36.55 -27.86 5.97
N GLY C 225 -37.28 -27.37 6.97
CA GLY C 225 -37.71 -25.98 6.93
C GLY C 225 -36.50 -25.09 7.11
N ARG C 226 -36.65 -23.79 6.83
CA ARG C 226 -35.59 -22.82 7.03
C ARG C 226 -36.14 -21.56 7.66
N MET C 227 -35.28 -20.84 8.36
CA MET C 227 -35.64 -19.60 9.00
C MET C 227 -34.69 -18.55 8.43
N GLU C 228 -35.24 -17.48 7.88
CA GLU C 228 -34.42 -16.39 7.38
C GLU C 228 -34.66 -15.13 8.18
N PHE C 229 -33.62 -14.54 8.74
CA PHE C 229 -33.73 -13.35 9.58
C PHE C 229 -33.26 -12.08 8.88
N PHE C 230 -33.83 -10.96 9.30
CA PHE C 230 -33.64 -9.63 8.72
C PHE C 230 -33.55 -8.65 9.86
N TRP C 231 -33.07 -7.47 9.55
CA TRP C 231 -32.87 -6.48 10.60
C TRP C 231 -32.91 -5.08 10.06
N THR C 232 -33.32 -4.09 10.88
CA THR C 232 -33.01 -2.68 10.57
C THR C 232 -32.55 -1.93 11.79
N ILE C 233 -32.14 -0.69 11.52
CA ILE C 233 -31.92 0.30 12.53
C ILE C 233 -33.12 1.26 12.49
N LEU C 234 -33.88 1.31 13.56
CA LEU C 234 -34.98 2.23 13.68
C LEU C 234 -34.51 3.48 14.38
N LYS C 235 -34.55 4.61 13.68
CA LYS C 235 -34.19 5.91 14.27
C LYS C 235 -35.14 6.37 15.37
N PRO C 236 -34.65 7.17 16.33
CA PRO C 236 -35.53 7.77 17.35
C PRO C 236 -36.72 8.48 16.69
N ASN C 237 -37.91 8.26 17.24
CA ASN C 237 -39.14 8.87 16.71
C ASN C 237 -39.60 8.37 15.35
N ASP C 238 -38.96 7.33 14.83
CA ASP C 238 -39.54 6.61 13.71
C ASP C 238 -40.35 5.43 14.26
N ALA C 239 -41.29 4.93 13.46
CA ALA C 239 -41.98 3.69 13.77
C ALA C 239 -41.66 2.60 12.73
N ILE C 240 -41.85 1.36 13.14
CA ILE C 240 -41.74 0.22 12.26
C ILE C 240 -43.12 -0.45 12.28
N ASN C 241 -43.61 -0.81 11.09
CA ASN C 241 -44.93 -1.44 10.87
C ASN C 241 -44.82 -2.82 10.24
N PHE C 242 -45.30 -3.83 10.95
CA PHE C 242 -45.34 -5.19 10.48
C PHE C 242 -46.75 -5.51 10.09
N GLU C 243 -46.91 -6.15 8.93
CA GLU C 243 -48.17 -6.72 8.57
C GLU C 243 -47.90 -8.13 8.06
N SER C 244 -48.66 -9.11 8.51
CA SER C 244 -48.36 -10.47 8.06
C SER C 244 -49.52 -11.45 8.10
N ASN C 245 -49.46 -12.33 7.12
CA ASN C 245 -50.42 -13.37 6.85
C ASN C 245 -50.03 -14.73 7.46
N GLY C 246 -48.84 -14.81 8.03
CA GLY C 246 -48.26 -16.08 8.45
C GLY C 246 -46.76 -16.17 8.18
N ASN C 247 -46.12 -17.24 8.66
CA ASN C 247 -44.67 -17.45 8.50
C ASN C 247 -43.83 -16.34 9.14
N PHE C 248 -44.47 -15.48 9.94
CA PHE C 248 -43.81 -14.36 10.64
C PHE C 248 -43.07 -14.80 11.92
N ILE C 249 -41.81 -14.43 12.03
CA ILE C 249 -41.10 -14.67 13.26
C ILE C 249 -40.90 -13.28 13.87
N ALA C 250 -41.75 -12.96 14.85
CA ALA C 250 -41.99 -11.61 15.28
C ALA C 250 -40.92 -11.16 16.25
N PRO C 251 -40.62 -9.86 16.25
CA PRO C 251 -39.73 -9.35 17.31
C PRO C 251 -40.41 -9.47 18.71
N GLU C 252 -39.60 -9.64 19.73
CA GLU C 252 -40.08 -9.50 21.10
C GLU C 252 -39.14 -8.53 21.75
N TYR C 253 -37.85 -8.82 21.64
CA TYR C 253 -36.81 -7.93 22.17
C TYR C 253 -36.04 -7.28 21.05
N ALA C 254 -35.66 -6.03 21.27
CA ALA C 254 -34.81 -5.29 20.36
C ALA C 254 -33.68 -4.67 21.16
N TYR C 255 -32.77 -3.98 20.49
CA TYR C 255 -31.62 -3.40 21.20
C TYR C 255 -31.41 -1.91 20.99
N LYS C 256 -31.34 -1.15 22.07
CA LYS C 256 -30.87 0.22 21.96
C LYS C 256 -29.39 0.15 21.61
N ILE C 257 -29.00 0.98 20.67
CA ILE C 257 -27.67 0.97 20.08
C ILE C 257 -27.15 2.41 20.00
N VAL C 258 -25.92 2.58 20.47
CA VAL C 258 -25.12 3.77 20.23
C VAL C 258 -23.77 3.38 19.66
N LYS C 259 -23.51 3.88 18.45
CA LYS C 259 -22.28 3.55 17.74
C LYS C 259 -21.44 4.80 17.50
N LYS C 260 -20.15 4.72 17.83
CA LYS C 260 -19.28 5.89 17.75
C LYS C 260 -18.05 5.60 16.92
N GLY C 261 -17.66 4.33 16.86
CA GLY C 261 -16.51 3.93 16.08
C GLY C 261 -16.69 2.53 15.55
N ASP C 262 -15.66 2.00 14.91
CA ASP C 262 -15.75 0.68 14.28
C ASP C 262 -14.53 -0.18 14.58
N SER C 263 -14.72 -1.49 14.68
CA SER C 263 -13.57 -2.37 14.73
C SER C 263 -13.86 -3.56 13.85
N THR C 264 -13.64 -4.77 14.35
CA THR C 264 -13.91 -5.95 13.53
C THR C 264 -14.16 -7.13 14.45
N ILE C 265 -14.42 -8.28 13.88
CA ILE C 265 -14.60 -9.48 14.66
C ILE C 265 -13.28 -10.22 14.70
N MET C 266 -12.78 -10.50 15.90
CA MET C 266 -11.56 -11.29 16.01
C MET C 266 -11.91 -12.75 16.18
N LYS C 267 -11.27 -13.60 15.38
CA LYS C 267 -11.38 -15.04 15.54
C LYS C 267 -10.23 -15.55 16.43
N SER C 268 -10.58 -16.02 17.62
CA SER C 268 -9.56 -16.49 18.55
C SER C 268 -10.13 -17.51 19.52
N GLU C 269 -9.26 -18.44 19.95
CA GLU C 269 -9.67 -19.51 20.84
C GLU C 269 -9.33 -19.19 22.30
N LEU C 270 -8.78 -18.00 22.52
CA LEU C 270 -8.31 -17.63 23.85
C LEU C 270 -9.43 -17.19 24.76
N GLU C 271 -9.05 -16.92 26.00
CA GLU C 271 -9.99 -16.46 27.01
C GLU C 271 -9.55 -15.12 27.52
N TYR C 272 -10.50 -14.41 28.14
CA TYR C 272 -10.21 -13.12 28.76
C TYR C 272 -9.06 -13.24 29.78
N GLY C 273 -8.25 -12.19 29.88
CA GLY C 273 -7.08 -12.23 30.75
C GLY C 273 -6.90 -10.99 31.60
N ASN C 274 -7.98 -10.26 31.86
CA ASN C 274 -7.96 -9.12 32.78
C ASN C 274 -6.77 -8.18 32.63
N CYS C 275 -6.54 -7.73 31.41
CA CYS C 275 -5.45 -6.80 31.18
C CYS C 275 -5.95 -5.66 30.29
N ASN C 276 -5.02 -4.90 29.76
CA ASN C 276 -5.33 -3.79 28.90
C ASN C 276 -4.21 -3.66 27.87
N THR C 277 -4.55 -3.15 26.69
CA THR C 277 -3.55 -2.96 25.63
C THR C 277 -3.96 -1.85 24.71
N LYS C 278 -3.07 -1.55 23.77
CA LYS C 278 -3.36 -0.69 22.65
C LYS C 278 -3.32 -1.54 21.37
N CYS C 279 -2.94 -2.80 21.51
CA CYS C 279 -2.81 -3.62 20.34
C CYS C 279 -3.06 -5.07 20.67
N GLN C 280 -4.16 -5.59 20.15
CA GLN C 280 -4.55 -6.96 20.40
C GLN C 280 -4.36 -7.84 19.17
N THR C 281 -3.83 -9.04 19.40
CA THR C 281 -3.60 -10.05 18.37
C THR C 281 -4.43 -11.27 18.79
N PRO C 282 -4.80 -12.17 17.84
CA PRO C 282 -5.50 -13.39 18.26
C PRO C 282 -4.64 -14.37 19.09
N MET C 283 -3.32 -14.16 19.10
CA MET C 283 -2.39 -15.01 19.84
C MET C 283 -2.08 -14.39 21.21
N GLY C 284 -2.42 -13.10 21.34
CA GLY C 284 -2.26 -12.37 22.59
C GLY C 284 -1.99 -10.88 22.35
N ALA C 285 -2.02 -10.07 23.41
CA ALA C 285 -1.74 -8.63 23.31
C ALA C 285 -0.26 -8.27 23.15
N ILE C 286 -0.03 -7.08 22.60
CA ILE C 286 1.33 -6.56 22.40
C ILE C 286 1.54 -5.27 23.18
N ASN C 287 2.49 -5.31 24.12
CA ASN C 287 2.97 -4.13 24.84
C ASN C 287 4.08 -3.48 24.02
N SER C 288 3.71 -2.44 23.29
CA SER C 288 4.52 -1.96 22.17
C SER C 288 5.03 -0.53 22.24
N SER C 289 6.15 -0.32 21.57
CA SER C 289 6.73 1.00 21.38
C SER C 289 7.61 0.85 20.15
N MET C 290 8.06 -0.39 19.93
CA MET C 290 8.75 -0.75 18.71
C MET C 290 7.86 -0.46 17.51
N PRO C 291 8.45 -0.02 16.39
CA PRO C 291 7.73 0.29 15.16
C PRO C 291 7.41 -0.92 14.28
N PHE C 292 7.92 -2.10 14.63
CA PHE C 292 7.62 -3.28 13.82
C PHE C 292 7.35 -4.50 14.69
N HIS C 293 6.61 -5.47 14.14
CA HIS C 293 6.35 -6.73 14.84
C HIS C 293 6.20 -7.87 13.85
N ASN C 294 6.22 -9.10 14.35
CA ASN C 294 6.08 -10.27 13.49
C ASN C 294 5.15 -11.31 14.10
N ILE C 295 4.36 -10.86 15.08
CA ILE C 295 3.41 -11.74 15.75
C ILE C 295 2.36 -12.39 14.82
N HIS C 296 1.54 -11.55 14.19
CA HIS C 296 0.33 -12.02 13.50
C HIS C 296 -0.26 -10.84 12.72
N PRO C 297 -0.72 -11.10 11.49
CA PRO C 297 -1.34 -10.03 10.66
C PRO C 297 -2.65 -9.43 11.20
N LEU C 298 -3.43 -10.21 11.95
CA LEU C 298 -4.83 -9.82 12.21
C LEU C 298 -5.03 -9.04 13.52
N THR C 299 -4.57 -7.80 13.53
CA THR C 299 -4.49 -7.06 14.78
C THR C 299 -5.58 -6.01 14.88
N ILE C 300 -5.89 -5.62 16.12
CA ILE C 300 -6.85 -4.56 16.34
C ILE C 300 -6.25 -3.60 17.33
N GLY C 301 -6.31 -2.32 17.00
CA GLY C 301 -5.75 -1.30 17.89
C GLY C 301 -4.67 -0.47 17.22
N GLU C 302 -3.89 0.26 18.02
CA GLU C 302 -2.74 1.05 17.52
C GLU C 302 -1.50 0.17 17.57
N CYS C 303 -1.20 -0.47 16.45
CA CYS C 303 -0.20 -1.51 16.40
C CYS C 303 0.99 -1.11 15.56
N PRO C 304 2.17 -1.72 15.84
CA PRO C 304 3.34 -1.50 14.99
C PRO C 304 3.14 -2.20 13.66
N LYS C 305 3.99 -1.91 12.69
CA LYS C 305 3.87 -2.49 11.35
C LYS C 305 4.26 -3.97 11.30
N TYR C 306 3.37 -4.79 10.76
CA TYR C 306 3.63 -6.21 10.59
C TYR C 306 4.68 -6.40 9.50
N VAL C 307 5.58 -7.33 9.72
CA VAL C 307 6.75 -7.49 8.88
C VAL C 307 7.14 -8.96 8.85
N LYS C 308 7.74 -9.42 7.74
CA LYS C 308 8.20 -10.81 7.66
C LYS C 308 9.70 -10.90 7.99
N SER C 309 10.03 -10.88 9.28
CA SER C 309 11.42 -10.78 9.71
C SER C 309 11.56 -11.33 11.12
N ASN C 310 12.70 -11.95 11.39
CA ASN C 310 12.92 -12.49 12.71
C ASN C 310 13.81 -11.58 13.55
N ARG C 311 14.32 -10.52 12.93
CA ARG C 311 15.41 -9.77 13.53
C ARG C 311 15.61 -8.43 12.86
N LEU C 312 15.53 -7.35 13.65
CA LEU C 312 15.89 -6.03 13.13
C LEU C 312 16.80 -5.31 14.14
N VAL C 313 18.09 -5.64 14.08
CA VAL C 313 19.05 -5.20 15.09
C VAL C 313 19.88 -3.98 14.68
N LEU C 314 19.68 -2.88 15.38
CA LEU C 314 20.47 -1.67 15.15
C LEU C 314 21.78 -1.73 15.93
N ALA C 315 22.88 -1.48 15.23
CA ALA C 315 24.18 -1.26 15.88
C ALA C 315 24.13 0.06 16.65
N ILE C 316 24.52 0.01 17.91
CA ILE C 316 24.68 1.23 18.67
C ILE C 316 26.14 1.42 19.08
N GLY C 317 26.75 0.36 19.59
CA GLY C 317 28.15 0.39 19.98
C GLY C 317 29.07 0.15 18.79
N LEU C 318 30.26 -0.33 19.05
CA LEU C 318 31.23 -0.49 17.98
C LEU C 318 31.72 -1.91 17.78
N ARG C 319 32.45 -2.13 16.68
CA ARG C 319 32.99 -3.44 16.36
C ARG C 319 33.76 -3.99 17.57
N ASN C 320 33.49 -5.24 17.90
CA ASN C 320 33.98 -5.85 19.13
C ASN C 320 34.65 -7.17 18.83
N SER C 321 35.53 -7.15 17.83
CA SER C 321 36.35 -8.32 17.51
C SER C 321 37.28 -8.58 18.74
N PRO C 322 37.32 -9.82 19.29
CA PRO C 322 38.29 -9.79 20.40
C PRO C 322 39.42 -10.82 20.29
N GLY D 1 31.75 16.19 14.34
CA GLY D 1 31.55 15.78 12.96
C GLY D 1 32.28 14.50 12.64
N LEU D 2 31.92 13.87 11.52
CA LEU D 2 32.60 12.64 11.09
C LEU D 2 34.07 12.91 10.78
N PHE D 3 34.35 14.08 10.21
CA PHE D 3 35.70 14.40 9.74
C PHE D 3 36.40 15.43 10.62
N GLY D 4 35.92 15.57 11.85
CA GLY D 4 36.52 16.42 12.85
C GLY D 4 36.90 17.84 12.42
N ALA D 5 36.41 18.26 11.24
CA ALA D 5 36.74 19.58 10.74
C ALA D 5 35.77 20.66 11.23
N ILE D 6 34.58 20.73 10.62
CA ILE D 6 33.61 21.83 10.84
C ILE D 6 33.34 22.26 12.29
N ALA D 7 33.10 21.34 13.21
CA ALA D 7 32.98 21.72 14.62
C ALA D 7 34.10 21.10 15.46
N GLY D 8 35.17 20.68 14.78
CA GLY D 8 36.31 20.06 15.43
C GLY D 8 37.42 21.06 15.61
N PHE D 9 38.44 21.01 14.76
CA PHE D 9 39.56 21.95 14.89
C PHE D 9 39.27 23.35 14.34
N ILE D 10 38.55 23.43 13.22
CA ILE D 10 38.07 24.73 12.76
C ILE D 10 36.78 25.08 13.52
N GLU D 11 36.95 25.58 14.73
CA GLU D 11 35.83 25.79 15.65
C GLU D 11 35.04 27.06 15.32
N GLY D 12 34.45 27.10 14.13
CA GLY D 12 33.59 28.21 13.79
C GLY D 12 33.62 28.64 12.35
N GLY D 13 32.52 29.25 11.91
CA GLY D 13 32.35 29.75 10.56
C GLY D 13 32.70 31.21 10.44
N TRP D 14 33.06 31.62 9.23
CA TRP D 14 33.43 33.00 8.96
C TRP D 14 32.30 33.74 8.27
N GLN D 15 31.79 34.74 8.96
CA GLN D 15 30.82 35.63 8.36
C GLN D 15 31.48 36.51 7.30
N GLY D 16 32.80 36.63 7.38
CA GLY D 16 33.55 37.46 6.46
C GLY D 16 33.60 36.88 5.06
N MET D 17 33.64 35.56 4.96
CA MET D 17 33.57 34.93 3.65
C MET D 17 32.13 34.75 3.24
N VAL D 18 31.76 35.43 2.15
CA VAL D 18 30.37 35.44 1.72
C VAL D 18 30.27 34.97 0.27
N ASP D 19 31.41 34.72 -0.37
CA ASP D 19 31.42 34.42 -1.81
C ASP D 19 31.60 32.94 -2.10
N GLY D 20 31.42 32.10 -1.09
CA GLY D 20 31.56 30.67 -1.27
C GLY D 20 31.19 29.93 -0.02
N TRP D 21 31.44 28.62 -0.02
CA TRP D 21 31.13 27.80 1.13
C TRP D 21 32.39 27.52 1.92
N TYR D 22 33.46 27.21 1.19
CA TYR D 22 34.74 26.90 1.80
C TYR D 22 35.80 27.80 1.20
N GLY D 23 36.77 28.19 2.02
CA GLY D 23 37.88 28.98 1.51
C GLY D 23 38.93 29.38 2.53
N TYR D 24 39.51 30.54 2.29
CA TYR D 24 40.73 30.96 2.97
C TYR D 24 40.64 32.32 3.65
N HIS D 25 41.36 32.49 4.75
CA HIS D 25 41.65 33.81 5.29
C HIS D 25 43.16 33.94 5.32
N HIS D 26 43.68 35.13 5.07
CA HIS D 26 45.11 35.34 5.21
C HIS D 26 45.44 36.63 5.92
N SER D 27 46.62 36.68 6.53
CA SER D 27 47.13 37.94 7.05
C SER D 27 48.61 38.00 6.78
N ASN D 28 49.03 38.94 5.96
CA ASN D 28 50.46 39.18 5.76
C ASN D 28 50.91 40.59 6.10
N GLU D 29 51.96 41.06 5.44
CA GLU D 29 52.36 42.44 5.57
C GLU D 29 51.37 43.33 4.83
N GLN D 30 51.00 42.91 3.62
CA GLN D 30 50.18 43.70 2.71
C GLN D 30 48.73 43.86 3.16
N GLY D 31 48.32 43.06 4.14
CA GLY D 31 46.97 43.16 4.65
C GLY D 31 46.32 41.82 4.88
N SER D 32 45.16 41.84 5.51
CA SER D 32 44.43 40.61 5.79
C SER D 32 43.10 40.54 5.03
N GLY D 33 42.67 39.34 4.69
CA GLY D 33 41.44 39.20 3.93
C GLY D 33 40.95 37.79 3.69
N TYR D 34 39.79 37.69 3.05
CA TYR D 34 39.16 36.41 2.73
C TYR D 34 39.21 36.13 1.23
N ALA D 35 39.38 34.86 0.87
CA ALA D 35 39.21 34.41 -0.50
C ALA D 35 38.41 33.12 -0.44
N ALA D 36 37.70 32.76 -1.51
CA ALA D 36 36.89 31.54 -1.51
C ALA D 36 37.34 30.52 -2.57
N ASP D 37 37.49 29.26 -2.16
CA ASP D 37 37.83 28.19 -3.11
C ASP D 37 36.63 27.84 -3.98
N LYS D 38 36.64 28.36 -5.21
CA LYS D 38 35.51 28.23 -6.12
C LYS D 38 35.31 26.83 -6.70
N GLU D 39 36.29 25.95 -6.49
CA GLU D 39 36.21 24.61 -7.05
C GLU D 39 35.50 23.65 -6.10
N SER D 40 35.98 23.58 -4.86
CA SER D 40 35.37 22.73 -3.85
C SER D 40 33.92 23.20 -3.61
N THR D 41 33.75 24.52 -3.64
CA THR D 41 32.46 25.14 -3.36
C THR D 41 31.42 24.83 -4.43
N GLN D 42 31.76 25.07 -5.68
CA GLN D 42 30.82 24.76 -6.75
C GLN D 42 30.55 23.27 -6.91
N LYS D 43 31.56 22.43 -6.68
CA LYS D 43 31.33 21.00 -6.71
C LYS D 43 30.30 20.64 -5.62
N ALA D 44 30.45 21.26 -4.45
CA ALA D 44 29.56 20.99 -3.34
C ALA D 44 28.14 21.42 -3.67
N ILE D 45 28.02 22.60 -4.29
CA ILE D 45 26.72 23.12 -4.67
C ILE D 45 26.03 22.20 -5.67
N ASP D 46 26.77 21.78 -6.69
CA ASP D 46 26.24 20.86 -7.67
C ASP D 46 25.77 19.57 -7.02
N GLY D 47 26.58 19.06 -6.10
CA GLY D 47 26.23 17.86 -5.36
C GLY D 47 24.92 17.99 -4.58
N VAL D 48 24.85 18.98 -3.70
CA VAL D 48 23.68 19.15 -2.85
C VAL D 48 22.42 19.44 -3.68
N THR D 49 22.56 20.32 -4.66
CA THR D 49 21.47 20.60 -5.59
C THR D 49 20.96 19.34 -6.26
N ASN D 50 21.87 18.53 -6.78
CA ASN D 50 21.51 17.27 -7.38
C ASN D 50 20.75 16.39 -6.38
N LYS D 51 21.20 16.39 -5.12
CA LYS D 51 20.57 15.57 -4.08
C LYS D 51 19.09 15.98 -3.90
N VAL D 52 18.87 17.28 -3.75
CA VAL D 52 17.54 17.81 -3.56
C VAL D 52 16.65 17.48 -4.76
N ASN D 53 17.16 17.83 -5.93
CA ASN D 53 16.45 17.58 -7.17
C ASN D 53 16.13 16.13 -7.37
N SER D 54 16.95 15.24 -6.85
CA SER D 54 16.72 13.84 -7.11
C SER D 54 15.73 13.25 -6.09
N ILE D 55 15.72 13.81 -4.87
CA ILE D 55 14.70 13.49 -3.87
C ILE D 55 13.32 13.96 -4.38
N ILE D 56 13.34 15.02 -5.17
CA ILE D 56 12.12 15.54 -5.74
C ILE D 56 11.62 14.85 -7.01
N ASP D 57 12.54 14.59 -7.95
CA ASP D 57 12.19 14.10 -9.30
C ASP D 57 11.93 12.59 -9.43
N LYS D 58 12.41 11.79 -8.48
CA LYS D 58 12.25 10.34 -8.55
C LYS D 58 10.80 9.94 -8.22
N MET D 59 10.07 10.89 -7.65
CA MET D 59 8.69 10.66 -7.22
C MET D 59 7.77 10.53 -8.41
N ASN D 60 7.14 9.36 -8.55
CA ASN D 60 6.17 9.19 -9.61
C ASN D 60 4.83 9.78 -9.16
N THR D 61 4.28 10.67 -9.97
CA THR D 61 2.94 11.18 -9.70
C THR D 61 2.02 10.84 -10.86
N GLN D 62 0.88 10.27 -10.54
CA GLN D 62 -0.10 9.93 -11.57
C GLN D 62 -1.44 10.45 -11.11
N PHE D 63 -2.35 10.59 -12.06
CA PHE D 63 -3.68 11.02 -11.74
C PHE D 63 -4.40 10.05 -10.82
N GLU D 64 -4.98 10.59 -9.75
CA GLU D 64 -5.87 9.82 -8.89
C GLU D 64 -7.07 10.68 -8.49
N ALA D 65 -8.20 10.03 -8.26
CA ALA D 65 -9.40 10.72 -7.75
C ALA D 65 -9.86 10.10 -6.43
N VAL D 66 -9.89 10.88 -5.35
CA VAL D 66 -10.26 10.33 -4.07
C VAL D 66 -11.15 11.37 -3.41
N GLY D 67 -12.33 11.04 -2.89
CA GLY D 67 -13.03 9.79 -3.10
C GLY D 67 -13.80 9.27 -1.87
N ARG D 68 -15.05 9.67 -1.68
CA ARG D 68 -15.93 8.88 -0.79
C ARG D 68 -17.24 8.34 -1.45
N GLU D 69 -17.13 7.29 -2.23
CA GLU D 69 -18.26 6.90 -3.06
C GLU D 69 -19.10 5.72 -2.52
N PHE D 70 -18.83 5.25 -1.31
CA PHE D 70 -19.54 4.08 -0.83
C PHE D 70 -20.62 4.40 0.17
N ASN D 71 -21.80 3.76 0.03
CA ASN D 71 -22.99 4.12 0.81
C ASN D 71 -22.99 3.43 2.17
N ASN D 72 -24.05 3.62 2.94
CA ASN D 72 -24.07 3.05 4.29
C ASN D 72 -24.42 1.55 4.38
N LEU D 73 -24.56 0.88 3.24
CA LEU D 73 -24.55 -0.57 3.31
C LEU D 73 -23.28 -1.16 2.69
N GLU D 74 -22.25 -0.34 2.53
CA GLU D 74 -21.00 -0.80 1.93
C GLU D 74 -19.83 -0.37 2.87
N ARG D 75 -20.03 -0.53 4.16
CA ARG D 75 -19.10 0.08 5.08
C ARG D 75 -17.90 -0.81 5.29
N ARG D 76 -18.06 -2.09 5.02
CA ARG D 76 -16.90 -2.95 4.95
C ARG D 76 -15.93 -2.55 3.82
N ILE D 77 -16.45 -2.27 2.62
CA ILE D 77 -15.59 -1.79 1.54
C ILE D 77 -14.92 -0.48 1.95
N GLU D 78 -15.71 0.43 2.54
CA GLU D 78 -15.28 1.77 2.97
C GLU D 78 -14.11 1.60 3.96
N ASN D 79 -14.24 0.58 4.80
CA ASN D 79 -13.19 0.31 5.75
C ASN D 79 -11.93 -0.21 5.06
N LEU D 80 -12.13 -1.07 4.07
CA LEU D 80 -10.99 -1.50 3.24
C LEU D 80 -10.25 -0.28 2.64
N ASN D 81 -11.01 0.68 2.10
CA ASN D 81 -10.42 1.89 1.56
C ASN D 81 -9.63 2.66 2.60
N LYS D 82 -10.21 2.79 3.79
CA LYS D 82 -9.62 3.54 4.88
C LYS D 82 -8.29 2.92 5.26
N LYS D 83 -8.28 1.61 5.43
CA LYS D 83 -7.05 0.91 5.77
C LYS D 83 -5.99 1.15 4.70
N MET D 84 -6.38 1.15 3.45
CA MET D 84 -5.42 1.44 2.39
C MET D 84 -4.83 2.85 2.44
N GLU D 85 -5.71 3.85 2.58
CA GLU D 85 -5.26 5.26 2.61
C GLU D 85 -4.36 5.51 3.79
N ASP D 86 -4.82 5.03 4.94
CA ASP D 86 -4.07 5.12 6.18
C ASP D 86 -2.71 4.45 6.07
N GLY D 87 -2.70 3.27 5.45
CA GLY D 87 -1.50 2.53 5.19
C GLY D 87 -0.46 3.31 4.41
N PHE D 88 -0.86 3.85 3.26
CA PHE D 88 0.01 4.70 2.46
C PHE D 88 0.45 5.95 3.20
N LEU D 89 -0.43 6.51 4.01
CA LEU D 89 -0.06 7.71 4.75
C LEU D 89 1.07 7.37 5.72
N ASP D 90 0.98 6.23 6.38
CA ASP D 90 2.00 5.86 7.36
C ASP D 90 3.31 5.60 6.65
N VAL D 91 3.22 4.88 5.54
CA VAL D 91 4.41 4.56 4.77
C VAL D 91 5.15 5.83 4.32
N TRP D 92 4.44 6.70 3.62
CA TRP D 92 5.02 7.93 3.08
C TRP D 92 5.53 8.85 4.17
N THR D 93 4.82 8.94 5.28
CA THR D 93 5.23 9.82 6.36
C THR D 93 6.56 9.33 6.94
N TYR D 94 6.59 8.06 7.33
CA TYR D 94 7.78 7.48 7.92
C TYR D 94 8.97 7.61 6.98
N ASN D 95 8.75 7.26 5.72
CA ASN D 95 9.83 7.30 4.75
C ASN D 95 10.34 8.71 4.49
N ALA D 96 9.44 9.67 4.43
CA ALA D 96 9.84 11.04 4.12
C ALA D 96 10.60 11.66 5.29
N GLU D 97 10.09 11.44 6.49
CA GLU D 97 10.75 11.92 7.69
C GLU D 97 12.17 11.33 7.80
N LEU D 98 12.25 10.00 7.69
CA LEU D 98 13.56 9.34 7.88
C LEU D 98 14.52 9.71 6.77
N LEU D 99 14.00 9.83 5.56
CA LEU D 99 14.82 10.23 4.43
C LEU D 99 15.44 11.60 4.66
N VAL D 100 14.61 12.54 5.10
CA VAL D 100 15.10 13.87 5.43
C VAL D 100 16.18 13.87 6.51
N LEU D 101 15.93 13.20 7.64
CA LEU D 101 16.92 13.04 8.69
C LEU D 101 18.25 12.51 8.13
N MET D 102 18.17 11.35 7.49
CA MET D 102 19.35 10.63 7.03
C MET D 102 20.16 11.48 6.06
N GLU D 103 19.47 12.11 5.12
CA GLU D 103 20.17 12.85 4.09
C GLU D 103 20.69 14.17 4.59
N ASN D 104 20.07 14.68 5.64
CA ASN D 104 20.56 15.90 6.25
C ASN D 104 21.89 15.64 6.95
N GLU D 105 21.90 14.55 7.72
CA GLU D 105 23.13 14.03 8.30
C GLU D 105 24.21 13.91 7.25
N ARG D 106 23.87 13.24 6.15
CA ARG D 106 24.84 13.08 5.08
C ARG D 106 25.36 14.39 4.51
N THR D 107 24.47 15.36 4.36
CA THR D 107 24.85 16.68 3.85
C THR D 107 25.83 17.46 4.74
N LEU D 108 25.53 17.53 6.03
CA LEU D 108 26.44 18.20 6.97
C LEU D 108 27.81 17.48 6.99
N ASP D 109 27.79 16.15 7.05
CA ASP D 109 29.04 15.39 6.97
C ASP D 109 29.80 15.65 5.67
N PHE D 110 29.07 15.92 4.60
CA PHE D 110 29.68 16.21 3.32
C PHE D 110 30.42 17.53 3.36
N HIS D 111 29.81 18.50 4.03
CA HIS D 111 30.46 19.78 4.25
C HIS D 111 31.74 19.66 5.08
N ASP D 112 31.61 18.95 6.20
CA ASP D 112 32.71 18.58 7.05
C ASP D 112 33.84 18.05 6.20
N SER D 113 33.52 17.04 5.41
CA SER D 113 34.50 16.37 4.59
C SER D 113 35.18 17.30 3.59
N ASN D 114 34.40 18.17 2.96
CA ASN D 114 34.97 19.10 1.99
C ASN D 114 35.98 20.06 2.63
N VAL D 115 35.58 20.62 3.77
CA VAL D 115 36.48 21.44 4.58
C VAL D 115 37.79 20.72 4.91
N LYS D 116 37.68 19.53 5.50
CA LYS D 116 38.84 18.74 5.88
C LYS D 116 39.75 18.49 4.69
N ASN D 117 39.15 18.26 3.53
CA ASN D 117 39.94 17.92 2.35
C ASN D 117 40.71 19.13 1.83
N LEU D 118 40.08 20.29 1.91
CA LEU D 118 40.78 21.54 1.61
C LEU D 118 41.98 21.80 2.54
N TYR D 119 41.73 21.63 3.84
CA TYR D 119 42.78 21.70 4.85
C TYR D 119 43.96 20.81 4.49
N ASP D 120 43.72 19.52 4.28
CA ASP D 120 44.80 18.61 3.99
C ASP D 120 45.52 18.94 2.68
N LYS D 121 44.80 19.51 1.73
CA LYS D 121 45.41 19.90 0.47
C LYS D 121 46.47 20.99 0.70
N VAL D 122 46.08 22.00 1.45
CA VAL D 122 47.02 23.06 1.83
C VAL D 122 48.19 22.53 2.67
N ARG D 123 47.87 21.66 3.61
CA ARG D 123 48.84 21.05 4.49
C ARG D 123 49.92 20.29 3.72
N LEU D 124 49.50 19.53 2.71
CA LEU D 124 50.43 18.81 1.84
C LEU D 124 51.26 19.77 0.97
N GLN D 125 50.68 20.91 0.59
CA GLN D 125 51.45 21.93 -0.13
C GLN D 125 52.60 22.52 0.72
N LEU D 126 52.28 22.90 1.96
CA LEU D 126 53.19 23.68 2.79
C LEU D 126 54.25 22.89 3.55
N ARG D 127 53.91 21.66 3.95
CA ARG D 127 54.79 20.86 4.81
C ARG D 127 55.40 21.68 5.95
N ASP D 128 56.73 21.61 6.06
CA ASP D 128 57.46 22.29 7.14
C ASP D 128 57.76 23.77 6.90
N ASN D 129 57.37 24.33 5.76
CA ASN D 129 57.49 25.77 5.58
C ASN D 129 56.57 26.54 6.50
N ALA D 130 55.61 25.84 7.09
CA ALA D 130 54.68 26.46 8.02
C ALA D 130 54.32 25.51 9.15
N LYS D 131 53.85 26.07 10.25
CA LYS D 131 53.44 25.32 11.42
C LYS D 131 51.91 25.18 11.48
N GLU D 132 51.45 23.98 11.79
CA GLU D 132 50.02 23.81 12.06
C GLU D 132 49.69 24.27 13.46
N LEU D 133 48.81 25.25 13.56
CA LEU D 133 48.45 25.79 14.86
C LEU D 133 47.40 24.91 15.53
N GLY D 134 46.53 24.29 14.73
CA GLY D 134 45.58 23.33 15.23
C GLY D 134 44.16 23.89 15.25
N ASN D 135 43.98 25.00 14.57
CA ASN D 135 42.69 25.66 14.48
C ASN D 135 42.29 25.88 13.03
N GLY D 136 42.94 25.14 12.13
CA GLY D 136 42.73 25.32 10.70
C GLY D 136 43.61 26.41 10.12
N CYS D 137 44.53 26.90 10.94
CA CYS D 137 45.48 27.95 10.51
C CYS D 137 46.94 27.46 10.46
N PHE D 138 47.68 27.98 9.49
CA PHE D 138 49.09 27.66 9.35
C PHE D 138 49.91 28.90 9.55
N GLU D 139 50.76 28.91 10.56
CA GLU D 139 51.69 30.02 10.74
C GLU D 139 52.92 29.83 9.84
N PHE D 140 53.11 30.73 8.88
CA PHE D 140 54.24 30.62 7.95
C PHE D 140 55.62 30.87 8.59
N TYR D 141 56.58 30.02 8.26
CA TYR D 141 57.96 30.22 8.70
C TYR D 141 58.69 31.21 7.80
N HIS D 142 58.19 31.42 6.60
CA HIS D 142 58.84 32.37 5.71
C HIS D 142 57.95 33.57 5.46
N LYS D 143 58.29 34.34 4.44
CA LYS D 143 57.46 35.48 4.10
C LYS D 143 56.56 35.15 2.93
N CYS D 144 55.26 35.18 3.19
CA CYS D 144 54.28 34.88 2.17
C CYS D 144 53.43 36.11 1.83
N ASP D 145 53.78 36.76 0.73
CA ASP D 145 53.03 37.92 0.27
C ASP D 145 51.82 37.45 -0.54
N ASN D 146 51.01 38.40 -1.00
CA ASN D 146 49.78 38.11 -1.73
C ASN D 146 49.95 37.10 -2.85
N GLU D 147 51.00 37.29 -3.65
CA GLU D 147 51.30 36.39 -4.76
C GLU D 147 51.58 34.98 -4.27
N CYS D 148 52.27 34.88 -3.14
CA CYS D 148 52.63 33.60 -2.54
C CYS D 148 51.39 32.86 -2.03
N MET D 149 50.52 33.60 -1.36
CA MET D 149 49.31 33.01 -0.85
C MET D 149 48.31 32.59 -1.93
N GLU D 150 48.17 33.41 -2.97
CA GLU D 150 47.35 33.04 -4.12
C GLU D 150 47.92 31.77 -4.75
N SER D 151 49.23 31.56 -4.58
CA SER D 151 49.84 30.34 -5.10
C SER D 151 49.54 29.17 -4.18
N VAL D 152 49.31 29.45 -2.90
CA VAL D 152 48.87 28.38 -2.01
C VAL D 152 47.47 27.90 -2.40
N ARG D 153 46.57 28.84 -2.65
CA ARG D 153 45.20 28.53 -3.05
C ARG D 153 45.17 27.84 -4.40
N ASN D 154 45.81 28.46 -5.38
CA ASN D 154 45.86 27.96 -6.77
C ASN D 154 46.45 26.56 -6.89
N GLY D 155 47.06 26.05 -5.83
CA GLY D 155 47.72 24.76 -5.87
C GLY D 155 49.09 24.83 -6.55
N THR D 156 49.71 26.00 -6.47
CA THR D 156 50.92 26.29 -7.22
C THR D 156 52.02 26.82 -6.29
N TYR D 157 52.02 26.34 -5.05
CA TYR D 157 52.99 26.78 -4.07
C TYR D 157 54.37 26.19 -4.33
N ASP D 158 55.39 27.04 -4.39
CA ASP D 158 56.77 26.62 -4.70
C ASP D 158 57.53 26.32 -3.40
N TYR D 159 57.37 25.10 -2.92
CA TYR D 159 57.97 24.71 -1.65
C TYR D 159 59.49 24.86 -1.53
N PRO D 160 60.26 24.40 -2.54
CA PRO D 160 61.71 24.57 -2.42
C PRO D 160 62.14 26.05 -2.41
N GLN D 161 61.44 26.89 -3.16
CA GLN D 161 61.75 28.32 -3.23
C GLN D 161 61.85 29.02 -1.87
N TYR D 162 61.12 28.53 -0.87
CA TYR D 162 61.13 29.13 0.46
C TYR D 162 61.72 28.21 1.51
N SER D 163 62.02 26.97 1.10
CA SER D 163 62.39 25.92 2.06
C SER D 163 63.55 26.31 2.97
N GLU D 164 64.50 27.08 2.43
CA GLU D 164 65.69 27.47 3.16
C GLU D 164 65.36 28.58 4.12
N GLU D 165 64.69 29.62 3.63
CA GLU D 165 64.31 30.77 4.44
C GLU D 165 63.54 30.23 5.64
N ALA D 166 62.55 29.38 5.33
CA ALA D 166 61.75 28.70 6.34
C ALA D 166 62.65 27.92 7.27
N ARG D 167 63.54 27.13 6.69
CA ARG D 167 64.48 26.32 7.46
C ARG D 167 65.24 27.19 8.44
N LEU D 168 65.63 28.40 8.01
CA LEU D 168 66.33 29.29 8.90
C LEU D 168 65.40 29.65 10.04
N LYS D 169 64.23 30.20 9.69
CA LYS D 169 63.32 30.69 10.71
C LYS D 169 62.98 29.58 11.67
N ARG D 170 62.73 28.40 11.10
CA ARG D 170 62.42 27.22 11.87
C ARG D 170 63.39 27.01 13.06
N GLU D 171 64.58 26.44 12.92
CA GLU D 171 65.33 26.17 14.15
C GLU D 171 65.42 27.29 15.20
N GLU D 172 65.07 28.53 14.81
CA GLU D 172 65.29 29.66 15.71
C GLU D 172 64.41 29.64 16.95
N ILE D 173 63.11 29.90 16.77
CA ILE D 173 62.12 29.99 17.85
C ILE D 173 62.27 28.92 18.93
N SER D 174 62.62 27.71 18.52
CA SER D 174 63.01 26.66 19.46
C SER D 174 64.20 27.12 20.31
N GLY D 175 63.91 27.86 21.37
CA GLY D 175 64.94 28.42 22.23
C GLY D 175 65.87 29.37 21.48
N GLY E 1 35.86 13.39 -4.20
CA GLY E 1 35.47 12.23 -3.38
C GLY E 1 35.46 12.55 -1.89
N LEU E 2 34.83 11.70 -1.09
CA LEU E 2 34.81 11.90 0.36
C LEU E 2 36.23 11.79 0.93
N PHE E 3 37.03 10.89 0.35
CA PHE E 3 38.35 10.59 0.88
C PHE E 3 39.49 11.15 0.04
N GLY E 4 39.15 12.13 -0.80
CA GLY E 4 40.10 12.85 -1.63
C GLY E 4 41.11 12.00 -2.42
N ALA E 5 40.87 10.70 -2.51
CA ALA E 5 41.81 9.83 -3.20
C ALA E 5 41.50 9.72 -4.70
N ILE E 6 40.47 8.92 -5.04
CA ILE E 6 40.17 8.54 -6.43
C ILE E 6 40.17 9.64 -7.49
N ALA E 7 39.55 10.78 -7.22
CA ALA E 7 39.64 11.90 -8.16
C ALA E 7 40.31 13.10 -7.51
N GLY E 8 41.01 12.84 -6.40
CA GLY E 8 41.72 13.88 -5.67
C GLY E 8 43.19 13.91 -6.04
N PHE E 9 44.04 13.35 -5.19
CA PHE E 9 45.48 13.32 -5.48
C PHE E 9 45.91 12.24 -6.49
N ILE E 10 45.33 11.06 -6.43
CA ILE E 10 45.51 10.09 -7.49
C ILE E 10 44.57 10.41 -8.66
N GLU E 11 44.97 11.39 -9.48
CA GLU E 11 44.12 11.92 -10.54
C GLU E 11 44.04 11.03 -11.76
N GLY E 12 43.54 9.81 -11.60
CA GLY E 12 43.38 8.94 -12.74
C GLY E 12 43.58 7.46 -12.48
N GLY E 13 42.90 6.65 -13.28
CA GLY E 13 42.98 5.20 -13.20
C GLY E 13 44.00 4.65 -14.16
N TRP E 14 44.51 3.46 -13.83
CA TRP E 14 45.48 2.79 -14.67
C TRP E 14 44.82 1.70 -15.49
N GLN E 15 44.86 1.87 -16.81
CA GLN E 15 44.42 0.81 -17.69
C GLN E 15 45.42 -0.35 -17.69
N GLY E 16 46.63 -0.07 -17.21
CA GLY E 16 47.69 -1.07 -17.15
C GLY E 16 47.41 -2.14 -16.12
N MET E 17 46.82 -1.74 -14.99
CA MET E 17 46.44 -2.73 -14.00
C MET E 17 45.08 -3.33 -14.35
N VAL E 18 45.08 -4.63 -14.63
CA VAL E 18 43.86 -5.28 -15.07
C VAL E 18 43.51 -6.46 -14.15
N ASP E 19 44.40 -6.76 -13.20
CA ASP E 19 44.25 -7.97 -12.38
C ASP E 19 43.67 -7.66 -11.00
N GLY E 20 43.14 -6.45 -10.83
CA GLY E 20 42.57 -6.07 -9.56
C GLY E 20 41.88 -4.72 -9.63
N TRP E 21 41.45 -4.22 -8.48
CA TRP E 21 40.80 -2.92 -8.41
C TRP E 21 41.76 -1.86 -7.92
N TYR E 22 42.52 -2.22 -6.89
CA TYR E 22 43.52 -1.32 -6.34
C TYR E 22 44.89 -1.99 -6.35
N GLY E 23 45.94 -1.19 -6.55
CA GLY E 23 47.27 -1.73 -6.47
C GLY E 23 48.40 -0.74 -6.72
N TYR E 24 49.48 -1.26 -7.28
CA TYR E 24 50.75 -0.55 -7.34
C TYR E 24 51.31 -0.44 -8.76
N HIS E 25 52.06 0.65 -8.98
CA HIS E 25 52.97 0.74 -10.11
C HIS E 25 54.37 1.00 -9.56
N HIS E 26 55.39 0.44 -10.19
CA HIS E 26 56.75 0.73 -9.76
C HIS E 26 57.69 0.96 -10.93
N SER E 27 58.74 1.73 -10.68
CA SER E 27 59.82 1.88 -11.64
C SER E 27 61.15 1.89 -10.90
N ASN E 28 61.99 0.89 -11.15
CA ASN E 28 63.32 0.91 -10.59
C ASN E 28 64.38 0.75 -11.68
N GLU E 29 65.51 0.18 -11.32
CA GLU E 29 66.54 -0.14 -12.29
C GLU E 29 66.08 -1.31 -13.16
N GLN E 30 65.54 -2.34 -12.50
CA GLN E 30 65.21 -3.62 -13.13
C GLN E 30 64.04 -3.53 -14.10
N GLY E 31 63.30 -2.42 -14.05
CA GLY E 31 62.18 -2.25 -14.95
C GLY E 31 60.94 -1.69 -14.26
N SER E 32 59.94 -1.34 -15.06
CA SER E 32 58.73 -0.77 -14.52
C SER E 32 57.52 -1.67 -14.78
N GLY E 33 56.54 -1.63 -13.87
CA GLY E 33 55.38 -2.49 -14.02
C GLY E 33 54.26 -2.31 -12.99
N TYR E 34 53.19 -3.09 -13.17
CA TYR E 34 52.03 -3.04 -12.28
C TYR E 34 51.91 -4.31 -11.44
N ALA E 35 51.40 -4.15 -10.22
CA ALA E 35 51.03 -5.27 -9.38
C ALA E 35 49.70 -4.89 -8.75
N ALA E 36 48.91 -5.87 -8.33
CA ALA E 36 47.62 -5.58 -7.72
C ALA E 36 47.51 -6.10 -6.28
N ASP E 37 47.02 -5.27 -5.38
CA ASP E 37 46.81 -5.71 -4.00
C ASP E 37 45.57 -6.62 -3.91
N LYS E 38 45.80 -7.93 -3.82
CA LYS E 38 44.73 -8.92 -3.87
C LYS E 38 43.84 -8.94 -2.63
N GLU E 39 44.32 -8.31 -1.55
CA GLU E 39 43.60 -8.35 -0.29
C GLU E 39 42.52 -7.28 -0.22
N SER E 40 42.93 -6.03 -0.42
CA SER E 40 42.00 -4.91 -0.44
C SER E 40 40.98 -5.11 -1.58
N THR E 41 41.48 -5.61 -2.71
CA THR E 41 40.64 -5.83 -3.87
C THR E 41 39.60 -6.92 -3.62
N GLN E 42 40.02 -8.09 -3.15
CA GLN E 42 39.02 -9.14 -2.93
C GLN E 42 38.03 -8.78 -1.82
N LYS E 43 38.52 -8.05 -0.80
CA LYS E 43 37.61 -7.63 0.26
C LYS E 43 36.54 -6.69 -0.31
N ALA E 44 36.98 -5.77 -1.19
CA ALA E 44 36.06 -4.87 -1.86
C ALA E 44 35.02 -5.61 -2.72
N ILE E 45 35.50 -6.59 -3.49
CA ILE E 45 34.62 -7.37 -4.34
C ILE E 45 33.57 -8.07 -3.47
N ASP E 46 34.02 -8.66 -2.37
CA ASP E 46 33.12 -9.36 -1.47
C ASP E 46 32.06 -8.43 -0.93
N GLY E 47 32.51 -7.24 -0.53
CA GLY E 47 31.63 -6.19 -0.03
C GLY E 47 30.55 -5.73 -1.01
N VAL E 48 30.97 -5.28 -2.20
CA VAL E 48 30.04 -4.85 -3.22
C VAL E 48 29.08 -5.98 -3.67
N THR E 49 29.63 -7.16 -3.91
CA THR E 49 28.82 -8.32 -4.27
C THR E 49 27.74 -8.56 -3.22
N ASN E 50 28.15 -8.50 -1.96
CA ASN E 50 27.21 -8.71 -0.86
C ASN E 50 26.13 -7.65 -0.86
N LYS E 51 26.52 -6.42 -1.16
CA LYS E 51 25.58 -5.31 -1.25
C LYS E 51 24.51 -5.53 -2.33
N VAL E 52 24.94 -5.90 -3.54
CA VAL E 52 24.03 -6.19 -4.63
C VAL E 52 23.10 -7.32 -4.23
N ASN E 53 23.71 -8.42 -3.80
CA ASN E 53 22.97 -9.62 -3.44
C ASN E 53 21.94 -9.34 -2.36
N SER E 54 22.22 -8.38 -1.51
CA SER E 54 21.30 -8.15 -0.41
C SER E 54 20.18 -7.15 -0.77
N ILE E 55 20.48 -6.23 -1.68
CA ILE E 55 19.41 -5.45 -2.30
C ILE E 55 18.47 -6.37 -3.10
N ILE E 56 19.00 -7.47 -3.61
CA ILE E 56 18.17 -8.41 -4.36
C ILE E 56 17.39 -9.36 -3.47
N ASP E 57 18.07 -9.93 -2.47
CA ASP E 57 17.56 -11.09 -1.72
C ASP E 57 16.59 -10.74 -0.58
N LYS E 58 16.67 -9.52 -0.10
CA LYS E 58 15.76 -9.04 0.95
C LYS E 58 14.31 -8.79 0.48
N MET E 59 14.09 -8.79 -0.83
CA MET E 59 12.76 -8.60 -1.40
C MET E 59 11.92 -9.84 -1.19
N ASN E 60 10.80 -9.70 -0.49
CA ASN E 60 9.86 -10.81 -0.41
C ASN E 60 8.99 -10.86 -1.66
N THR E 61 8.94 -12.04 -2.29
CA THR E 61 8.01 -12.24 -3.41
C THR E 61 7.03 -13.34 -3.05
N GLN E 62 5.75 -13.07 -3.25
CA GLN E 62 4.75 -14.09 -3.01
C GLN E 62 3.82 -14.10 -4.19
N PHE E 63 3.06 -15.18 -4.33
CA PHE E 63 2.12 -15.32 -5.41
C PHE E 63 1.12 -14.17 -5.32
N GLU E 64 0.83 -13.53 -6.46
CA GLU E 64 -0.36 -12.70 -6.59
C GLU E 64 -0.91 -12.91 -7.95
N ALA E 65 -2.21 -12.64 -8.09
CA ALA E 65 -2.85 -12.69 -9.38
C ALA E 65 -3.54 -11.36 -9.61
N VAL E 66 -3.14 -10.62 -10.65
CA VAL E 66 -3.82 -9.36 -10.99
C VAL E 66 -4.13 -9.38 -12.49
N GLY E 67 -5.37 -9.11 -12.94
CA GLY E 67 -6.57 -8.89 -12.16
C GLY E 67 -7.43 -7.71 -12.59
N ARG E 68 -8.30 -7.92 -13.59
CA ARG E 68 -9.42 -6.99 -13.76
C ARG E 68 -10.73 -7.76 -13.67
N GLU E 69 -11.22 -7.99 -12.46
CA GLU E 69 -12.45 -8.77 -12.32
C GLU E 69 -13.75 -8.08 -11.94
N PHE E 70 -13.77 -6.74 -11.94
CA PHE E 70 -15.00 -6.03 -11.58
C PHE E 70 -15.73 -5.55 -12.80
N ASN E 71 -17.07 -5.55 -12.74
CA ASN E 71 -17.92 -5.18 -13.87
C ASN E 71 -18.25 -3.69 -13.88
N ASN E 72 -19.05 -3.22 -14.86
CA ASN E 72 -19.36 -1.78 -14.92
C ASN E 72 -20.38 -1.25 -13.91
N LEU E 73 -20.88 -2.11 -13.02
CA LEU E 73 -21.62 -1.59 -11.86
C LEU E 73 -20.80 -1.83 -10.60
N GLU E 74 -19.50 -1.99 -10.77
CA GLU E 74 -18.58 -2.04 -9.66
C GLU E 74 -17.38 -1.18 -9.90
N ARG E 75 -17.59 0.04 -10.37
CA ARG E 75 -16.47 0.88 -10.71
C ARG E 75 -15.90 1.54 -9.51
N ARG E 76 -16.69 1.68 -8.44
CA ARG E 76 -16.13 2.29 -7.23
C ARG E 76 -15.03 1.34 -6.70
N ILE E 77 -15.37 0.06 -6.57
CA ILE E 77 -14.41 -0.94 -6.13
C ILE E 77 -13.18 -0.99 -7.05
N GLU E 78 -13.42 -1.01 -8.35
CA GLU E 78 -12.40 -0.90 -9.38
C GLU E 78 -11.46 0.32 -9.17
N ASN E 79 -12.04 1.46 -8.77
CA ASN E 79 -11.24 2.64 -8.49
C ASN E 79 -10.40 2.41 -7.22
N LEU E 80 -10.98 1.77 -6.19
CA LEU E 80 -10.22 1.44 -4.99
C LEU E 80 -8.97 0.58 -5.35
N ASN E 81 -9.18 -0.41 -6.21
CA ASN E 81 -8.07 -1.19 -6.69
C ASN E 81 -7.00 -0.37 -7.44
N LYS E 82 -7.45 0.49 -8.36
CA LYS E 82 -6.56 1.38 -9.08
C LYS E 82 -5.67 2.19 -8.12
N LYS E 83 -6.30 2.79 -7.09
CA LYS E 83 -5.62 3.62 -6.15
C LYS E 83 -4.56 2.80 -5.45
N MET E 84 -4.91 1.58 -5.08
CA MET E 84 -3.95 0.68 -4.44
C MET E 84 -2.72 0.34 -5.33
N GLU E 85 -2.99 -0.08 -6.56
CA GLU E 85 -1.90 -0.46 -7.48
C GLU E 85 -1.00 0.71 -7.75
N ASP E 86 -1.62 1.86 -8.01
CA ASP E 86 -0.90 3.09 -8.29
C ASP E 86 -0.08 3.52 -7.09
N GLY E 87 -0.66 3.39 -5.91
CA GLY E 87 0.04 3.69 -4.67
C GLY E 87 1.31 2.87 -4.55
N PHE E 88 1.19 1.54 -4.60
CA PHE E 88 2.38 0.69 -4.56
C PHE E 88 3.36 1.00 -5.66
N LEU E 89 2.88 1.32 -6.85
CA LEU E 89 3.80 1.62 -7.94
C LEU E 89 4.64 2.85 -7.57
N ASP E 90 3.98 3.87 -7.03
CA ASP E 90 4.68 5.07 -6.61
C ASP E 90 5.70 4.77 -5.51
N VAL E 91 5.29 4.02 -4.50
CA VAL E 91 6.16 3.67 -3.40
C VAL E 91 7.41 2.92 -3.92
N TRP E 92 7.21 1.85 -4.65
CA TRP E 92 8.32 1.05 -5.13
C TRP E 92 9.26 1.81 -6.07
N THR E 93 8.70 2.64 -6.94
CA THR E 93 9.51 3.37 -7.89
C THR E 93 10.38 4.39 -7.16
N TYR E 94 9.76 5.16 -6.27
CA TYR E 94 10.51 6.16 -5.52
C TYR E 94 11.61 5.47 -4.71
N ASN E 95 11.23 4.40 -4.03
CA ASN E 95 12.18 3.70 -3.17
C ASN E 95 13.33 3.10 -3.95
N ALA E 96 13.03 2.46 -5.06
CA ALA E 96 14.05 1.78 -5.85
C ALA E 96 15.02 2.82 -6.42
N GLU E 97 14.47 3.91 -6.94
CA GLU E 97 15.29 4.92 -7.58
C GLU E 97 16.25 5.55 -6.58
N LEU E 98 15.70 5.93 -5.43
CA LEU E 98 16.49 6.54 -4.39
C LEU E 98 17.52 5.59 -3.80
N LEU E 99 17.14 4.33 -3.62
CA LEU E 99 18.02 3.32 -3.08
C LEU E 99 19.24 3.19 -3.99
N VAL E 100 18.99 3.07 -5.29
CA VAL E 100 20.06 2.98 -6.27
C VAL E 100 21.00 4.20 -6.23
N LEU E 101 20.43 5.40 -6.23
CA LEU E 101 21.26 6.60 -6.10
C LEU E 101 22.15 6.58 -4.87
N MET E 102 21.51 6.37 -3.72
CA MET E 102 22.19 6.38 -2.43
C MET E 102 23.32 5.35 -2.34
N GLU E 103 23.02 4.12 -2.77
CA GLU E 103 23.97 3.05 -2.62
C GLU E 103 25.10 3.18 -3.63
N ASN E 104 24.81 3.82 -4.76
CA ASN E 104 25.81 4.06 -5.78
C ASN E 104 26.84 5.04 -5.26
N GLU E 105 26.32 6.11 -4.67
CA GLU E 105 27.16 7.05 -3.96
C GLU E 105 28.05 6.34 -2.93
N ARG E 106 27.42 5.56 -2.05
CA ARG E 106 28.19 4.80 -1.06
C ARG E 106 29.29 3.92 -1.68
N THR E 107 28.98 3.28 -2.81
CA THR E 107 29.91 2.39 -3.48
C THR E 107 31.15 3.13 -3.99
N LEU E 108 30.93 4.25 -4.69
CA LEU E 108 32.04 5.01 -5.21
C LEU E 108 32.91 5.55 -4.06
N ASP E 109 32.26 6.02 -3.00
CA ASP E 109 33.01 6.44 -1.82
C ASP E 109 33.76 5.31 -1.13
N PHE E 110 33.25 4.10 -1.24
CA PHE E 110 33.90 2.94 -0.66
C PHE E 110 35.21 2.69 -1.41
N HIS E 111 35.16 2.83 -2.74
CA HIS E 111 36.35 2.66 -3.58
C HIS E 111 37.41 3.70 -3.23
N ASP E 112 36.94 4.95 -3.19
CA ASP E 112 37.74 6.07 -2.74
C ASP E 112 38.47 5.72 -1.44
N SER E 113 37.69 5.35 -0.43
CA SER E 113 38.22 5.00 0.87
C SER E 113 39.26 3.85 0.84
N ASN E 114 39.00 2.82 0.02
CA ASN E 114 39.91 1.70 -0.07
C ASN E 114 41.27 2.16 -0.61
N VAL E 115 41.21 2.93 -1.69
CA VAL E 115 42.40 3.51 -2.30
C VAL E 115 43.21 4.33 -1.29
N LYS E 116 42.55 5.27 -0.64
CA LYS E 116 43.18 6.11 0.36
C LYS E 116 43.83 5.28 1.46
N ASN E 117 43.17 4.20 1.86
CA ASN E 117 43.68 3.36 2.94
C ASN E 117 44.94 2.63 2.53
N LEU E 118 44.98 2.18 1.28
CA LEU E 118 46.17 1.52 0.75
C LEU E 118 47.34 2.51 0.72
N TYR E 119 47.05 3.71 0.22
CA TYR E 119 48.02 4.80 0.21
C TYR E 119 48.61 5.02 1.59
N ASP E 120 47.77 5.22 2.59
CA ASP E 120 48.29 5.49 3.93
C ASP E 120 49.04 4.30 4.52
N LYS E 121 48.62 3.10 4.15
CA LYS E 121 49.34 1.90 4.58
C LYS E 121 50.81 1.94 4.11
N VAL E 122 51.00 2.19 2.81
CA VAL E 122 52.33 2.33 2.24
C VAL E 122 53.11 3.48 2.88
N ARG E 123 52.43 4.61 3.03
CA ARG E 123 53.02 5.81 3.60
C ARG E 123 53.60 5.57 4.98
N LEU E 124 52.85 4.82 5.80
CA LEU E 124 53.29 4.47 7.16
C LEU E 124 54.46 3.49 7.13
N GLN E 125 54.51 2.65 6.10
CA GLN E 125 55.67 1.76 5.91
C GLN E 125 56.96 2.53 5.62
N LEU E 126 56.89 3.47 4.67
CA LEU E 126 58.08 4.14 4.15
C LEU E 126 58.60 5.31 4.99
N ARG E 127 57.71 6.07 5.61
CA ARG E 127 58.13 7.31 6.28
C ARG E 127 59.10 8.14 5.44
N ASP E 128 60.22 8.52 6.06
CA ASP E 128 61.21 9.40 5.43
C ASP E 128 62.24 8.69 4.53
N ASN E 129 62.06 7.39 4.31
CA ASN E 129 62.85 6.70 3.29
C ASN E 129 62.44 7.07 1.87
N ALA E 130 61.28 7.73 1.76
CA ALA E 130 60.82 8.22 0.48
C ALA E 130 60.09 9.53 0.67
N LYS E 131 59.96 10.28 -0.43
CA LYS E 131 59.23 11.54 -0.46
C LYS E 131 57.86 11.34 -1.09
N GLU E 132 56.84 11.95 -0.49
CA GLU E 132 55.52 12.01 -1.10
C GLU E 132 55.49 13.06 -2.18
N LEU E 133 55.20 12.65 -3.40
CA LEU E 133 55.13 13.58 -4.50
C LEU E 133 53.78 14.31 -4.52
N GLY E 134 52.73 13.63 -4.08
CA GLY E 134 51.41 14.23 -3.98
C GLY E 134 50.48 13.80 -5.11
N ASN E 135 50.86 12.73 -5.79
CA ASN E 135 50.05 12.17 -6.86
C ASN E 135 49.80 10.70 -6.61
N GLY E 136 49.97 10.30 -5.35
CA GLY E 136 49.85 8.90 -5.00
C GLY E 136 51.16 8.16 -5.22
N CYS E 137 52.20 8.91 -5.58
CA CYS E 137 53.52 8.33 -5.82
C CYS E 137 54.55 8.68 -4.74
N PHE E 138 55.45 7.75 -4.45
CA PHE E 138 56.53 7.97 -3.50
C PHE E 138 57.89 7.86 -4.19
N GLU E 139 58.63 8.96 -4.26
CA GLU E 139 59.99 8.91 -4.79
C GLU E 139 60.94 8.39 -3.71
N PHE E 140 61.50 7.19 -3.93
CA PHE E 140 62.45 6.57 -2.98
C PHE E 140 63.78 7.31 -2.82
N TYR E 141 64.19 7.51 -1.57
CA TYR E 141 65.48 8.12 -1.28
C TYR E 141 66.59 7.10 -1.37
N HIS E 142 66.25 5.82 -1.28
CA HIS E 142 67.27 4.79 -1.40
C HIS E 142 67.05 3.96 -2.67
N LYS E 143 67.74 2.83 -2.74
CA LYS E 143 67.56 1.93 -3.87
C LYS E 143 66.59 0.80 -3.56
N CYS E 144 65.48 0.78 -4.28
CA CYS E 144 64.48 -0.22 -4.06
C CYS E 144 64.31 -1.11 -5.29
N ASP E 145 64.92 -2.28 -5.23
CA ASP E 145 64.83 -3.26 -6.30
C ASP E 145 63.55 -4.06 -6.15
N ASN E 146 63.32 -5.00 -7.05
CA ASN E 146 62.08 -5.79 -7.08
C ASN E 146 61.70 -6.44 -5.75
N GLU E 147 62.69 -7.07 -5.11
CA GLU E 147 62.48 -7.68 -3.80
C GLU E 147 62.02 -6.66 -2.75
N CYS E 148 62.64 -5.48 -2.80
CA CYS E 148 62.34 -4.38 -1.88
C CYS E 148 60.89 -3.90 -2.05
N MET E 149 60.49 -3.71 -3.29
CA MET E 149 59.15 -3.23 -3.59
C MET E 149 58.05 -4.26 -3.29
N GLU E 150 58.35 -5.52 -3.58
CA GLU E 150 57.45 -6.61 -3.18
C GLU E 150 57.34 -6.64 -1.66
N SER E 151 58.39 -6.18 -0.96
CA SER E 151 58.32 -6.08 0.50
C SER E 151 57.44 -4.89 0.93
N VAL E 152 57.41 -3.86 0.10
CA VAL E 152 56.52 -2.72 0.36
C VAL E 152 55.07 -3.19 0.29
N ARG E 153 54.73 -3.89 -0.80
CA ARG E 153 53.39 -4.41 -0.99
C ARG E 153 53.01 -5.41 0.11
N ASN E 154 53.82 -6.46 0.26
CA ASN E 154 53.60 -7.51 1.26
C ASN E 154 53.40 -7.00 2.70
N GLY E 155 53.73 -5.74 2.96
CA GLY E 155 53.69 -5.21 4.31
C GLY E 155 54.91 -5.64 5.12
N THR E 156 56.03 -5.82 4.42
CA THR E 156 57.24 -6.36 5.02
C THR E 156 58.48 -5.51 4.73
N TYR E 157 58.27 -4.19 4.62
CA TYR E 157 59.34 -3.26 4.31
C TYR E 157 60.25 -3.04 5.52
N ASP E 158 61.57 -3.22 5.33
CA ASP E 158 62.53 -3.08 6.40
C ASP E 158 63.08 -1.66 6.47
N TYR E 159 62.35 -0.80 7.19
CA TYR E 159 62.69 0.61 7.27
C TYR E 159 64.11 0.93 7.76
N PRO E 160 64.54 0.31 8.89
CA PRO E 160 65.89 0.65 9.38
C PRO E 160 67.00 0.21 8.41
N GLN E 161 66.75 -0.89 7.68
CA GLN E 161 67.70 -1.41 6.70
C GLN E 161 68.16 -0.40 5.64
N TYR E 162 67.27 0.53 5.28
CA TYR E 162 67.62 1.57 4.30
C TYR E 162 67.69 2.96 4.88
N SER E 163 67.36 3.09 6.15
CA SER E 163 67.20 4.40 6.79
C SER E 163 68.42 5.29 6.64
N GLU E 164 69.60 4.68 6.63
CA GLU E 164 70.87 5.41 6.58
C GLU E 164 71.16 5.87 5.17
N GLU E 165 71.14 4.90 4.25
CA GLU E 165 71.30 5.18 2.83
C GLU E 165 70.36 6.31 2.45
N ALA E 166 69.08 6.15 2.81
CA ALA E 166 68.06 7.17 2.60
C ALA E 166 68.48 8.49 3.23
N ARG E 167 68.87 8.41 4.50
CA ARG E 167 69.32 9.58 5.26
C ARG E 167 70.44 10.29 4.53
N LEU E 168 71.32 9.52 3.91
CA LEU E 168 72.36 10.14 3.13
C LEU E 168 71.72 10.87 1.95
N LYS E 169 70.99 10.14 1.12
CA LYS E 169 70.41 10.74 -0.06
C LYS E 169 69.59 11.94 0.31
N ARG E 170 68.75 11.81 1.33
CA ARG E 170 67.93 12.90 1.83
C ARG E 170 68.79 14.08 2.15
N GLU E 171 69.47 13.93 3.30
CA GLU E 171 70.51 14.82 3.78
C GLU E 171 71.74 14.89 2.84
N GLU E 172 71.50 14.64 1.55
CA GLU E 172 72.40 14.98 0.43
C GLU E 172 71.59 15.45 -0.81
N ILE E 173 70.44 14.82 -1.08
CA ILE E 173 69.44 15.31 -2.08
C ILE E 173 68.66 16.51 -1.50
N SER E 174 68.49 16.54 -0.16
CA SER E 174 68.06 17.76 0.56
C SER E 174 69.28 18.66 0.80
N GLY E 175 70.44 18.18 0.36
CA GLY E 175 71.59 19.05 0.13
C GLY E 175 71.41 19.86 -1.16
N GLY F 1 37.71 -0.09 7.46
CA GLY F 1 36.79 0.99 7.79
C GLY F 1 36.93 2.17 6.83
N LEU F 2 35.95 3.06 6.82
CA LEU F 2 36.05 4.26 5.99
C LEU F 2 37.23 5.14 6.43
N PHE F 3 37.45 5.23 7.74
CA PHE F 3 38.45 6.15 8.28
C PHE F 3 39.72 5.44 8.75
N GLY F 4 39.90 4.21 8.28
CA GLY F 4 41.09 3.42 8.54
C GLY F 4 41.55 3.34 9.98
N ALA F 5 40.70 3.75 10.92
CA ALA F 5 41.08 3.75 12.33
C ALA F 5 40.76 2.40 12.99
N ILE F 6 39.48 2.17 13.31
CA ILE F 6 39.03 1.05 14.14
C ILE F 6 39.60 -0.36 13.80
N ALA F 7 39.61 -0.74 12.54
CA ALA F 7 40.25 -2.01 12.19
C ALA F 7 41.44 -1.76 11.25
N GLY F 8 41.92 -0.51 11.23
CA GLY F 8 43.04 -0.11 10.42
C GLY F 8 44.33 -0.09 11.22
N PHE F 9 44.80 1.10 11.60
CA PHE F 9 46.03 1.20 12.39
C PHE F 9 45.87 0.85 13.88
N ILE F 10 44.75 1.24 14.47
CA ILE F 10 44.45 0.76 15.82
C ILE F 10 43.80 -0.61 15.71
N GLU F 11 44.62 -1.63 15.56
CA GLU F 11 44.16 -2.99 15.28
C GLU F 11 43.67 -3.69 16.54
N GLY F 12 42.55 -3.22 17.11
CA GLY F 12 41.99 -3.90 18.25
C GLY F 12 41.45 -3.01 19.35
N GLY F 13 40.44 -3.52 20.05
CA GLY F 13 39.81 -2.82 21.16
C GLY F 13 40.41 -3.17 22.51
N TRP F 14 40.26 -2.26 23.46
CA TRP F 14 40.79 -2.46 24.81
C TRP F 14 39.70 -2.90 25.76
N GLN F 15 39.84 -4.10 26.29
CA GLN F 15 38.93 -4.56 27.32
C GLN F 15 39.20 -3.82 28.64
N GLY F 16 40.38 -3.20 28.72
CA GLY F 16 40.80 -2.50 29.93
C GLY F 16 40.05 -1.21 30.11
N MET F 17 39.71 -0.55 29.00
CA MET F 17 38.88 0.64 29.10
C MET F 17 37.40 0.26 29.13
N VAL F 18 36.74 0.54 30.25
CA VAL F 18 35.36 0.15 30.45
C VAL F 18 34.48 1.36 30.76
N ASP F 19 35.08 2.54 30.90
CA ASP F 19 34.34 3.72 31.34
C ASP F 19 34.00 4.68 30.19
N GLY F 20 34.11 4.18 28.97
CA GLY F 20 33.80 5.00 27.81
C GLY F 20 33.88 4.22 26.52
N TRP F 21 33.77 4.92 25.41
CA TRP F 21 33.85 4.28 24.10
C TRP F 21 35.21 4.50 23.49
N TYR F 22 35.71 5.73 23.62
CA TYR F 22 37.02 6.08 23.07
C TYR F 22 37.87 6.67 24.18
N GLY F 23 39.18 6.44 24.10
CA GLY F 23 40.09 7.04 25.06
C GLY F 23 41.55 6.65 24.92
N TYR F 24 42.22 6.65 26.06
CA TYR F 24 43.67 6.62 26.10
C TYR F 24 44.23 5.48 26.96
N HIS F 25 45.40 5.01 26.56
CA HIS F 25 46.24 4.21 27.44
C HIS F 25 47.56 4.96 27.57
N HIS F 26 48.18 4.89 28.75
CA HIS F 26 49.51 5.47 28.92
C HIS F 26 50.43 4.56 29.71
N SER F 27 51.72 4.69 29.46
CA SER F 27 52.75 4.06 30.29
C SER F 27 53.92 5.04 30.50
N ASN F 28 54.14 5.46 31.75
CA ASN F 28 55.32 6.28 32.05
C ASN F 28 56.17 5.63 33.14
N GLU F 29 56.86 6.48 33.93
CA GLU F 29 57.59 5.98 35.09
C GLU F 29 56.62 5.61 36.20
N GLN F 30 55.61 6.47 36.40
CA GLN F 30 54.70 6.35 37.54
C GLN F 30 53.71 5.19 37.43
N GLY F 31 53.64 4.58 36.24
CA GLY F 31 52.75 3.45 36.03
C GLY F 31 51.95 3.53 34.75
N SER F 32 51.30 2.42 34.41
CA SER F 32 50.50 2.40 33.20
C SER F 32 49.00 2.28 33.51
N GLY F 33 48.16 2.82 32.64
CA GLY F 33 46.72 2.78 32.84
C GLY F 33 45.86 3.30 31.71
N TYR F 34 44.54 3.19 31.90
CA TYR F 34 43.56 3.65 30.93
C TYR F 34 42.82 4.88 31.44
N ALA F 35 42.49 5.78 30.51
CA ALA F 35 41.58 6.89 30.80
C ALA F 35 40.60 6.96 29.63
N ALA F 36 39.40 7.53 29.85
CA ALA F 36 38.43 7.63 28.77
C ALA F 36 38.05 9.08 28.44
N ASP F 37 38.06 9.42 27.15
CA ASP F 37 37.64 10.74 26.69
C ASP F 37 36.12 10.90 26.81
N LYS F 38 35.67 11.57 27.86
CA LYS F 38 34.25 11.68 28.17
C LYS F 38 33.47 12.59 27.23
N GLU F 39 34.18 13.35 26.41
CA GLU F 39 33.52 14.30 25.52
C GLU F 39 33.13 13.63 24.20
N SER F 40 34.12 13.05 23.52
CA SER F 40 33.87 12.34 22.28
C SER F 40 32.89 11.19 22.54
N THR F 41 33.06 10.54 23.69
CA THR F 41 32.23 9.39 24.04
C THR F 41 30.77 9.77 24.28
N GLN F 42 30.55 10.78 25.09
CA GLN F 42 29.17 11.17 25.37
C GLN F 42 28.49 11.78 24.14
N LYS F 43 29.26 12.49 23.31
CA LYS F 43 28.69 13.02 22.09
C LYS F 43 28.26 11.87 21.19
N ALA F 44 29.10 10.83 21.13
CA ALA F 44 28.76 9.63 20.35
C ALA F 44 27.50 8.93 20.86
N ILE F 45 27.39 8.82 22.19
CA ILE F 45 26.24 8.16 22.81
C ILE F 45 24.97 8.94 22.50
N ASP F 46 25.05 10.26 22.64
CA ASP F 46 23.91 11.11 22.30
C ASP F 46 23.48 10.93 20.85
N GLY F 47 24.46 10.92 19.95
CA GLY F 47 24.23 10.71 18.54
C GLY F 47 23.53 9.39 18.21
N VAL F 48 24.12 8.28 18.64
CA VAL F 48 23.54 6.98 18.37
C VAL F 48 22.15 6.81 19.00
N THR F 49 22.02 7.19 20.27
CA THR F 49 20.74 7.16 20.97
C THR F 49 19.67 7.93 20.19
N ASN F 50 20.05 9.12 19.73
CA ASN F 50 19.14 9.93 18.94
C ASN F 50 18.74 9.22 17.65
N LYS F 51 19.70 8.52 17.04
CA LYS F 51 19.43 7.77 15.83
C LYS F 51 18.38 6.69 16.07
N VAL F 52 18.60 5.88 17.09
CA VAL F 52 17.67 4.80 17.44
C VAL F 52 16.29 5.37 17.71
N ASN F 53 16.26 6.35 18.60
CA ASN F 53 15.03 6.99 19.01
C ASN F 53 14.28 7.60 17.84
N SER F 54 15.01 8.04 16.83
CA SER F 54 14.33 8.67 15.72
C SER F 54 13.85 7.65 14.68
N ILE F 55 14.55 6.52 14.56
CA ILE F 55 14.04 5.39 13.77
C ILE F 55 12.77 4.86 14.42
N ILE F 56 12.67 4.99 15.73
CA ILE F 56 11.49 4.51 16.44
C ILE F 56 10.31 5.50 16.43
N ASP F 57 10.59 6.77 16.69
CA ASP F 57 9.55 7.78 16.95
C ASP F 57 8.89 8.39 15.71
N LYS F 58 9.56 8.31 14.57
CA LYS F 58 9.03 8.86 13.34
C LYS F 58 7.89 8.02 12.77
N MET F 59 7.74 6.80 13.29
CA MET F 59 6.69 5.88 12.89
C MET F 59 5.31 6.37 13.32
N ASN F 60 4.43 6.63 12.36
CA ASN F 60 3.05 6.92 12.73
C ASN F 60 2.24 5.66 12.99
N THR F 61 1.62 5.57 14.15
CA THR F 61 0.76 4.44 14.45
C THR F 61 -0.64 4.98 14.71
N GLN F 62 -1.62 4.37 14.04
CA GLN F 62 -3.01 4.75 14.25
C GLN F 62 -3.81 3.49 14.43
N PHE F 63 -4.98 3.65 15.00
CA PHE F 63 -5.87 2.53 15.17
C PHE F 63 -6.23 1.87 13.82
N GLU F 64 -6.08 0.56 13.75
CA GLU F 64 -6.70 -0.21 12.67
C GLU F 64 -7.31 -1.47 13.25
N ALA F 65 -8.31 -1.99 12.54
CA ALA F 65 -8.91 -3.27 12.88
C ALA F 65 -8.82 -4.22 11.68
N VAL F 66 -8.12 -5.33 11.83
CA VAL F 66 -8.01 -6.30 10.73
C VAL F 66 -8.24 -7.69 11.31
N GLY F 67 -9.16 -8.51 10.76
CA GLY F 67 -10.08 -8.18 9.70
C GLY F 67 -10.28 -9.28 8.64
N ARG F 68 -11.15 -10.27 8.89
CA ARG F 68 -11.64 -11.10 7.78
C ARG F 68 -13.18 -11.07 7.63
N GLU F 69 -13.72 -10.00 7.04
CA GLU F 69 -15.16 -9.81 7.08
C GLU F 69 -15.95 -10.12 5.81
N PHE F 70 -15.29 -10.68 4.79
CA PHE F 70 -15.96 -10.95 3.53
C PHE F 70 -16.35 -12.40 3.39
N ASN F 71 -17.53 -12.65 2.79
CA ASN F 71 -18.07 -14.01 2.67
C ASN F 71 -17.61 -14.74 1.40
N ASN F 72 -18.11 -15.95 1.19
CA ASN F 72 -17.65 -16.70 0.02
C ASN F 72 -18.29 -16.34 -1.34
N LEU F 73 -19.11 -15.31 -1.39
CA LEU F 73 -19.42 -14.70 -2.68
C LEU F 73 -18.82 -13.30 -2.81
N GLU F 74 -17.77 -13.06 -2.04
CA GLU F 74 -17.08 -11.78 -2.05
C GLU F 74 -15.57 -12.04 -2.06
N ARG F 75 -15.13 -13.00 -2.87
CA ARG F 75 -13.75 -13.39 -2.81
C ARG F 75 -12.88 -12.52 -3.66
N ARG F 76 -13.47 -11.88 -4.66
CA ARG F 76 -12.75 -10.85 -5.39
C ARG F 76 -12.34 -9.68 -4.44
N ILE F 77 -13.27 -9.19 -3.62
CA ILE F 77 -12.95 -8.12 -2.68
C ILE F 77 -11.88 -8.61 -1.67
N GLU F 78 -12.10 -9.82 -1.14
CA GLU F 78 -11.15 -10.52 -0.27
C GLU F 78 -9.72 -10.57 -0.89
N ASN F 79 -9.66 -10.85 -2.17
CA ASN F 79 -8.39 -10.87 -2.87
C ASN F 79 -7.79 -9.47 -2.93
N LEU F 80 -8.64 -8.45 -3.14
CA LEU F 80 -8.16 -7.05 -3.14
C LEU F 80 -7.50 -6.73 -1.79
N ASN F 81 -8.16 -7.15 -0.71
CA ASN F 81 -7.60 -6.95 0.60
C ASN F 81 -6.27 -7.66 0.80
N LYS F 82 -6.19 -8.90 0.32
CA LYS F 82 -4.98 -9.69 0.42
C LYS F 82 -3.82 -9.01 -0.28
N LYS F 83 -4.05 -8.57 -1.51
CA LYS F 83 -3.04 -7.87 -2.27
C LYS F 83 -2.57 -6.62 -1.52
N MET F 84 -3.51 -5.90 -0.92
CA MET F 84 -3.12 -4.74 -0.14
C MET F 84 -2.22 -5.08 1.09
N GLU F 85 -2.65 -6.06 1.89
CA GLU F 85 -1.91 -6.44 3.10
C GLU F 85 -0.52 -6.96 2.78
N ASP F 86 -0.46 -7.81 1.75
CA ASP F 86 0.78 -8.36 1.25
C ASP F 86 1.69 -7.26 0.71
N GLY F 87 1.10 -6.31 -0.01
CA GLY F 87 1.82 -5.17 -0.52
C GLY F 87 2.52 -4.39 0.59
N PHE F 88 1.76 -4.01 1.62
CA PHE F 88 2.34 -3.30 2.73
C PHE F 88 3.39 -4.14 3.44
N LEU F 89 3.15 -5.44 3.57
CA LEU F 89 4.10 -6.30 4.27
C LEU F 89 5.43 -6.27 3.54
N ASP F 90 5.38 -6.32 2.22
CA ASP F 90 6.59 -6.33 1.42
C ASP F 90 7.31 -4.98 1.57
N VAL F 91 6.54 -3.91 1.44
CA VAL F 91 7.10 -2.58 1.57
C VAL F 91 7.84 -2.37 2.91
N TRP F 92 7.15 -2.68 4.00
CA TRP F 92 7.68 -2.48 5.32
C TRP F 92 8.88 -3.38 5.60
N THR F 93 8.82 -4.63 5.16
CA THR F 93 9.91 -5.57 5.41
C THR F 93 11.18 -5.08 4.70
N TYR F 94 11.05 -4.81 3.41
CA TYR F 94 12.19 -4.38 2.62
C TYR F 94 12.78 -3.10 3.22
N ASN F 95 11.91 -2.13 3.54
CA ASN F 95 12.37 -0.88 4.09
C ASN F 95 13.05 -1.03 5.42
N ALA F 96 12.48 -1.87 6.28
CA ALA F 96 13.03 -2.02 7.62
C ALA F 96 14.40 -2.70 7.58
N GLU F 97 14.49 -3.77 6.81
CA GLU F 97 15.72 -4.52 6.67
C GLU F 97 16.82 -3.62 6.12
N LEU F 98 16.51 -2.95 4.99
CA LEU F 98 17.52 -2.09 4.38
C LEU F 98 17.92 -0.91 5.26
N LEU F 99 16.96 -0.36 5.98
CA LEU F 99 17.23 0.75 6.89
C LEU F 99 18.21 0.31 7.96
N VAL F 100 17.95 -0.85 8.55
CA VAL F 100 18.84 -1.41 9.56
C VAL F 100 20.25 -1.62 9.01
N LEU F 101 20.36 -2.31 7.87
CA LEU F 101 21.66 -2.47 7.21
C LEU F 101 22.43 -1.16 7.04
N MET F 102 21.78 -0.22 6.35
CA MET F 102 22.37 1.08 6.02
C MET F 102 22.82 1.83 7.26
N GLU F 103 21.95 1.89 8.26
CA GLU F 103 22.23 2.70 9.43
C GLU F 103 23.27 2.05 10.34
N ASN F 104 23.34 0.73 10.30
CA ASN F 104 24.36 -0.01 11.02
C ASN F 104 25.74 0.27 10.45
N GLU F 105 25.84 0.17 9.13
CA GLU F 105 27.02 0.64 8.43
C GLU F 105 27.44 2.06 8.86
N ARG F 106 26.48 2.98 8.79
CA ARG F 106 26.77 4.36 9.21
C ARG F 106 27.25 4.48 10.66
N THR F 107 26.68 3.67 11.54
CA THR F 107 27.04 3.68 12.96
C THR F 107 28.50 3.22 13.20
N LEU F 108 28.87 2.09 12.61
CA LEU F 108 30.23 1.60 12.74
C LEU F 108 31.25 2.60 12.16
N ASP F 109 30.94 3.15 10.98
CA ASP F 109 31.76 4.20 10.40
C ASP F 109 31.83 5.48 11.25
N PHE F 110 30.80 5.73 12.03
CA PHE F 110 30.75 6.87 12.92
C PHE F 110 31.76 6.69 14.04
N HIS F 111 31.80 5.45 14.55
CA HIS F 111 32.77 5.08 15.59
C HIS F 111 34.21 5.22 15.09
N ASP F 112 34.44 4.60 13.93
CA ASP F 112 35.70 4.71 13.21
C ASP F 112 36.14 6.16 13.17
N SER F 113 35.27 7.01 12.63
CA SER F 113 35.54 8.43 12.51
C SER F 113 35.87 9.13 13.83
N ASN F 114 35.12 8.82 14.89
CA ASN F 114 35.38 9.44 16.19
C ASN F 114 36.78 9.09 16.70
N VAL F 115 37.11 7.80 16.63
CA VAL F 115 38.44 7.31 16.99
C VAL F 115 39.52 8.08 16.22
N LYS F 116 39.41 8.08 14.90
CA LYS F 116 40.38 8.78 14.05
C LYS F 116 40.54 10.25 14.44
N ASN F 117 39.43 10.88 14.80
CA ASN F 117 39.46 12.29 15.12
C ASN F 117 40.17 12.56 16.44
N LEU F 118 39.96 11.66 17.39
CA LEU F 118 40.71 11.74 18.66
C LEU F 118 42.22 11.58 18.41
N TYR F 119 42.56 10.58 17.62
CA TYR F 119 43.94 10.36 17.21
C TYR F 119 44.57 11.62 16.64
N ASP F 120 43.94 12.20 15.61
CA ASP F 120 44.54 13.39 14.99
C ASP F 120 44.60 14.58 15.94
N LYS F 121 43.64 14.65 16.87
CA LYS F 121 43.65 15.72 17.87
C LYS F 121 44.95 15.66 18.70
N VAL F 122 45.22 14.47 19.24
CA VAL F 122 46.45 14.23 19.98
C VAL F 122 47.69 14.48 19.14
N ARG F 123 47.66 13.99 17.91
CA ARG F 123 48.77 14.10 16.97
C ARG F 123 49.13 15.57 16.73
N LEU F 124 48.11 16.41 16.58
CA LEU F 124 48.32 17.85 16.40
C LEU F 124 48.84 18.50 17.68
N GLN F 125 48.45 17.96 18.84
CA GLN F 125 49.02 18.47 20.08
C GLN F 125 50.54 18.21 20.21
N LEU F 126 50.96 16.98 19.91
CA LEU F 126 52.32 16.54 20.20
C LEU F 126 53.36 16.91 19.16
N ARG F 127 52.98 16.92 17.88
CA ARG F 127 53.94 17.10 16.79
C ARG F 127 55.19 16.23 16.95
N ASP F 128 56.35 16.89 16.86
CA ASP F 128 57.65 16.21 16.92
C ASP F 128 58.19 15.94 18.33
N ASN F 129 57.43 16.30 19.37
CA ASN F 129 57.78 15.88 20.72
C ASN F 129 57.61 14.38 20.93
N ALA F 130 56.92 13.75 19.99
CA ALA F 130 56.72 12.31 20.04
C ALA F 130 56.74 11.73 18.63
N LYS F 131 56.99 10.42 18.55
CA LYS F 131 57.00 9.70 17.30
C LYS F 131 55.71 8.89 17.14
N GLU F 132 55.16 8.90 15.93
CA GLU F 132 54.04 8.02 15.61
C GLU F 132 54.54 6.62 15.33
N LEU F 133 54.09 5.65 16.11
CA LEU F 133 54.50 4.28 15.91
C LEU F 133 53.70 3.64 14.78
N GLY F 134 52.45 4.06 14.62
CA GLY F 134 51.60 3.58 13.54
C GLY F 134 50.58 2.55 14.00
N ASN F 135 50.37 2.49 15.31
CA ASN F 135 49.40 1.58 15.90
C ASN F 135 48.44 2.34 16.79
N GLY F 136 48.39 3.66 16.58
CA GLY F 136 47.58 4.51 17.41
C GLY F 136 48.34 4.95 18.66
N CYS F 137 49.62 4.59 18.73
CA CYS F 137 50.48 4.94 19.87
C CYS F 137 51.54 5.99 19.52
N PHE F 138 51.85 6.87 20.47
CA PHE F 138 52.90 7.86 20.29
C PHE F 138 54.03 7.64 21.29
N GLU F 139 55.21 7.28 20.81
CA GLU F 139 56.37 7.18 21.69
C GLU F 139 56.94 8.58 21.98
N PHE F 140 56.82 9.04 23.22
CA PHE F 140 57.34 10.35 23.62
C PHE F 140 58.88 10.49 23.58
N TYR F 141 59.34 11.60 23.02
CA TYR F 141 60.75 11.93 23.01
C TYR F 141 61.19 12.55 24.32
N HIS F 142 60.26 13.07 25.10
CA HIS F 142 60.63 13.65 26.39
C HIS F 142 60.06 12.83 27.54
N LYS F 143 60.05 13.42 28.73
CA LYS F 143 59.46 12.76 29.87
C LYS F 143 58.06 13.27 30.15
N CYS F 144 57.10 12.38 30.01
CA CYS F 144 55.71 12.72 30.25
C CYS F 144 55.14 11.99 31.44
N ASP F 145 55.09 12.69 32.57
CA ASP F 145 54.51 12.14 33.79
C ASP F 145 52.99 12.29 33.78
N ASN F 146 52.34 11.82 34.83
CA ASN F 146 50.87 11.81 34.90
C ASN F 146 50.23 13.15 34.58
N GLU F 147 50.76 14.21 35.17
CA GLU F 147 50.28 15.56 34.94
C GLU F 147 50.41 15.95 33.47
N CYS F 148 51.51 15.54 32.85
CA CYS F 148 51.78 15.83 31.44
C CYS F 148 50.78 15.12 30.53
N MET F 149 50.53 13.86 30.80
CA MET F 149 49.61 13.09 29.98
C MET F 149 48.14 13.53 30.14
N GLU F 150 47.76 13.87 31.37
CA GLU F 150 46.44 14.45 31.63
C GLU F 150 46.30 15.76 30.86
N SER F 151 47.43 16.43 30.61
CA SER F 151 47.40 17.64 29.81
C SER F 151 47.25 17.31 28.33
N VAL F 152 47.73 16.14 27.92
CA VAL F 152 47.54 15.70 26.55
C VAL F 152 46.05 15.47 26.30
N ARG F 153 45.42 14.74 27.21
CA ARG F 153 44.00 14.46 27.11
C ARG F 153 43.16 15.73 27.19
N ASN F 154 43.37 16.51 28.24
CA ASN F 154 42.64 17.75 28.48
C ASN F 154 42.74 18.76 27.33
N GLY F 155 43.67 18.53 26.40
CA GLY F 155 43.89 19.48 25.31
C GLY F 155 44.72 20.67 25.75
N THR F 156 45.60 20.43 26.73
CA THR F 156 46.34 21.49 27.38
C THR F 156 47.83 21.18 27.40
N TYR F 157 48.29 20.48 26.37
CA TYR F 157 49.69 20.08 26.28
C TYR F 157 50.59 21.28 25.94
N ASP F 158 51.64 21.49 26.74
CA ASP F 158 52.54 22.62 26.53
C ASP F 158 53.71 22.20 25.65
N TYR F 159 53.50 22.28 24.33
CA TYR F 159 54.52 21.86 23.37
C TYR F 159 55.91 22.50 23.49
N PRO F 160 55.98 23.85 23.62
CA PRO F 160 57.31 24.46 23.72
C PRO F 160 58.06 24.07 24.99
N GLN F 161 57.30 23.85 26.07
CA GLN F 161 57.88 23.45 27.37
C GLN F 161 58.78 22.21 27.32
N TYR F 162 58.52 21.30 26.38
CA TYR F 162 59.31 20.07 26.25
C TYR F 162 60.06 20.01 24.92
N SER F 163 59.86 21.02 24.08
CA SER F 163 60.32 20.97 22.69
C SER F 163 61.82 20.76 22.60
N GLU F 164 62.55 21.30 23.57
CA GLU F 164 64.00 21.27 23.58
C GLU F 164 64.48 19.91 24.06
N GLU F 165 63.98 19.49 25.21
CA GLU F 165 64.29 18.18 25.77
C GLU F 165 64.04 17.13 24.68
N ALA F 166 62.85 17.23 24.08
CA ALA F 166 62.47 16.36 22.97
C ALA F 166 63.48 16.49 21.85
N ARG F 167 63.81 17.72 21.49
CA ARG F 167 64.77 18.00 20.42
C ARG F 167 66.09 17.32 20.69
N LEU F 168 66.50 17.33 21.96
CA LEU F 168 67.72 16.62 22.33
C LEU F 168 67.55 15.13 22.08
N LYS F 169 66.54 14.52 22.72
CA LYS F 169 66.35 13.08 22.60
C LYS F 169 66.25 12.67 21.12
N ARG F 170 65.49 13.45 20.35
CA ARG F 170 65.33 13.27 18.92
C ARG F 170 66.73 13.17 18.33
N GLU F 171 67.57 14.21 18.57
CA GLU F 171 68.99 14.24 18.15
C GLU F 171 69.85 13.02 18.53
N GLU F 172 70.08 12.79 19.82
CA GLU F 172 70.79 11.59 20.31
C GLU F 172 70.28 10.28 19.68
N ILE F 173 69.01 10.28 19.28
CA ILE F 173 68.36 9.12 18.69
C ILE F 173 68.87 8.81 17.28
N SER F 174 69.48 9.82 16.66
CA SER F 174 69.99 9.68 15.30
C SER F 174 71.49 9.95 15.24
N GLY F 175 72.28 8.89 15.11
CA GLY F 175 73.73 9.00 15.12
C GLY F 175 74.27 9.44 16.47
C1 NAG G . -32.88 1.55 -34.36
C2 NAG G . -32.92 0.04 -34.60
C3 NAG G . -32.00 -0.43 -35.72
C4 NAG G . -32.21 0.39 -36.99
C5 NAG G . -32.14 1.88 -36.62
C6 NAG G . -32.31 2.83 -37.82
C7 NAG G . -33.36 -1.47 -32.76
C8 NAG G . -32.76 -2.27 -31.63
N2 NAG G . -32.51 -0.66 -33.41
O3 NAG G . -32.15 -1.81 -35.94
O4 NAG G . -31.16 0.06 -37.83
O5 NAG G . -33.05 2.23 -35.59
O6 NAG G . -33.26 2.38 -38.75
O7 NAG G . -34.55 -1.55 -33.08
C1 NAG G . -31.49 -0.42 -39.15
C2 NAG G . -30.17 -0.42 -39.88
C3 NAG G . -30.32 -0.72 -41.37
C4 NAG G . -31.26 -1.91 -41.60
C5 NAG G . -32.39 -2.05 -40.56
C6 NAG G . -33.01 -3.46 -40.57
C7 NAG G . -28.30 0.70 -38.85
C8 NAG G . -27.46 1.95 -38.76
N2 NAG G . -29.42 0.79 -39.60
O3 NAG G . -29.04 -1.01 -41.90
O4 NAG G . -31.78 -1.84 -42.93
O5 NAG G . -31.92 -1.75 -39.25
O6 NAG G . -34.36 -3.43 -40.14
O7 NAG G . -27.98 -0.35 -38.27
C1 NAG H . -27.39 -38.76 -0.03
C2 NAG H . -28.13 -38.31 1.21
C3 NAG H . -27.38 -38.83 2.42
C4 NAG H . -27.10 -40.33 2.29
C5 NAG H . -26.54 -40.69 0.91
C6 NAG H . -26.32 -42.19 0.74
C7 NAG H . -29.29 -36.15 1.32
C8 NAG H . -29.17 -34.68 1.53
N2 NAG H . -28.16 -36.85 1.29
O3 NAG H . -28.02 -38.46 3.62
O4 NAG H . -26.09 -40.65 3.20
O5 NAG H . -27.40 -40.17 -0.09
O6 NAG H . -27.56 -42.85 0.74
O7 NAG H . -30.40 -36.66 1.19
C1 NAG H . -26.60 -41.41 4.30
C2 NAG H . -25.51 -41.52 5.36
C3 NAG H . -25.96 -42.67 6.26
C4 NAG H . -27.31 -42.30 6.88
C5 NAG H . -28.33 -41.84 5.83
C6 NAG H . -29.53 -41.17 6.47
C7 NAG H . -23.21 -40.77 4.80
C8 NAG H . -21.84 -41.27 4.42
N2 NAG H . -24.19 -41.69 4.76
O3 NAG H . -25.02 -42.93 7.28
O4 NAG H . -27.80 -43.37 7.67
O5 NAG H . -27.76 -40.92 4.91
O6 NAG H . -30.40 -40.70 5.47
O7 NAG H . -23.38 -39.58 5.11
C1 NAG I . -42.94 -18.91 -37.48
C2 NAG I . -41.98 -19.30 -36.36
C3 NAG I . -41.27 -18.05 -35.86
C4 NAG I . -40.44 -17.48 -37.00
C5 NAG I . -41.27 -17.28 -38.28
C6 NAG I . -40.32 -17.29 -39.48
C7 NAG I . -42.80 -21.33 -35.24
C8 NAG I . -44.15 -21.84 -34.80
N2 NAG I . -42.68 -20.00 -35.29
O1 NAG I . -43.55 -20.07 -38.00
O3 NAG I . -40.49 -18.37 -34.73
O4 NAG I . -39.74 -16.28 -36.67
O5 NAG I . -42.28 -18.24 -38.53
O6 NAG I . -39.69 -18.56 -39.57
O7 NAG I . -41.89 -22.12 -35.52
C1 GAL I . -38.33 -16.57 -36.51
C2 GAL I . -37.37 -15.44 -36.89
C3 GAL I . -35.91 -15.77 -36.55
C4 GAL I . -35.73 -16.56 -35.24
C5 GAL I . -36.83 -17.59 -35.14
C6 GAL I . -36.83 -18.35 -33.85
O2 GAL I . -37.44 -15.18 -38.27
O3 GAL I . -35.15 -14.57 -36.46
O4 GAL I . -35.78 -15.71 -34.10
O5 GAL I . -38.05 -16.92 -35.18
O6 GAL I . -36.88 -19.73 -34.14
C1 SIA I . -34.89 -20.52 -32.79
C2 SIA I . -36.37 -20.23 -32.89
C3 SIA I . -36.78 -21.57 -33.28
C4 SIA I . -36.53 -22.59 -32.36
C5 SIA I . -37.15 -22.37 -31.04
C6 SIA I . -36.85 -20.95 -30.54
C7 SIA I . -37.55 -20.47 -29.43
C8 SIA I . -37.08 -19.03 -29.07
C9 SIA I . -37.59 -18.56 -27.74
C10 SIA I . -37.64 -23.79 -29.09
C11 SIA I . -37.25 -24.79 -27.98
N5 SIA I . -36.68 -23.34 -30.02
O1A SIA I . -34.25 -20.19 -31.76
O1B SIA I . -34.25 -21.03 -33.77
O4 SIA I . -36.87 -23.95 -32.96
O6 SIA I . -37.24 -20.16 -31.74
O7 SIA I . -38.95 -20.46 -29.61
O8 SIA I . -35.71 -18.93 -29.12
O9 SIA I . -37.46 -17.21 -27.36
O10 SIA I . -38.80 -23.38 -29.15
C1 NAG J . -43.57 8.37 17.11
C2 NAG J . -44.02 9.04 15.82
C3 NAG J . -43.71 10.52 15.83
C4 NAG J . -44.36 11.15 17.04
C5 NAG J . -43.98 10.40 18.32
C6 NAG J . -44.80 10.94 19.50
C7 NAG J . -44.18 8.02 13.66
C8 NAG J . -43.48 7.85 12.34
N2 NAG J . -43.42 8.44 14.66
O3 NAG J . -44.12 11.15 14.62
O4 NAG J . -43.95 12.51 17.10
O5 NAG J . -44.21 8.99 18.21
O6 NAG J . -46.17 10.62 19.33
O7 NAG J . -45.38 7.77 13.80
C1 NAG J . -45.09 13.38 16.95
C2 NAG J . -44.67 14.79 17.34
C3 NAG J . -45.80 15.80 17.17
C4 NAG J . -46.44 15.61 15.80
C5 NAG J . -46.87 14.15 15.66
C6 NAG J . -47.74 13.85 14.44
C7 NAG J . -42.76 14.84 18.74
C8 NAG J . -42.13 14.54 20.07
N2 NAG J . -44.09 14.79 18.67
O3 NAG J . -45.30 17.10 17.27
O4 NAG J . -47.52 16.51 15.62
O5 NAG J . -45.68 13.38 15.68
O6 NAG J . -47.63 14.87 13.47
O7 NAG J . -42.05 15.10 17.76
C1 SIA K . -49.81 14.46 -2.58
C2 SIA K . -51.21 13.84 -2.40
C3 SIA K . -52.13 14.44 -3.35
C4 SIA K . -51.71 14.15 -4.64
C5 SIA K . -51.78 12.73 -4.98
C6 SIA K . -50.90 11.91 -4.04
C7 SIA K . -50.97 10.52 -4.21
C8 SIA K . -49.94 9.87 -3.26
C9 SIA K . -49.62 8.45 -3.58
C10 SIA K . -51.79 11.98 -7.39
C11 SIA K . -50.99 11.86 -8.71
N5 SIA K . -51.16 12.56 -6.31
O1A SIA K . -48.75 13.77 -2.65
O1B SIA K . -49.70 15.74 -2.66
O2 SIA K . -51.63 14.06 -1.09
O4 SIA K . -52.31 15.00 -5.74
O6 SIA K . -51.19 12.39 -2.62
O7 SIA K . -52.26 9.96 -3.89
O8 SIA K . -48.79 10.64 -3.16
O9 SIA K . -48.81 7.80 -2.66
O10 SIA K . -52.95 11.56 -7.31
C1 NAG L . 23.24 10.94 -19.78
C2 NAG L . 23.83 11.65 -21.00
C3 NAG L . 23.22 11.16 -22.32
C4 NAG L . 23.19 9.64 -22.41
C5 NAG L . 22.64 9.00 -21.14
C6 NAG L . 22.93 7.50 -21.14
C7 NAG L . 24.72 13.90 -20.95
C8 NAG L . 24.90 14.92 -19.85
N2 NAG L . 23.67 13.09 -20.85
O3 NAG L . 24.00 11.64 -23.41
O4 NAG L . 22.41 9.27 -23.53
O5 NAG L . 23.25 9.53 -19.98
O6 NAG L . 24.31 7.31 -21.26
O7 NAG L . 25.51 13.86 -21.89
#